data_2KB0
#
_entry.id   2KB0
#
_entity_poly.entity_id   1
_entity_poly.type   'polypeptide(L)'
_entity_poly.pdbx_seq_one_letter_code
;MQTIKCVVVGDGAVGKTCLLISYTTNKFPSEYVPAVFDNYAVTVMIGGEPYTLGLFDTAGQEDYDRLRPLSYPQTDVFLV
CFSVVSPSSFENVKEKWVPEITHHCPKTPFLLVGTQIDLRDDPSTIEKLAKNKQKPITPETAEKLARDLKAVKYVECSAL
TQKGLKNVFDEAILAALE
;
_entity_poly.pdbx_strand_id   A
#
# COMPACT_ATOMS: atom_id res chain seq x y z
N MET A 1 -13.58 -9.33 17.14
CA MET A 1 -14.35 -9.10 15.88
C MET A 1 -15.09 -7.76 15.97
N GLN A 2 -15.11 -7.17 17.13
CA GLN A 2 -15.82 -5.86 17.29
C GLN A 2 -15.13 -4.81 16.42
N THR A 3 -13.84 -4.92 16.25
CA THR A 3 -13.11 -3.92 15.43
C THR A 3 -12.11 -4.63 14.50
N ILE A 4 -11.69 -3.97 13.46
CA ILE A 4 -10.73 -4.59 12.51
C ILE A 4 -9.47 -3.71 12.44
N LYS A 5 -8.34 -4.26 12.80
CA LYS A 5 -7.08 -3.45 12.77
C LYS A 5 -6.34 -3.70 11.45
N CYS A 6 -5.96 -2.65 10.77
CA CYS A 6 -5.23 -2.80 9.49
C CYS A 6 -4.10 -1.76 9.42
N VAL A 7 -2.94 -2.16 8.99
CA VAL A 7 -1.80 -1.19 8.91
C VAL A 7 -1.45 -0.94 7.44
N VAL A 8 -1.12 0.28 7.11
CA VAL A 8 -0.75 0.60 5.70
C VAL A 8 0.72 1.02 5.66
N VAL A 9 1.48 0.46 4.77
CA VAL A 9 2.92 0.83 4.67
C VAL A 9 3.44 0.53 3.27
N GLY A 10 4.33 1.34 2.76
CA GLY A 10 4.87 1.09 1.40
C GLY A 10 6.36 1.45 1.37
N ASP A 11 7.06 1.07 0.34
CA ASP A 11 8.51 1.41 0.28
C ASP A 11 8.67 2.83 -0.25
N GLY A 12 9.05 3.76 0.59
CA GLY A 12 9.21 5.15 0.13
C GLY A 12 7.91 5.61 -0.55
N ALA A 13 7.77 5.36 -1.82
CA ALA A 13 6.54 5.78 -2.54
C ALA A 13 6.30 7.27 -2.31
N VAL A 14 6.61 8.07 -3.29
CA VAL A 14 6.41 9.54 -3.14
C VAL A 14 4.92 9.86 -3.05
N GLY A 15 4.09 9.14 -3.76
CA GLY A 15 2.63 9.41 -3.72
C GLY A 15 1.98 8.58 -2.60
N LYS A 16 2.74 8.14 -1.64
CA LYS A 16 2.15 7.33 -0.54
C LYS A 16 1.11 8.16 0.22
N THR A 17 1.39 9.42 0.45
CA THR A 17 0.42 10.28 1.19
C THR A 17 -0.83 10.51 0.33
N CYS A 18 -0.65 10.82 -0.92
CA CYS A 18 -1.81 11.07 -1.81
C CYS A 18 -2.67 9.82 -1.90
N LEU A 19 -2.07 8.66 -1.76
CA LEU A 19 -2.86 7.40 -1.84
C LEU A 19 -3.80 7.32 -0.64
N LEU A 20 -3.32 7.67 0.53
CA LEU A 20 -4.18 7.60 1.74
C LEU A 20 -5.21 8.74 1.72
N ILE A 21 -4.79 9.94 1.42
CA ILE A 21 -5.74 11.08 1.41
C ILE A 21 -6.79 10.89 0.31
N SER A 22 -6.39 10.41 -0.83
CA SER A 22 -7.36 10.21 -1.94
C SER A 22 -8.48 9.28 -1.48
N TYR A 23 -8.19 8.35 -0.62
CA TYR A 23 -9.24 7.42 -0.13
C TYR A 23 -10.17 8.17 0.84
N THR A 24 -9.62 9.04 1.64
CA THR A 24 -10.46 9.79 2.62
C THR A 24 -11.44 10.73 1.92
N THR A 25 -11.11 11.25 0.77
CA THR A 25 -12.07 12.18 0.10
C THR A 25 -11.67 12.43 -1.35
N ASN A 26 -10.59 11.86 -1.82
CA ASN A 26 -10.13 12.08 -3.22
C ASN A 26 -9.15 13.26 -3.24
N LYS A 27 -7.94 13.01 -3.64
CA LYS A 27 -6.93 14.11 -3.72
C LYS A 27 -5.60 13.56 -4.24
N PHE A 28 -5.58 12.98 -5.41
CA PHE A 28 -4.29 12.45 -5.94
C PHE A 28 -3.27 13.58 -6.09
N PRO A 29 -3.70 14.71 -6.59
CA PRO A 29 -2.80 15.89 -6.79
C PRO A 29 -2.13 16.34 -5.50
N SER A 30 -2.82 16.21 -4.39
CA SER A 30 -2.24 16.63 -3.07
C SER A 30 -1.38 17.88 -3.27
N GLU A 31 -1.80 18.77 -4.12
CA GLU A 31 -1.00 20.00 -4.40
C GLU A 31 -0.37 20.52 -3.10
N TYR A 32 -1.05 20.43 -2.00
CA TYR A 32 -0.45 20.92 -0.72
C TYR A 32 -0.57 19.83 0.34
N VAL A 33 0.53 19.43 0.93
CA VAL A 33 0.47 18.37 1.97
C VAL A 33 0.36 19.00 3.36
N PRO A 34 -0.32 18.35 4.28
CA PRO A 34 -0.49 18.87 5.67
C PRO A 34 0.81 18.79 6.47
N ALA A 35 0.97 19.65 7.45
CA ALA A 35 2.20 19.62 8.28
C ALA A 35 2.27 18.28 9.04
N VAL A 36 1.99 18.31 10.31
CA VAL A 36 2.03 17.05 11.09
C VAL A 36 0.98 16.08 10.52
N PHE A 37 1.29 14.81 10.48
CA PHE A 37 0.31 13.84 9.92
C PHE A 37 -0.42 13.13 11.05
N ASP A 38 -1.73 13.17 11.05
CA ASP A 38 -2.52 12.50 12.12
C ASP A 38 -3.21 11.26 11.54
N ASN A 39 -3.68 10.39 12.38
CA ASN A 39 -4.38 9.17 11.87
C ASN A 39 -5.88 9.45 11.78
N TYR A 40 -6.56 8.77 10.90
CA TYR A 40 -8.04 8.99 10.77
C TYR A 40 -8.77 7.66 10.87
N ALA A 41 -9.88 7.62 11.55
CA ALA A 41 -10.65 6.35 11.67
C ALA A 41 -11.94 6.47 10.86
N VAL A 42 -12.24 5.48 10.06
CA VAL A 42 -13.49 5.55 9.23
C VAL A 42 -14.24 4.22 9.34
N THR A 43 -15.53 4.24 9.16
CA THR A 43 -16.32 2.98 9.23
C THR A 43 -17.07 2.77 7.91
N VAL A 44 -17.30 1.54 7.54
CA VAL A 44 -18.01 1.27 6.25
C VAL A 44 -19.30 0.49 6.52
N MET A 45 -20.35 0.82 5.83
CA MET A 45 -21.64 0.10 6.02
C MET A 45 -21.63 -1.16 5.16
N ILE A 46 -21.98 -2.29 5.72
CA ILE A 46 -22.00 -3.54 4.92
C ILE A 46 -23.27 -4.32 5.21
N GLY A 47 -24.02 -4.66 4.20
CA GLY A 47 -25.29 -5.42 4.42
C GLY A 47 -26.03 -4.87 5.64
N GLY A 48 -25.72 -3.67 6.05
CA GLY A 48 -26.43 -3.10 7.23
C GLY A 48 -25.64 -3.40 8.51
N GLU A 49 -24.41 -3.79 8.39
CA GLU A 49 -23.59 -4.10 9.60
C GLU A 49 -22.33 -3.22 9.59
N PRO A 50 -22.44 -2.00 10.04
CA PRO A 50 -21.30 -1.04 10.08
C PRO A 50 -20.11 -1.54 10.92
N TYR A 51 -18.94 -1.56 10.34
CA TYR A 51 -17.74 -2.01 11.08
C TYR A 51 -16.74 -0.85 11.13
N THR A 52 -16.10 -0.63 12.25
CA THR A 52 -15.12 0.48 12.33
C THR A 52 -13.80 0.04 11.72
N LEU A 53 -13.11 0.93 11.05
CA LEU A 53 -11.81 0.57 10.42
C LEU A 53 -10.72 1.52 10.91
N GLY A 54 -9.66 1.00 11.46
CA GLY A 54 -8.57 1.88 11.96
C GLY A 54 -7.41 1.86 10.95
N LEU A 55 -7.00 3.01 10.48
CA LEU A 55 -5.88 3.06 9.50
C LEU A 55 -4.64 3.59 10.20
N PHE A 56 -3.54 2.88 10.11
CA PHE A 56 -2.29 3.35 10.77
C PHE A 56 -1.24 3.67 9.70
N ASP A 57 -0.59 4.79 9.82
CA ASP A 57 0.45 5.16 8.80
C ASP A 57 1.66 5.76 9.52
N THR A 58 2.85 5.43 9.07
CA THR A 58 4.07 6.00 9.71
C THR A 58 4.18 7.49 9.39
N ALA A 59 4.52 8.29 10.36
CA ALA A 59 4.65 9.75 10.11
C ALA A 59 6.03 10.23 10.57
N GLY A 60 7.07 9.66 10.03
CA GLY A 60 8.44 10.08 10.44
C GLY A 60 8.80 9.48 11.80
N GLN A 61 8.90 10.30 12.82
CA GLN A 61 9.24 9.77 14.17
C GLN A 61 10.38 8.75 14.05
N GLU A 62 10.06 7.48 14.16
CA GLU A 62 11.11 6.43 14.07
C GLU A 62 12.14 6.61 15.19
N ASP A 63 12.89 7.68 15.15
CA ASP A 63 13.90 7.93 16.22
C ASP A 63 13.24 7.78 17.60
N TYR A 64 11.94 7.77 17.65
CA TYR A 64 11.24 7.63 18.96
C TYR A 64 11.13 6.15 19.32
N ASP A 65 11.82 5.30 18.61
CA ASP A 65 11.76 3.84 18.91
C ASP A 65 10.29 3.40 19.05
N ARG A 66 9.46 3.76 18.11
CA ARG A 66 8.03 3.36 18.19
C ARG A 66 7.94 1.84 18.34
N LEU A 67 8.84 1.12 17.73
CA LEU A 67 8.82 -0.36 17.83
C LEU A 67 7.46 -0.88 17.35
N ARG A 68 7.25 -0.88 16.06
CA ARG A 68 5.95 -1.37 15.52
C ARG A 68 5.65 -2.79 16.03
N PRO A 69 6.61 -3.67 15.97
CA PRO A 69 6.43 -5.08 16.42
C PRO A 69 5.87 -5.20 17.84
N LEU A 70 6.15 -4.23 18.68
CA LEU A 70 5.63 -4.29 20.08
C LEU A 70 5.73 -5.72 20.62
N SER A 71 6.70 -6.45 20.18
CA SER A 71 6.86 -7.86 20.66
C SER A 71 5.54 -8.62 20.47
N TYR A 72 4.57 -8.01 19.86
CA TYR A 72 3.27 -8.69 19.64
C TYR A 72 2.33 -7.78 18.84
N PRO A 73 2.49 -7.77 17.54
CA PRO A 73 1.65 -6.93 16.63
C PRO A 73 0.17 -7.20 16.79
N GLN A 74 -0.63 -6.17 16.85
CA GLN A 74 -2.11 -6.37 17.01
C GLN A 74 -2.77 -6.29 15.63
N THR A 75 -1.97 -6.17 14.60
CA THR A 75 -2.56 -6.08 13.23
C THR A 75 -2.92 -7.48 12.72
N ASP A 76 -4.10 -7.63 12.19
CA ASP A 76 -4.52 -8.96 11.66
C ASP A 76 -4.43 -8.93 10.13
N VAL A 77 -4.23 -7.77 9.57
CA VAL A 77 -4.12 -7.67 8.09
C VAL A 77 -2.94 -6.76 7.73
N PHE A 78 -2.08 -7.19 6.85
CA PHE A 78 -0.91 -6.34 6.47
C PHE A 78 -1.07 -5.87 5.01
N LEU A 79 -0.94 -4.59 4.78
CA LEU A 79 -1.08 -4.07 3.39
C LEU A 79 0.27 -3.53 2.91
N VAL A 80 0.56 -3.68 1.64
CA VAL A 80 1.84 -3.16 1.10
C VAL A 80 1.56 -2.32 -0.15
N CYS A 81 2.35 -1.31 -0.39
CA CYS A 81 2.11 -0.45 -1.59
C CYS A 81 3.45 -0.11 -2.25
N PHE A 82 3.56 -0.30 -3.53
CA PHE A 82 4.84 0.03 -4.22
C PHE A 82 4.55 0.60 -5.61
N SER A 83 5.52 1.20 -6.24
CA SER A 83 5.29 1.77 -7.59
C SER A 83 5.96 0.88 -8.63
N VAL A 84 5.37 0.75 -9.80
CA VAL A 84 5.98 -0.12 -10.85
C VAL A 84 6.54 0.75 -11.97
N VAL A 85 6.58 2.05 -11.78
CA VAL A 85 7.12 2.94 -12.84
C VAL A 85 8.62 3.12 -12.64
N SER A 86 9.11 2.91 -11.45
CA SER A 86 10.58 3.07 -11.19
C SER A 86 11.23 1.70 -10.97
N PRO A 87 12.46 1.54 -11.40
CA PRO A 87 13.21 0.26 -11.23
C PRO A 87 13.73 0.06 -9.80
N SER A 88 14.40 1.04 -9.28
CA SER A 88 14.96 0.92 -7.89
C SER A 88 13.82 0.57 -6.92
N SER A 89 12.65 1.09 -7.13
CA SER A 89 11.53 0.76 -6.22
C SER A 89 11.17 -0.72 -6.36
N PHE A 90 11.49 -1.30 -7.49
CA PHE A 90 11.18 -2.74 -7.70
C PHE A 90 12.12 -3.59 -6.83
N GLU A 91 13.40 -3.35 -6.91
CA GLU A 91 14.36 -4.14 -6.09
C GLU A 91 14.17 -3.83 -4.61
N ASN A 92 13.85 -2.60 -4.29
CA ASN A 92 13.65 -2.24 -2.86
C ASN A 92 12.67 -3.21 -2.21
N VAL A 93 11.70 -3.68 -2.94
CA VAL A 93 10.71 -4.62 -2.36
C VAL A 93 11.40 -5.93 -1.95
N LYS A 94 12.37 -6.37 -2.71
CA LYS A 94 13.06 -7.64 -2.35
C LYS A 94 14.29 -7.36 -1.46
N GLU A 95 15.03 -6.34 -1.76
CA GLU A 95 16.26 -6.03 -0.97
C GLU A 95 15.92 -5.64 0.48
N LYS A 96 14.85 -4.93 0.71
CA LYS A 96 14.53 -4.52 2.12
C LYS A 96 13.25 -5.18 2.65
N TRP A 97 12.17 -5.10 1.93
CA TRP A 97 10.88 -5.67 2.44
C TRP A 97 10.89 -7.20 2.53
N VAL A 98 11.45 -7.90 1.59
CA VAL A 98 11.40 -9.40 1.69
C VAL A 98 12.06 -9.87 3.00
N PRO A 99 13.27 -9.45 3.29
CA PRO A 99 13.96 -9.87 4.56
C PRO A 99 13.36 -9.17 5.79
N GLU A 100 13.05 -7.91 5.67
CA GLU A 100 12.48 -7.16 6.83
C GLU A 100 11.18 -7.83 7.31
N ILE A 101 10.44 -8.44 6.43
CA ILE A 101 9.17 -9.10 6.86
C ILE A 101 9.46 -10.15 7.93
N THR A 102 10.65 -10.69 7.95
CA THR A 102 10.98 -11.73 8.96
C THR A 102 10.75 -11.16 10.37
N HIS A 103 11.09 -9.92 10.59
CA HIS A 103 10.87 -9.31 11.94
C HIS A 103 9.40 -9.39 12.30
N HIS A 104 8.53 -9.35 11.32
CA HIS A 104 7.07 -9.40 11.59
C HIS A 104 6.63 -10.86 11.77
N CYS A 105 7.51 -11.79 11.51
CA CYS A 105 7.13 -13.23 11.67
C CYS A 105 5.94 -13.55 10.76
N PRO A 106 6.19 -13.86 9.52
CA PRO A 106 5.12 -14.18 8.53
C PRO A 106 4.11 -15.19 9.07
N LYS A 107 3.07 -14.72 9.72
CA LYS A 107 2.05 -15.65 10.26
C LYS A 107 0.65 -15.13 9.90
N THR A 108 0.58 -14.17 9.02
CA THR A 108 -0.75 -13.61 8.63
C THR A 108 -0.79 -13.41 7.11
N PRO A 109 -1.97 -13.37 6.55
CA PRO A 109 -2.15 -13.18 5.08
C PRO A 109 -1.55 -11.85 4.59
N PHE A 110 -0.95 -11.86 3.43
CA PHE A 110 -0.34 -10.61 2.88
C PHE A 110 -0.97 -10.29 1.52
N LEU A 111 -1.11 -9.03 1.22
CA LEU A 111 -1.70 -8.62 -0.09
C LEU A 111 -0.72 -7.75 -0.84
N LEU A 112 -0.47 -8.04 -2.09
CA LEU A 112 0.46 -7.21 -2.89
C LEU A 112 -0.34 -6.31 -3.82
N VAL A 113 -0.22 -5.01 -3.67
CA VAL A 113 -1.02 -4.09 -4.54
C VAL A 113 -0.09 -3.32 -5.49
N GLY A 114 -0.51 -3.18 -6.72
CA GLY A 114 0.30 -2.42 -7.71
C GLY A 114 -0.40 -1.08 -7.95
N THR A 115 0.32 0.00 -7.84
CA THR A 115 -0.34 1.33 -8.05
C THR A 115 0.40 2.14 -9.12
N GLN A 116 -0.26 3.14 -9.64
CA GLN A 116 0.35 4.02 -10.68
C GLN A 116 0.21 3.37 -12.06
N ILE A 117 -0.69 2.45 -12.22
CA ILE A 117 -0.88 1.82 -13.56
C ILE A 117 -1.30 2.93 -14.53
N ASP A 118 -1.80 2.59 -15.69
CA ASP A 118 -2.22 3.63 -16.68
C ASP A 118 -1.01 4.48 -17.08
N LEU A 119 -0.40 5.16 -16.14
CA LEU A 119 0.78 6.00 -16.49
C LEU A 119 1.86 5.11 -17.10
N ARG A 120 1.98 3.90 -16.61
CA ARG A 120 3.00 2.95 -17.15
C ARG A 120 4.23 3.71 -17.61
N ASP A 121 4.71 4.63 -16.82
CA ASP A 121 5.91 5.41 -17.24
C ASP A 121 5.53 6.35 -18.40
N ASP A 122 4.85 7.40 -18.10
CA ASP A 122 4.44 8.35 -19.17
C ASP A 122 5.60 8.57 -20.13
N PRO A 123 5.32 9.04 -21.32
CA PRO A 123 6.36 9.29 -22.36
C PRO A 123 7.50 10.16 -21.82
N SER A 124 7.21 11.31 -21.29
CA SER A 124 8.30 12.17 -20.77
C SER A 124 9.13 11.39 -19.76
N THR A 125 8.54 10.45 -19.08
CA THR A 125 9.31 9.66 -18.07
C THR A 125 10.19 8.61 -18.77
N ILE A 126 9.62 7.82 -19.64
CA ILE A 126 10.43 6.76 -20.31
C ILE A 126 11.65 7.39 -20.99
N GLU A 127 11.55 8.63 -21.38
CA GLU A 127 12.72 9.29 -22.02
C GLU A 127 13.83 9.41 -20.98
N LYS A 128 13.48 9.85 -19.80
CA LYS A 128 14.50 9.98 -18.72
C LYS A 128 15.12 8.61 -18.43
N LEU A 129 14.33 7.58 -18.48
CA LEU A 129 14.88 6.21 -18.23
C LEU A 129 15.69 5.76 -19.45
N ALA A 130 15.22 6.09 -20.61
CA ALA A 130 15.93 5.67 -21.86
C ALA A 130 17.40 6.10 -21.77
N LYS A 131 17.67 7.26 -21.23
CA LYS A 131 19.08 7.71 -21.11
C LYS A 131 19.86 6.72 -20.25
N ASN A 132 19.27 6.25 -19.19
CA ASN A 132 19.97 5.28 -18.30
C ASN A 132 19.66 3.84 -18.74
N LYS A 133 18.93 3.68 -19.81
CA LYS A 133 18.60 2.31 -20.30
C LYS A 133 17.97 1.49 -19.17
N GLN A 134 17.10 2.09 -18.41
CA GLN A 134 16.44 1.33 -17.30
C GLN A 134 15.13 0.73 -17.79
N LYS A 135 14.28 1.54 -18.36
CA LYS A 135 12.96 1.03 -18.87
C LYS A 135 12.12 0.55 -17.68
N PRO A 136 10.83 0.83 -17.68
CA PRO A 136 9.92 0.42 -16.57
C PRO A 136 9.74 -1.10 -16.46
N ILE A 137 9.42 -1.58 -15.29
CA ILE A 137 9.24 -3.05 -15.12
C ILE A 137 7.76 -3.41 -15.29
N THR A 138 7.47 -4.50 -15.94
CA THR A 138 6.06 -4.89 -16.16
C THR A 138 5.51 -5.57 -14.90
N PRO A 139 4.22 -5.54 -14.72
CA PRO A 139 3.56 -6.16 -13.53
C PRO A 139 3.84 -7.66 -13.45
N GLU A 140 3.97 -8.30 -14.59
CA GLU A 140 4.25 -9.76 -14.58
C GLU A 140 5.58 -10.03 -13.86
N THR A 141 6.54 -9.17 -14.05
CA THR A 141 7.85 -9.37 -13.37
C THR A 141 7.66 -9.21 -11.87
N ALA A 142 6.76 -8.36 -11.46
CA ALA A 142 6.51 -8.14 -10.01
C ALA A 142 5.68 -9.30 -9.44
N GLU A 143 4.75 -9.81 -10.21
CA GLU A 143 3.90 -10.92 -9.71
C GLU A 143 4.77 -12.13 -9.32
N LYS A 144 5.83 -12.37 -10.03
CA LYS A 144 6.70 -13.54 -9.69
C LYS A 144 7.32 -13.32 -8.30
N LEU A 145 7.65 -12.11 -7.98
CA LEU A 145 8.27 -11.84 -6.64
C LEU A 145 7.29 -12.18 -5.53
N ALA A 146 6.03 -11.88 -5.71
CA ALA A 146 5.04 -12.20 -4.65
C ALA A 146 4.89 -13.71 -4.52
N ARG A 147 4.77 -14.40 -5.63
CA ARG A 147 4.61 -15.88 -5.57
C ARG A 147 5.96 -16.53 -5.26
N ASP A 148 6.94 -15.74 -4.90
CA ASP A 148 8.27 -16.32 -4.56
C ASP A 148 8.18 -17.05 -3.22
N LEU A 149 7.40 -16.52 -2.30
CA LEU A 149 7.25 -17.17 -0.97
C LEU A 149 5.83 -17.71 -0.81
N LYS A 150 4.92 -16.91 -0.33
CA LYS A 150 3.52 -17.37 -0.15
C LYS A 150 2.56 -16.18 -0.25
N ALA A 151 2.65 -15.41 -1.30
CA ALA A 151 1.73 -14.25 -1.43
C ALA A 151 0.29 -14.74 -1.56
N VAL A 152 -0.60 -14.18 -0.80
CA VAL A 152 -2.03 -14.63 -0.87
C VAL A 152 -2.63 -14.21 -2.22
N LYS A 153 -2.52 -12.96 -2.57
CA LYS A 153 -3.11 -12.50 -3.87
C LYS A 153 -2.46 -11.19 -4.30
N TYR A 154 -2.47 -10.91 -5.57
CA TYR A 154 -1.88 -9.63 -6.08
C TYR A 154 -2.96 -8.83 -6.80
N VAL A 155 -2.93 -7.53 -6.70
CA VAL A 155 -3.97 -6.72 -7.39
C VAL A 155 -3.36 -5.42 -7.93
N GLU A 156 -3.95 -4.87 -8.95
CA GLU A 156 -3.42 -3.60 -9.54
C GLU A 156 -4.51 -2.53 -9.44
N CYS A 157 -4.16 -1.30 -9.17
CA CYS A 157 -5.21 -0.24 -9.04
C CYS A 157 -4.72 1.07 -9.66
N SER A 158 -5.63 1.86 -10.17
CA SER A 158 -5.25 3.16 -10.78
C SER A 158 -5.80 4.29 -9.92
N ALA A 159 -4.92 4.97 -9.21
CA ALA A 159 -5.35 6.10 -8.33
C ALA A 159 -5.74 7.29 -9.21
N LEU A 160 -5.10 7.44 -10.34
CA LEU A 160 -5.44 8.58 -11.23
C LEU A 160 -6.94 8.58 -11.49
N THR A 161 -7.53 7.41 -11.52
CA THR A 161 -8.98 7.30 -11.74
C THR A 161 -9.59 6.48 -10.61
N GLN A 162 -10.87 6.54 -10.48
CA GLN A 162 -11.55 5.78 -9.40
C GLN A 162 -11.48 4.28 -9.70
N LYS A 163 -10.65 3.89 -10.63
CA LYS A 163 -10.55 2.45 -10.98
C LYS A 163 -9.56 1.76 -10.03
N GLY A 164 -8.91 2.51 -9.18
CA GLY A 164 -7.94 1.89 -8.24
C GLY A 164 -8.64 1.48 -6.94
N LEU A 165 -9.38 2.38 -6.34
CA LEU A 165 -10.07 2.04 -5.07
C LEU A 165 -11.11 0.95 -5.31
N LYS A 166 -11.81 1.01 -6.40
CA LYS A 166 -12.85 -0.03 -6.68
C LYS A 166 -12.22 -1.42 -6.71
N ASN A 167 -10.99 -1.53 -7.13
CA ASN A 167 -10.33 -2.86 -7.17
C ASN A 167 -9.98 -3.31 -5.74
N VAL A 168 -9.35 -2.46 -4.99
CA VAL A 168 -8.95 -2.82 -3.60
C VAL A 168 -10.13 -2.67 -2.63
N PHE A 169 -11.22 -2.12 -3.06
CA PHE A 169 -12.39 -1.97 -2.14
C PHE A 169 -13.03 -3.34 -1.89
N ASP A 170 -13.32 -4.06 -2.93
CA ASP A 170 -13.96 -5.40 -2.75
C ASP A 170 -13.02 -6.34 -2.00
N GLU A 171 -11.75 -6.32 -2.32
CA GLU A 171 -10.80 -7.21 -1.62
C GLU A 171 -10.67 -6.79 -0.15
N ALA A 172 -10.73 -5.52 0.12
CA ALA A 172 -10.60 -5.05 1.52
C ALA A 172 -11.70 -5.68 2.38
N ILE A 173 -12.86 -5.88 1.83
CA ILE A 173 -13.97 -6.50 2.62
C ILE A 173 -13.58 -7.92 3.00
N LEU A 174 -12.96 -8.65 2.10
CA LEU A 174 -12.56 -10.05 2.42
C LEU A 174 -11.78 -10.09 3.73
N ALA A 175 -10.84 -9.20 3.90
CA ALA A 175 -10.04 -9.19 5.16
C ALA A 175 -10.96 -8.90 6.34
N ALA A 176 -11.97 -8.11 6.14
CA ALA A 176 -12.90 -7.78 7.26
C ALA A 176 -13.39 -9.07 7.91
N LEU A 177 -13.75 -10.06 7.12
CA LEU A 177 -14.23 -11.34 7.71
C LEU A 177 -13.11 -11.97 8.54
N GLU A 178 -11.89 -11.83 8.10
CA GLU A 178 -10.76 -12.43 8.86
C GLU A 178 -10.43 -11.55 10.07
N MET A 1 -19.40 -3.77 18.06
CA MET A 1 -18.14 -2.97 18.11
C MET A 1 -17.02 -3.74 17.40
N GLN A 2 -17.21 -4.04 16.15
CA GLN A 2 -16.16 -4.78 15.39
C GLN A 2 -15.29 -3.78 14.61
N THR A 3 -14.00 -3.99 14.60
CA THR A 3 -13.11 -3.04 13.85
C THR A 3 -12.13 -3.83 12.99
N ILE A 4 -11.53 -3.19 12.03
CA ILE A 4 -10.55 -3.89 11.15
C ILE A 4 -9.17 -3.29 11.35
N LYS A 5 -8.22 -4.08 11.77
CA LYS A 5 -6.85 -3.54 11.99
C LYS A 5 -5.98 -3.84 10.76
N CYS A 6 -5.30 -2.84 10.25
CA CYS A 6 -4.44 -3.06 9.06
C CYS A 6 -3.24 -2.11 9.10
N VAL A 7 -2.08 -2.60 8.76
CA VAL A 7 -0.87 -1.72 8.78
C VAL A 7 -0.37 -1.53 7.36
N VAL A 8 0.03 -0.33 7.02
CA VAL A 8 0.52 -0.07 5.63
C VAL A 8 1.96 0.47 5.70
N VAL A 9 2.79 0.06 4.77
CA VAL A 9 4.19 0.54 4.77
C VAL A 9 4.63 0.82 3.33
N GLY A 10 5.43 1.84 3.12
CA GLY A 10 5.87 2.15 1.73
C GLY A 10 7.34 2.57 1.75
N ASP A 11 7.97 2.61 0.60
CA ASP A 11 9.39 3.03 0.55
C ASP A 11 9.47 4.55 0.46
N GLY A 12 10.07 5.18 1.44
CA GLY A 12 10.17 6.66 1.41
C GLY A 12 8.79 7.27 1.66
N ALA A 13 8.17 7.79 0.63
CA ALA A 13 6.82 8.40 0.80
C ALA A 13 6.29 8.86 -0.55
N VAL A 14 6.91 9.86 -1.13
CA VAL A 14 6.45 10.35 -2.46
C VAL A 14 4.96 10.71 -2.38
N GLY A 15 4.15 10.06 -3.17
CA GLY A 15 2.69 10.36 -3.15
C GLY A 15 1.98 9.37 -2.22
N LYS A 16 2.68 8.83 -1.26
CA LYS A 16 2.03 7.86 -0.33
C LYS A 16 0.82 8.53 0.34
N THR A 17 0.90 9.80 0.59
CA THR A 17 -0.26 10.50 1.22
C THR A 17 -1.43 10.52 0.24
N CYS A 18 -1.14 10.68 -1.02
CA CYS A 18 -2.23 10.71 -2.04
C CYS A 18 -2.88 9.33 -2.15
N LEU A 19 -2.13 8.29 -1.90
CA LEU A 19 -2.71 6.92 -2.01
C LEU A 19 -3.69 6.67 -0.86
N LEU A 20 -3.34 7.03 0.34
CA LEU A 20 -4.25 6.79 1.50
C LEU A 20 -5.41 7.79 1.49
N ILE A 21 -5.14 9.06 1.25
CA ILE A 21 -6.24 10.06 1.24
C ILE A 21 -7.21 9.77 0.11
N SER A 22 -6.74 9.25 -0.99
CA SER A 22 -7.64 8.95 -2.13
C SER A 22 -8.61 7.83 -1.73
N TYR A 23 -8.20 6.97 -0.86
CA TYR A 23 -9.10 5.85 -0.45
C TYR A 23 -10.18 6.36 0.53
N THR A 24 -9.80 7.18 1.47
CA THR A 24 -10.80 7.68 2.46
C THR A 24 -11.70 8.75 1.84
N THR A 25 -11.14 9.69 1.12
CA THR A 25 -11.99 10.76 0.52
C THR A 25 -12.57 10.29 -0.82
N ASN A 26 -11.94 9.35 -1.45
CA ASN A 26 -12.44 8.85 -2.75
C ASN A 26 -12.52 10.02 -3.74
N LYS A 27 -11.61 10.94 -3.67
CA LYS A 27 -11.64 12.11 -4.61
C LYS A 27 -10.22 12.43 -5.09
N PHE A 28 -9.75 11.71 -6.07
CA PHE A 28 -8.38 12.00 -6.59
C PHE A 28 -8.32 13.46 -7.09
N PRO A 29 -9.35 13.91 -7.76
CA PRO A 29 -9.41 15.31 -8.27
C PRO A 29 -9.37 16.34 -7.13
N SER A 30 -9.51 15.91 -5.92
CA SER A 30 -9.49 16.87 -4.77
C SER A 30 -8.30 17.83 -4.93
N GLU A 31 -7.22 17.37 -5.50
CA GLU A 31 -6.02 18.24 -5.70
C GLU A 31 -5.44 18.66 -4.35
N TYR A 32 -6.26 18.81 -3.34
CA TYR A 32 -5.71 19.21 -2.00
C TYR A 32 -4.68 18.17 -1.57
N VAL A 33 -5.12 17.07 -1.01
CA VAL A 33 -4.17 16.01 -0.56
C VAL A 33 -3.44 16.45 0.70
N PRO A 34 -4.15 16.73 1.77
CA PRO A 34 -3.53 17.14 3.06
C PRO A 34 -2.60 16.05 3.59
N ALA A 35 -1.40 16.42 3.96
CA ALA A 35 -0.44 15.39 4.46
C ALA A 35 -0.55 15.27 5.99
N VAL A 36 -1.74 14.99 6.49
CA VAL A 36 -1.92 14.85 7.96
C VAL A 36 -2.43 13.44 8.28
N PHE A 37 -1.85 12.82 9.28
CA PHE A 37 -2.30 11.45 9.66
C PHE A 37 -1.85 11.15 11.09
N ASP A 38 -0.80 10.38 11.25
CA ASP A 38 -0.30 10.07 12.62
C ASP A 38 -1.44 9.50 13.47
N ASN A 39 -2.06 8.43 13.04
CA ASN A 39 -3.18 7.81 13.81
C ASN A 39 -4.52 8.43 13.37
N TYR A 40 -4.97 8.08 12.19
CA TYR A 40 -6.26 8.65 11.70
C TYR A 40 -7.31 7.53 11.63
N ALA A 41 -8.55 7.83 11.90
CA ALA A 41 -9.61 6.78 11.85
C ALA A 41 -10.69 7.21 10.86
N VAL A 42 -11.28 6.26 10.17
CA VAL A 42 -12.35 6.60 9.19
C VAL A 42 -13.60 5.78 9.49
N THR A 43 -14.75 6.42 9.58
CA THR A 43 -15.99 5.66 9.86
C THR A 43 -16.66 5.29 8.54
N VAL A 44 -16.91 4.04 8.31
CA VAL A 44 -17.53 3.62 7.02
C VAL A 44 -18.74 2.71 7.26
N MET A 45 -19.60 2.62 6.29
CA MET A 45 -20.80 1.74 6.43
C MET A 45 -20.69 0.58 5.44
N ILE A 46 -21.01 -0.61 5.86
CA ILE A 46 -20.93 -1.78 4.93
C ILE A 46 -22.23 -2.58 5.04
N GLY A 47 -22.88 -2.84 3.93
CA GLY A 47 -24.15 -3.63 3.98
C GLY A 47 -25.24 -2.81 4.67
N GLY A 48 -25.03 -1.52 4.81
CA GLY A 48 -26.06 -0.68 5.47
C GLY A 48 -25.84 -0.69 6.98
N GLU A 49 -24.69 -1.11 7.43
CA GLU A 49 -24.41 -1.13 8.89
C GLU A 49 -23.13 -0.33 9.18
N PRO A 50 -23.01 0.21 10.37
CA PRO A 50 -21.83 1.02 10.77
C PRO A 50 -20.54 0.20 10.93
N TYR A 51 -19.45 0.69 10.40
CA TYR A 51 -18.15 -0.03 10.52
C TYR A 51 -17.02 1.00 10.65
N THR A 52 -15.93 0.61 11.26
CA THR A 52 -14.79 1.56 11.42
C THR A 52 -13.52 0.95 10.85
N LEU A 53 -12.72 1.75 10.17
CA LEU A 53 -11.45 1.23 9.59
C LEU A 53 -10.28 2.00 10.19
N GLY A 54 -9.33 1.31 10.77
CA GLY A 54 -8.15 2.00 11.38
C GLY A 54 -6.90 1.72 10.55
N LEU A 55 -6.29 2.73 9.99
CA LEU A 55 -5.06 2.51 9.19
C LEU A 55 -3.85 2.91 10.02
N PHE A 56 -2.86 2.06 10.11
CA PHE A 56 -1.65 2.41 10.91
C PHE A 56 -0.46 2.63 9.97
N ASP A 57 0.18 3.76 10.09
CA ASP A 57 1.35 4.05 9.22
C ASP A 57 2.64 3.85 10.02
N THR A 58 3.76 3.77 9.36
CA THR A 58 5.05 3.59 10.08
C THR A 58 5.51 4.93 10.63
N ALA A 59 6.40 4.92 11.59
CA ALA A 59 6.89 6.20 12.16
C ALA A 59 8.13 5.94 13.01
N GLY A 60 8.31 4.72 13.46
CA GLY A 60 9.51 4.41 14.29
C GLY A 60 10.70 4.09 13.39
N GLN A 61 10.50 4.12 12.09
CA GLN A 61 11.62 3.82 11.16
C GLN A 61 12.76 4.80 11.37
N GLU A 62 12.47 5.99 11.82
CA GLU A 62 13.54 7.00 12.03
C GLU A 62 14.31 6.66 13.31
N ASP A 63 15.03 7.61 13.85
CA ASP A 63 15.83 7.34 15.07
C ASP A 63 14.91 6.98 16.25
N TYR A 64 13.66 6.72 15.98
CA TYR A 64 12.72 6.35 17.09
C TYR A 64 12.49 4.83 17.07
N ASP A 65 13.36 4.11 16.41
CA ASP A 65 13.22 2.63 16.33
C ASP A 65 12.85 2.07 17.71
N ARG A 66 13.01 2.85 18.75
CA ARG A 66 12.67 2.35 20.11
C ARG A 66 11.33 1.62 20.06
N LEU A 67 10.46 2.03 19.18
CA LEU A 67 9.13 1.37 19.09
C LEU A 67 9.31 -0.12 18.76
N ARG A 68 10.31 -0.46 17.99
CA ARG A 68 10.51 -1.90 17.62
C ARG A 68 10.40 -2.80 18.86
N PRO A 69 11.32 -2.68 19.80
CA PRO A 69 11.30 -3.52 21.04
C PRO A 69 9.99 -3.37 21.82
N LEU A 70 9.39 -2.21 21.76
CA LEU A 70 8.11 -2.01 22.50
C LEU A 70 7.05 -2.97 21.95
N SER A 71 7.06 -3.22 20.66
CA SER A 71 6.08 -4.14 20.04
C SER A 71 4.72 -4.01 20.74
N TYR A 72 4.00 -2.95 20.46
CA TYR A 72 2.67 -2.77 21.10
C TYR A 72 1.55 -2.92 20.07
N PRO A 73 1.72 -2.35 18.90
CA PRO A 73 0.70 -2.42 17.81
C PRO A 73 0.38 -3.86 17.37
N GLN A 74 -0.86 -4.15 17.16
CA GLN A 74 -1.26 -5.52 16.73
C GLN A 74 -2.20 -5.43 15.52
N THR A 75 -1.98 -6.24 14.52
CA THR A 75 -2.87 -6.19 13.33
C THR A 75 -3.13 -7.62 12.83
N ASP A 76 -4.25 -7.83 12.18
CA ASP A 76 -4.57 -9.19 11.66
C ASP A 76 -4.36 -9.20 10.14
N VAL A 77 -4.08 -8.06 9.57
CA VAL A 77 -3.86 -8.00 8.10
C VAL A 77 -2.63 -7.13 7.79
N PHE A 78 -1.76 -7.60 6.93
CA PHE A 78 -0.54 -6.79 6.58
C PHE A 78 -0.70 -6.27 5.15
N LEU A 79 -0.67 -4.97 4.97
CA LEU A 79 -0.83 -4.40 3.60
C LEU A 79 0.44 -3.66 3.17
N VAL A 80 0.83 -3.82 1.93
CA VAL A 80 2.04 -3.11 1.44
C VAL A 80 1.72 -2.41 0.11
N CYS A 81 2.41 -1.35 -0.20
CA CYS A 81 2.14 -0.64 -1.48
C CYS A 81 3.46 -0.11 -2.06
N PHE A 82 3.66 -0.30 -3.34
CA PHE A 82 4.92 0.20 -3.96
C PHE A 82 4.60 0.81 -5.34
N SER A 83 5.51 1.57 -5.88
CA SER A 83 5.25 2.19 -7.22
C SER A 83 5.92 1.35 -8.30
N VAL A 84 5.38 1.36 -9.49
CA VAL A 84 5.98 0.54 -10.59
C VAL A 84 6.80 1.44 -11.53
N VAL A 85 6.96 2.69 -11.20
CA VAL A 85 7.73 3.60 -12.08
C VAL A 85 9.16 3.78 -11.55
N SER A 86 9.47 3.17 -10.44
CA SER A 86 10.84 3.31 -9.85
C SER A 86 11.52 1.94 -9.79
N PRO A 87 12.33 1.60 -10.77
CA PRO A 87 13.03 0.28 -10.80
C PRO A 87 13.76 -0.02 -9.49
N SER A 88 14.58 0.88 -9.01
CA SER A 88 15.31 0.60 -7.74
C SER A 88 14.32 0.23 -6.64
N SER A 89 13.20 0.89 -6.59
CA SER A 89 12.19 0.56 -5.55
C SER A 89 11.75 -0.89 -5.72
N PHE A 90 12.08 -1.48 -6.84
CA PHE A 90 11.71 -2.91 -7.07
C PHE A 90 12.63 -3.80 -6.23
N GLU A 91 13.91 -3.59 -6.32
CA GLU A 91 14.87 -4.40 -5.52
C GLU A 91 14.67 -4.11 -4.03
N ASN A 92 14.42 -2.87 -3.70
CA ASN A 92 14.22 -2.51 -2.26
C ASN A 92 13.12 -3.39 -1.66
N VAL A 93 12.16 -3.77 -2.46
CA VAL A 93 11.04 -4.61 -1.95
C VAL A 93 11.59 -5.93 -1.38
N LYS A 94 12.59 -6.50 -2.00
CA LYS A 94 13.14 -7.78 -1.48
C LYS A 94 14.20 -7.51 -0.40
N GLU A 95 14.86 -6.39 -0.48
CA GLU A 95 15.93 -6.08 0.51
C GLU A 95 15.37 -5.74 1.90
N LYS A 96 14.24 -5.06 1.96
CA LYS A 96 13.70 -4.68 3.31
C LYS A 96 12.39 -5.42 3.65
N TRP A 97 11.43 -5.41 2.76
CA TRP A 97 10.12 -6.07 3.06
C TRP A 97 10.24 -7.60 3.17
N VAL A 98 11.08 -8.23 2.40
CA VAL A 98 11.13 -9.73 2.50
C VAL A 98 11.71 -10.17 3.86
N PRO A 99 12.86 -9.67 4.26
CA PRO A 99 13.47 -10.05 5.57
C PRO A 99 12.80 -9.38 6.76
N GLU A 100 12.53 -8.09 6.67
CA GLU A 100 11.90 -7.37 7.81
C GLU A 100 10.55 -7.99 8.18
N ILE A 101 9.75 -8.35 7.22
CA ILE A 101 8.42 -8.94 7.55
C ILE A 101 8.60 -10.33 8.19
N THR A 102 9.48 -11.13 7.65
CA THR A 102 9.70 -12.49 8.21
C THR A 102 10.16 -12.38 9.66
N HIS A 103 11.06 -11.48 9.95
CA HIS A 103 11.55 -11.32 11.34
C HIS A 103 10.39 -10.96 12.27
N HIS A 104 9.55 -10.05 11.86
CA HIS A 104 8.42 -9.63 12.72
C HIS A 104 7.17 -10.45 12.39
N CYS A 105 7.19 -11.19 11.32
CA CYS A 105 5.98 -12.01 10.96
C CYS A 105 6.41 -13.28 10.23
N PRO A 106 6.72 -14.33 10.95
CA PRO A 106 7.14 -15.62 10.34
C PRO A 106 6.14 -16.13 9.30
N LYS A 107 4.88 -16.16 9.64
CA LYS A 107 3.85 -16.63 8.67
C LYS A 107 2.54 -15.88 8.90
N THR A 108 2.16 -15.02 7.99
CA THR A 108 0.89 -14.27 8.15
C THR A 108 0.35 -13.87 6.78
N PRO A 109 -0.95 -13.75 6.63
CA PRO A 109 -1.57 -13.36 5.34
C PRO A 109 -0.87 -12.14 4.72
N PHE A 110 -0.29 -12.28 3.56
CA PHE A 110 0.40 -11.13 2.92
C PHE A 110 -0.34 -10.71 1.65
N LEU A 111 -0.64 -9.44 1.55
CA LEU A 111 -1.35 -8.93 0.34
C LEU A 111 -0.42 -7.97 -0.40
N LEU A 112 -0.10 -8.26 -1.64
CA LEU A 112 0.79 -7.35 -2.40
C LEU A 112 -0.06 -6.54 -3.38
N VAL A 113 -0.08 -5.24 -3.23
CA VAL A 113 -0.90 -4.40 -4.15
C VAL A 113 -0.02 -3.54 -5.05
N GLY A 114 -0.34 -3.47 -6.31
CA GLY A 114 0.47 -2.64 -7.25
C GLY A 114 -0.29 -1.33 -7.48
N THR A 115 0.35 -0.21 -7.26
CA THR A 115 -0.35 1.10 -7.45
C THR A 115 0.48 2.04 -8.31
N GLN A 116 -0.14 3.10 -8.77
CA GLN A 116 0.57 4.09 -9.62
C GLN A 116 0.52 3.65 -11.09
N ILE A 117 -0.33 2.72 -11.42
CA ILE A 117 -0.42 2.28 -12.84
C ILE A 117 -0.87 3.47 -13.69
N ASP A 118 -1.40 3.22 -14.85
CA ASP A 118 -1.87 4.33 -15.74
C ASP A 118 -0.72 5.30 -16.02
N LEU A 119 -0.12 5.85 -15.01
CA LEU A 119 1.01 6.79 -15.25
C LEU A 119 2.00 6.11 -16.18
N ARG A 120 2.08 4.82 -16.11
CA ARG A 120 3.01 4.07 -17.01
C ARG A 120 2.68 4.37 -18.48
N ASP A 121 1.53 4.93 -18.73
CA ASP A 121 1.16 5.25 -20.15
C ASP A 121 1.37 6.75 -20.42
N ASP A 122 1.84 7.47 -19.43
CA ASP A 122 2.06 8.93 -19.63
C ASP A 122 3.35 9.16 -20.42
N PRO A 123 3.44 10.23 -21.18
CA PRO A 123 4.64 10.56 -21.98
C PRO A 123 5.81 11.01 -21.10
N SER A 124 5.59 11.98 -20.26
CA SER A 124 6.68 12.48 -19.38
C SER A 124 7.21 11.35 -18.49
N THR A 125 6.38 10.43 -18.10
CA THR A 125 6.86 9.32 -17.22
C THR A 125 7.78 8.40 -18.01
N ILE A 126 7.35 7.94 -19.15
CA ILE A 126 8.22 7.02 -19.96
C ILE A 126 9.46 7.78 -20.42
N GLU A 127 9.33 9.04 -20.72
CA GLU A 127 10.52 9.83 -21.16
C GLU A 127 11.43 10.09 -19.95
N LYS A 128 10.86 10.48 -18.84
CA LYS A 128 11.67 10.76 -17.64
C LYS A 128 12.45 9.51 -17.23
N LEU A 129 11.82 8.37 -17.29
CA LEU A 129 12.53 7.11 -16.93
C LEU A 129 13.49 6.75 -18.06
N ALA A 130 13.11 7.04 -19.27
CA ALA A 130 14.00 6.72 -20.43
C ALA A 130 15.37 7.32 -20.19
N LYS A 131 15.43 8.57 -19.79
CA LYS A 131 16.75 9.21 -19.53
C LYS A 131 17.47 8.49 -18.39
N ASN A 132 16.75 8.03 -17.39
CA ASN A 132 17.42 7.34 -16.25
C ASN A 132 18.31 6.22 -16.78
N LYS A 133 17.77 5.30 -17.53
CA LYS A 133 18.61 4.20 -18.07
C LYS A 133 17.83 3.36 -19.07
N GLN A 134 16.65 2.92 -18.73
CA GLN A 134 15.86 2.08 -19.67
C GLN A 134 14.37 2.40 -19.53
N LYS A 135 13.57 1.43 -19.18
CA LYS A 135 12.10 1.67 -19.04
C LYS A 135 11.59 1.08 -17.73
N PRO A 136 10.41 1.50 -17.30
CA PRO A 136 9.78 1.01 -16.05
C PRO A 136 9.58 -0.51 -16.06
N ILE A 137 9.13 -1.07 -14.96
CA ILE A 137 8.93 -2.54 -14.91
C ILE A 137 7.46 -2.88 -15.20
N THR A 138 7.23 -3.93 -15.94
CA THR A 138 5.82 -4.31 -16.27
C THR A 138 5.23 -5.10 -15.10
N PRO A 139 3.93 -5.14 -15.02
CA PRO A 139 3.22 -5.86 -13.92
C PRO A 139 3.53 -7.36 -13.94
N GLU A 140 3.78 -7.91 -15.10
CA GLU A 140 4.10 -9.37 -15.17
C GLU A 140 5.34 -9.65 -14.33
N THR A 141 6.30 -8.76 -14.34
CA THR A 141 7.52 -8.98 -13.53
C THR A 141 7.18 -8.87 -12.05
N ALA A 142 6.24 -8.02 -11.72
CA ALA A 142 5.84 -7.86 -10.28
C ALA A 142 5.00 -9.05 -9.84
N GLU A 143 4.13 -9.52 -10.69
CA GLU A 143 3.27 -10.69 -10.30
C GLU A 143 4.14 -11.89 -9.94
N LYS A 144 5.27 -12.04 -10.58
CA LYS A 144 6.15 -13.20 -10.27
C LYS A 144 6.56 -13.16 -8.80
N LEU A 145 6.81 -11.99 -8.27
CA LEU A 145 7.23 -11.90 -6.84
C LEU A 145 6.09 -12.34 -5.93
N ALA A 146 4.86 -12.15 -6.33
CA ALA A 146 3.73 -12.56 -5.45
C ALA A 146 3.66 -14.09 -5.35
N ARG A 147 3.77 -14.78 -6.46
CA ARG A 147 3.68 -16.27 -6.41
C ARG A 147 5.04 -16.86 -6.03
N ASP A 148 5.98 -16.05 -5.63
CA ASP A 148 7.31 -16.59 -5.21
C ASP A 148 7.50 -16.36 -3.72
N LEU A 149 7.02 -15.24 -3.23
CA LEU A 149 7.18 -14.93 -1.78
C LEU A 149 5.99 -15.43 -0.98
N LYS A 150 5.21 -16.33 -1.52
CA LYS A 150 4.02 -16.86 -0.79
C LYS A 150 3.00 -15.74 -0.58
N ALA A 151 2.94 -14.79 -1.46
CA ALA A 151 1.96 -13.68 -1.31
C ALA A 151 0.55 -14.24 -1.48
N VAL A 152 -0.40 -13.75 -0.73
CA VAL A 152 -1.78 -14.28 -0.86
C VAL A 152 -2.36 -13.94 -2.23
N LYS A 153 -2.42 -12.68 -2.57
CA LYS A 153 -2.98 -12.30 -3.91
C LYS A 153 -2.38 -10.98 -4.40
N TYR A 154 -2.28 -10.82 -5.69
CA TYR A 154 -1.72 -9.54 -6.26
C TYR A 154 -2.80 -8.82 -7.07
N VAL A 155 -2.89 -7.52 -6.94
CA VAL A 155 -3.92 -6.77 -7.72
C VAL A 155 -3.33 -5.44 -8.21
N GLU A 156 -3.84 -4.92 -9.28
CA GLU A 156 -3.34 -3.61 -9.81
C GLU A 156 -4.41 -2.54 -9.58
N CYS A 157 -4.05 -1.40 -9.06
CA CYS A 157 -5.07 -0.35 -8.81
C CYS A 157 -4.54 1.03 -9.24
N SER A 158 -5.42 1.86 -9.72
CA SER A 158 -5.01 3.23 -10.15
C SER A 158 -5.69 4.27 -9.25
N ALA A 159 -4.93 4.91 -8.40
CA ALA A 159 -5.52 5.93 -7.49
C ALA A 159 -5.85 7.19 -8.29
N LEU A 160 -5.10 7.44 -9.33
CA LEU A 160 -5.37 8.65 -10.15
C LEU A 160 -6.78 8.56 -10.71
N THR A 161 -7.27 7.36 -10.89
CA THR A 161 -8.64 7.17 -11.41
C THR A 161 -9.41 6.29 -10.42
N GLN A 162 -10.69 6.25 -10.57
CA GLN A 162 -11.54 5.43 -9.66
C GLN A 162 -11.32 3.95 -9.96
N LYS A 163 -10.30 3.62 -10.71
CA LYS A 163 -10.06 2.18 -11.04
C LYS A 163 -9.16 1.55 -9.98
N GLY A 164 -8.80 2.30 -8.97
CA GLY A 164 -7.91 1.73 -7.92
C GLY A 164 -8.76 1.24 -6.74
N LEU A 165 -9.66 2.05 -6.26
CA LEU A 165 -10.50 1.65 -5.11
C LEU A 165 -11.34 0.42 -5.49
N LYS A 166 -11.84 0.38 -6.70
CA LYS A 166 -12.68 -0.78 -7.11
C LYS A 166 -11.89 -2.09 -6.97
N ASN A 167 -10.61 -2.05 -7.16
CA ASN A 167 -9.80 -3.29 -7.02
C ASN A 167 -9.39 -3.47 -5.56
N VAL A 168 -8.94 -2.41 -4.94
CA VAL A 168 -8.52 -2.49 -3.51
C VAL A 168 -9.74 -2.63 -2.59
N PHE A 169 -10.88 -2.14 -3.00
CA PHE A 169 -12.09 -2.24 -2.15
C PHE A 169 -12.52 -3.70 -2.01
N ASP A 170 -12.59 -4.43 -3.09
CA ASP A 170 -13.02 -5.85 -3.01
C ASP A 170 -12.16 -6.60 -1.99
N GLU A 171 -10.87 -6.39 -2.02
CA GLU A 171 -9.99 -7.09 -1.05
C GLU A 171 -10.21 -6.50 0.35
N ALA A 172 -10.41 -5.21 0.45
CA ALA A 172 -10.62 -4.60 1.79
C ALA A 172 -11.83 -5.22 2.47
N ILE A 173 -12.92 -5.41 1.76
CA ILE A 173 -14.12 -6.02 2.41
C ILE A 173 -13.84 -7.49 2.73
N LEU A 174 -13.22 -8.20 1.82
CA LEU A 174 -12.94 -9.64 2.08
C LEU A 174 -12.14 -9.77 3.38
N ALA A 175 -11.13 -8.97 3.55
CA ALA A 175 -10.32 -9.06 4.80
C ALA A 175 -11.16 -8.65 6.01
N ALA A 176 -12.03 -7.68 5.84
CA ALA A 176 -12.87 -7.25 6.99
C ALA A 176 -13.66 -8.44 7.53
N LEU A 177 -14.20 -9.25 6.65
CA LEU A 177 -14.97 -10.43 7.12
C LEU A 177 -14.02 -11.38 7.86
N GLU A 178 -12.82 -11.51 7.37
CA GLU A 178 -11.84 -12.41 8.03
C GLU A 178 -11.28 -11.73 9.29
N MET A 1 -12.95 -10.00 15.04
CA MET A 1 -13.05 -8.93 16.08
C MET A 1 -13.95 -7.81 15.56
N GLN A 2 -14.57 -7.08 16.44
CA GLN A 2 -15.46 -5.97 16.00
C GLN A 2 -14.60 -4.93 15.28
N THR A 3 -13.37 -4.80 15.67
CA THR A 3 -12.47 -3.80 15.02
C THR A 3 -11.50 -4.51 14.08
N ILE A 4 -11.17 -3.89 12.98
CA ILE A 4 -10.22 -4.51 12.01
C ILE A 4 -8.95 -3.67 11.95
N LYS A 5 -7.82 -4.25 12.28
CA LYS A 5 -6.55 -3.48 12.26
C LYS A 5 -5.92 -3.56 10.87
N CYS A 6 -5.54 -2.43 10.33
CA CYS A 6 -4.91 -2.42 8.97
C CYS A 6 -3.81 -1.37 8.95
N VAL A 7 -2.62 -1.75 8.53
CA VAL A 7 -1.49 -0.76 8.48
C VAL A 7 -1.15 -0.46 7.03
N VAL A 8 -0.90 0.79 6.72
CA VAL A 8 -0.53 1.16 5.32
C VAL A 8 0.89 1.71 5.30
N VAL A 9 1.71 1.25 4.40
CA VAL A 9 3.11 1.75 4.33
C VAL A 9 3.63 1.65 2.90
N GLY A 10 4.45 2.57 2.49
CA GLY A 10 5.00 2.52 1.10
C GLY A 10 6.51 2.79 1.14
N ASP A 11 7.23 2.35 0.15
CA ASP A 11 8.70 2.58 0.14
C ASP A 11 9.00 3.95 -0.45
N GLY A 12 9.35 4.90 0.37
CA GLY A 12 9.68 6.27 -0.14
C GLY A 12 8.70 6.63 -1.26
N ALA A 13 7.45 6.86 -0.94
CA ALA A 13 6.47 7.23 -1.98
C ALA A 13 6.47 8.75 -2.18
N VAL A 14 6.51 9.20 -3.41
CA VAL A 14 6.52 10.68 -3.65
C VAL A 14 5.23 11.29 -3.10
N GLY A 15 4.11 10.69 -3.40
CA GLY A 15 2.81 11.24 -2.91
C GLY A 15 2.21 10.27 -1.87
N LYS A 16 2.98 9.87 -0.90
CA LYS A 16 2.44 8.94 0.14
C LYS A 16 1.28 9.60 0.87
N THR A 17 1.37 10.88 1.13
CA THR A 17 0.27 11.58 1.85
C THR A 17 -0.94 11.70 0.93
N CYS A 18 -0.72 11.92 -0.34
CA CYS A 18 -1.86 12.05 -1.29
C CYS A 18 -2.63 10.74 -1.36
N LEU A 19 -1.96 9.64 -1.13
CA LEU A 19 -2.66 8.32 -1.18
C LEU A 19 -3.64 8.19 -0.01
N LEU A 20 -3.28 8.71 1.14
CA LEU A 20 -4.19 8.58 2.32
C LEU A 20 -5.49 9.35 2.10
N ILE A 21 -5.45 10.52 1.51
CA ILE A 21 -6.71 11.29 1.30
C ILE A 21 -7.55 10.61 0.22
N SER A 22 -6.94 9.98 -0.73
CA SER A 22 -7.73 9.33 -1.81
C SER A 22 -8.70 8.31 -1.20
N TYR A 23 -8.28 7.60 -0.18
CA TYR A 23 -9.18 6.59 0.44
C TYR A 23 -10.18 7.30 1.38
N THR A 24 -9.71 8.16 2.22
CA THR A 24 -10.63 8.86 3.17
C THR A 24 -11.60 9.75 2.38
N THR A 25 -11.16 10.32 1.30
CA THR A 25 -12.04 11.19 0.48
C THR A 25 -12.32 10.52 -0.85
N ASN A 26 -11.77 11.05 -1.92
CA ASN A 26 -11.99 10.44 -3.26
C ASN A 26 -11.57 11.45 -4.33
N LYS A 27 -10.50 12.17 -4.10
CA LYS A 27 -10.04 13.18 -5.10
C LYS A 27 -8.59 12.94 -5.47
N PHE A 28 -8.32 12.74 -6.73
CA PHE A 28 -6.91 12.54 -7.17
C PHE A 28 -6.36 13.88 -7.68
N PRO A 29 -7.17 14.64 -8.37
CA PRO A 29 -6.77 15.98 -8.88
C PRO A 29 -6.54 16.97 -7.74
N SER A 30 -6.92 16.59 -6.54
CA SER A 30 -6.72 17.50 -5.38
C SER A 30 -5.29 18.05 -5.41
N GLU A 31 -4.35 17.22 -5.80
CA GLU A 31 -2.92 17.67 -5.85
C GLU A 31 -2.61 18.54 -4.64
N TYR A 32 -3.40 18.48 -3.61
CA TYR A 32 -3.13 19.30 -2.39
C TYR A 32 -3.47 18.46 -1.16
N VAL A 33 -2.51 18.20 -0.31
CA VAL A 33 -2.78 17.37 0.89
C VAL A 33 -2.98 18.27 2.12
N PRO A 34 -3.73 17.80 3.08
CA PRO A 34 -4.00 18.56 4.34
C PRO A 34 -2.75 18.66 5.22
N ALA A 35 -2.69 19.66 6.06
CA ALA A 35 -1.51 19.80 6.95
C ALA A 35 -1.70 18.95 8.21
N VAL A 36 -1.70 17.65 8.06
CA VAL A 36 -1.87 16.77 9.24
C VAL A 36 -0.95 15.56 9.13
N PHE A 37 -0.29 15.19 10.21
CA PHE A 37 0.61 14.01 10.17
C PHE A 37 0.11 12.93 11.12
N ASP A 38 -0.97 13.20 11.83
CA ASP A 38 -1.50 12.19 12.78
C ASP A 38 -2.26 11.09 12.01
N ASN A 39 -2.55 10.01 12.67
CA ASN A 39 -3.29 8.90 11.99
C ASN A 39 -4.80 9.06 12.24
N TYR A 40 -5.62 8.61 11.33
CA TYR A 40 -7.09 8.73 11.51
C TYR A 40 -7.76 7.40 11.15
N ALA A 41 -8.85 7.07 11.80
CA ALA A 41 -9.55 5.79 11.49
C ALA A 41 -10.78 6.07 10.64
N VAL A 42 -11.01 5.23 9.66
CA VAL A 42 -12.19 5.43 8.76
C VAL A 42 -13.24 4.36 9.07
N THR A 43 -14.49 4.73 9.10
CA THR A 43 -15.56 3.73 9.38
C THR A 43 -16.32 3.43 8.09
N VAL A 44 -16.56 2.17 7.81
CA VAL A 44 -17.29 1.81 6.56
C VAL A 44 -18.60 1.12 6.89
N MET A 45 -19.66 1.50 6.23
CA MET A 45 -20.98 0.86 6.50
C MET A 45 -21.35 0.00 5.29
N ILE A 46 -21.80 -1.21 5.53
CA ILE A 46 -22.19 -2.09 4.40
C ILE A 46 -23.59 -2.65 4.67
N GLY A 47 -24.44 -2.66 3.68
CA GLY A 47 -25.81 -3.20 3.90
C GLY A 47 -25.71 -4.63 4.41
N GLY A 48 -24.56 -5.24 4.29
CA GLY A 48 -24.41 -6.65 4.75
C GLY A 48 -23.84 -6.69 6.17
N GLU A 49 -23.42 -5.56 6.70
CA GLU A 49 -22.85 -5.52 8.10
C GLU A 49 -21.91 -4.32 8.24
N PRO A 50 -22.06 -3.53 9.27
CA PRO A 50 -21.17 -2.34 9.49
C PRO A 50 -19.76 -2.75 9.94
N TYR A 51 -18.74 -2.14 9.39
CA TYR A 51 -17.36 -2.51 9.80
C TYR A 51 -16.53 -1.24 10.04
N THR A 52 -15.50 -1.34 10.84
CA THR A 52 -14.64 -0.15 11.12
C THR A 52 -13.22 -0.45 10.65
N LEU A 53 -12.55 0.53 10.08
CA LEU A 53 -11.15 0.29 9.60
C LEU A 53 -10.21 1.33 10.21
N GLY A 54 -9.16 0.90 10.85
CA GLY A 54 -8.21 1.87 11.43
C GLY A 54 -7.03 2.05 10.48
N LEU A 55 -6.70 3.28 10.14
CA LEU A 55 -5.56 3.50 9.20
C LEU A 55 -4.38 4.05 9.97
N PHE A 56 -3.26 3.38 9.91
CA PHE A 56 -2.05 3.87 10.65
C PHE A 56 -1.00 4.33 9.64
N ASP A 57 -0.39 5.46 9.87
CA ASP A 57 0.64 5.95 8.93
C ASP A 57 2.01 5.50 9.41
N THR A 58 2.95 5.32 8.53
CA THR A 58 4.30 4.88 8.96
C THR A 58 4.88 5.90 9.94
N ALA A 59 5.36 5.46 11.06
CA ALA A 59 5.92 6.42 12.06
C ALA A 59 6.99 5.71 12.89
N GLY A 60 7.96 6.43 13.36
CA GLY A 60 9.04 5.80 14.18
C GLY A 60 10.23 5.47 13.28
N GLN A 61 10.08 5.64 12.00
CA GLN A 61 11.22 5.35 11.06
C GLN A 61 12.43 6.19 11.45
N GLU A 62 12.20 7.28 12.13
CA GLU A 62 13.33 8.16 12.54
C GLU A 62 14.05 7.54 13.74
N ASP A 63 14.95 8.26 14.33
CA ASP A 63 15.72 7.71 15.49
C ASP A 63 14.78 7.41 16.67
N TYR A 64 13.51 7.18 16.40
CA TYR A 64 12.56 6.86 17.50
C TYR A 64 11.98 5.45 17.27
N ASP A 65 12.61 4.67 16.45
CA ASP A 65 12.09 3.30 16.17
C ASP A 65 12.26 2.41 17.40
N ARG A 66 12.68 2.95 18.50
CA ARG A 66 12.85 2.12 19.73
C ARG A 66 11.52 1.45 20.06
N LEU A 67 10.43 2.10 19.78
CA LEU A 67 9.10 1.50 20.07
C LEU A 67 8.91 0.21 19.27
N ARG A 68 9.42 0.14 18.07
CA ARG A 68 9.26 -1.09 17.26
C ARG A 68 7.77 -1.43 17.14
N PRO A 69 7.41 -2.31 16.24
CA PRO A 69 5.99 -2.72 16.04
C PRO A 69 5.29 -3.07 17.36
N LEU A 70 6.00 -3.01 18.46
CA LEU A 70 5.37 -3.35 19.76
C LEU A 70 4.14 -2.46 20.02
N SER A 71 4.14 -1.26 19.51
CA SER A 71 2.97 -0.38 19.73
C SER A 71 1.71 -1.01 19.13
N TYR A 72 1.84 -1.63 17.98
CA TYR A 72 0.66 -2.26 17.33
C TYR A 72 0.99 -3.71 16.93
N PRO A 73 0.86 -4.63 17.84
CA PRO A 73 1.16 -6.07 17.58
C PRO A 73 0.05 -6.76 16.78
N GLN A 74 0.26 -8.00 16.44
CA GLN A 74 -0.76 -8.78 15.67
C GLN A 74 -1.50 -7.87 14.68
N THR A 75 -1.13 -7.93 13.42
CA THR A 75 -1.83 -7.10 12.40
C THR A 75 -2.76 -7.98 11.57
N ASP A 76 -3.99 -7.58 11.41
CA ASP A 76 -4.94 -8.41 10.62
C ASP A 76 -4.48 -8.52 9.16
N VAL A 77 -3.93 -7.47 8.61
CA VAL A 77 -3.47 -7.53 7.19
C VAL A 77 -2.31 -6.57 6.96
N PHE A 78 -1.37 -6.94 6.14
CA PHE A 78 -0.22 -6.03 5.84
C PHE A 78 -0.43 -5.43 4.45
N LEU A 79 -0.38 -4.14 4.34
CA LEU A 79 -0.59 -3.50 3.00
C LEU A 79 0.72 -2.84 2.53
N VAL A 80 1.13 -3.15 1.32
CA VAL A 80 2.38 -2.54 0.78
C VAL A 80 2.06 -1.81 -0.53
N CYS A 81 2.58 -0.63 -0.71
CA CYS A 81 2.30 0.13 -1.97
C CYS A 81 3.62 0.62 -2.58
N PHE A 82 3.80 0.38 -3.85
CA PHE A 82 5.05 0.84 -4.53
C PHE A 82 4.71 1.37 -5.92
N SER A 83 5.59 2.15 -6.50
CA SER A 83 5.30 2.68 -7.86
C SER A 83 5.60 1.61 -8.91
N VAL A 84 4.70 1.40 -9.84
CA VAL A 84 4.91 0.36 -10.88
C VAL A 84 6.05 0.75 -11.81
N VAL A 85 6.30 2.02 -11.99
CA VAL A 85 7.38 2.45 -12.93
C VAL A 85 8.70 2.64 -12.18
N SER A 86 8.77 2.29 -10.93
CA SER A 86 10.04 2.47 -10.17
C SER A 86 10.82 1.14 -10.12
N PRO A 87 12.06 1.11 -10.56
CA PRO A 87 12.89 -0.13 -10.55
C PRO A 87 13.44 -0.45 -9.15
N SER A 88 14.20 0.44 -8.57
CA SER A 88 14.77 0.17 -7.23
C SER A 88 13.65 -0.17 -6.23
N SER A 89 12.50 0.41 -6.41
CA SER A 89 11.37 0.10 -5.49
C SER A 89 10.97 -1.37 -5.65
N PHE A 90 11.26 -1.93 -6.80
CA PHE A 90 10.91 -3.36 -7.04
C PHE A 90 11.79 -4.25 -6.15
N GLU A 91 13.07 -4.04 -6.18
CA GLU A 91 13.99 -4.87 -5.35
C GLU A 91 13.78 -4.52 -3.87
N ASN A 92 13.52 -3.28 -3.57
CA ASN A 92 13.33 -2.88 -2.15
C ASN A 92 12.24 -3.76 -1.52
N VAL A 93 11.26 -4.15 -2.27
CA VAL A 93 10.17 -4.99 -1.71
C VAL A 93 10.73 -6.34 -1.22
N LYS A 94 11.68 -6.89 -1.93
CA LYS A 94 12.24 -8.20 -1.49
C LYS A 94 13.48 -8.00 -0.61
N GLU A 95 14.27 -7.01 -0.93
CA GLU A 95 15.53 -6.79 -0.15
C GLU A 95 15.24 -6.34 1.30
N LYS A 96 14.24 -5.53 1.52
CA LYS A 96 13.96 -5.06 2.92
C LYS A 96 12.63 -5.60 3.47
N TRP A 97 11.57 -5.43 2.75
CA TRP A 97 10.24 -5.86 3.26
C TRP A 97 10.10 -7.38 3.40
N VAL A 98 10.74 -8.17 2.58
CA VAL A 98 10.57 -9.65 2.73
C VAL A 98 11.28 -10.18 3.99
N PRO A 99 12.54 -9.87 4.20
CA PRO A 99 13.28 -10.37 5.40
C PRO A 99 12.85 -9.69 6.72
N GLU A 100 12.71 -8.40 6.72
CA GLU A 100 12.32 -7.69 7.98
C GLU A 100 10.94 -8.16 8.46
N ILE A 101 10.01 -8.37 7.57
CA ILE A 101 8.65 -8.80 8.01
C ILE A 101 8.71 -10.23 8.59
N THR A 102 9.65 -11.01 8.15
CA THR A 102 9.75 -12.41 8.67
C THR A 102 10.00 -12.39 10.18
N HIS A 103 10.82 -11.49 10.64
CA HIS A 103 11.12 -11.42 12.10
C HIS A 103 9.81 -11.29 12.88
N HIS A 104 8.84 -10.60 12.35
CA HIS A 104 7.55 -10.45 13.06
C HIS A 104 6.90 -11.83 13.27
N CYS A 105 6.91 -12.65 12.25
CA CYS A 105 6.31 -14.01 12.37
C CYS A 105 6.00 -14.57 10.98
N PRO A 106 5.89 -15.86 10.87
CA PRO A 106 5.59 -16.55 9.58
C PRO A 106 4.25 -16.09 9.00
N LYS A 107 3.68 -16.84 8.10
CA LYS A 107 2.38 -16.44 7.51
C LYS A 107 2.41 -14.95 7.18
N THR A 108 1.88 -14.14 8.05
CA THR A 108 1.88 -12.66 7.79
C THR A 108 1.39 -12.40 6.36
N PRO A 109 0.10 -12.39 6.16
CA PRO A 109 -0.49 -12.16 4.82
C PRO A 109 0.10 -10.91 4.15
N PHE A 110 0.60 -11.06 2.95
CA PHE A 110 1.21 -9.88 2.26
C PHE A 110 0.36 -9.50 1.04
N LEU A 111 -0.05 -8.26 0.97
CA LEU A 111 -0.87 -7.81 -0.20
C LEU A 111 -0.09 -6.73 -0.95
N LEU A 112 0.18 -6.96 -2.22
CA LEU A 112 0.94 -5.95 -3.01
C LEU A 112 -0.02 -5.20 -3.93
N VAL A 113 -0.11 -3.91 -3.82
CA VAL A 113 -1.03 -3.13 -4.69
C VAL A 113 -0.22 -2.28 -5.68
N GLY A 114 -0.60 -2.28 -6.92
CA GLY A 114 0.13 -1.47 -7.94
C GLY A 114 -0.63 -0.17 -8.18
N THR A 115 0.01 0.95 -8.02
CA THR A 115 -0.70 2.25 -8.24
C THR A 115 -0.17 2.94 -9.50
N GLN A 116 -0.95 3.85 -10.03
CA GLN A 116 -0.52 4.59 -11.26
C GLN A 116 -0.23 3.62 -12.40
N ILE A 117 -1.04 2.60 -12.57
CA ILE A 117 -0.77 1.64 -13.68
C ILE A 117 -1.05 2.31 -15.03
N ASP A 118 -1.55 3.51 -15.02
CA ASP A 118 -1.83 4.22 -16.30
C ASP A 118 -0.54 4.91 -16.78
N LEU A 119 0.36 5.17 -15.87
CA LEU A 119 1.64 5.84 -16.24
C LEU A 119 2.41 4.96 -17.22
N ARG A 120 2.28 3.66 -17.09
CA ARG A 120 2.99 2.74 -18.02
C ARG A 120 2.57 3.02 -19.46
N ASP A 121 1.39 3.56 -19.65
CA ASP A 121 0.92 3.86 -21.02
C ASP A 121 1.26 5.30 -21.41
N ASP A 122 1.78 6.07 -20.50
CA ASP A 122 2.13 7.47 -20.84
C ASP A 122 3.36 7.48 -21.74
N PRO A 123 3.40 8.36 -22.73
CA PRO A 123 4.55 8.44 -23.68
C PRO A 123 5.82 8.93 -22.98
N SER A 124 5.72 9.98 -22.20
CA SER A 124 6.91 10.52 -21.50
C SER A 124 7.49 9.46 -20.57
N THR A 125 6.67 8.57 -20.08
CA THR A 125 7.20 7.50 -19.18
C THR A 125 8.07 6.56 -20.02
N ILE A 126 7.55 6.13 -21.13
CA ILE A 126 8.33 5.21 -22.01
C ILE A 126 9.62 5.91 -22.46
N GLU A 127 9.54 7.17 -22.76
CA GLU A 127 10.75 7.91 -23.20
C GLU A 127 11.66 8.19 -21.98
N LYS A 128 11.07 8.54 -20.87
CA LYS A 128 11.89 8.83 -19.65
C LYS A 128 12.67 7.60 -19.22
N LEU A 129 12.05 6.45 -19.20
CA LEU A 129 12.78 5.22 -18.79
C LEU A 129 13.64 4.71 -19.94
N ALA A 130 13.14 4.80 -21.14
CA ALA A 130 13.92 4.32 -22.31
C ALA A 130 15.27 5.03 -22.36
N LYS A 131 15.27 6.34 -22.28
CA LYS A 131 16.57 7.08 -22.33
C LYS A 131 17.44 6.69 -21.13
N ASN A 132 16.87 6.62 -19.96
CA ASN A 132 17.68 6.26 -18.76
C ASN A 132 18.08 4.78 -18.84
N LYS A 133 17.13 3.92 -19.10
CA LYS A 133 17.46 2.47 -19.18
C LYS A 133 16.54 1.79 -20.19
N GLN A 134 15.41 1.32 -19.75
CA GLN A 134 14.46 0.64 -20.67
C GLN A 134 13.04 1.16 -20.42
N LYS A 135 12.13 0.31 -20.04
CA LYS A 135 10.74 0.75 -19.78
C LYS A 135 10.25 0.18 -18.45
N PRO A 136 9.14 0.69 -17.95
CA PRO A 136 8.55 0.22 -16.66
C PRO A 136 8.56 -1.31 -16.54
N ILE A 137 8.35 -1.82 -15.36
CA ILE A 137 8.34 -3.30 -15.17
C ILE A 137 6.90 -3.81 -15.31
N THR A 138 6.73 -4.99 -15.86
CA THR A 138 5.35 -5.53 -16.02
C THR A 138 4.93 -6.22 -14.73
N PRO A 139 3.64 -6.33 -14.50
CA PRO A 139 3.10 -6.99 -13.28
C PRO A 139 3.52 -8.46 -13.20
N GLU A 140 3.83 -9.06 -14.31
CA GLU A 140 4.26 -10.48 -14.28
C GLU A 140 5.57 -10.63 -13.49
N THR A 141 6.49 -9.73 -13.68
CA THR A 141 7.77 -9.82 -12.95
C THR A 141 7.50 -9.70 -11.44
N ALA A 142 6.56 -8.87 -11.07
CA ALA A 142 6.23 -8.71 -9.63
C ALA A 142 5.43 -9.92 -9.14
N GLU A 143 4.55 -10.43 -9.97
CA GLU A 143 3.72 -11.60 -9.54
C GLU A 143 4.60 -12.81 -9.24
N LYS A 144 5.67 -12.99 -9.96
CA LYS A 144 6.56 -14.16 -9.68
C LYS A 144 7.22 -13.99 -8.31
N LEU A 145 7.61 -12.80 -7.98
CA LEU A 145 8.26 -12.57 -6.66
C LEU A 145 7.28 -12.89 -5.54
N ALA A 146 6.04 -12.54 -5.72
CA ALA A 146 5.03 -12.83 -4.66
C ALA A 146 4.67 -14.32 -4.67
N ARG A 147 4.36 -14.87 -5.81
CA ARG A 147 3.98 -16.30 -5.89
C ARG A 147 5.18 -17.19 -5.60
N ASP A 148 6.30 -16.63 -5.23
CA ASP A 148 7.49 -17.46 -4.91
C ASP A 148 7.75 -17.42 -3.40
N LEU A 149 7.24 -16.43 -2.74
CA LEU A 149 7.45 -16.32 -1.27
C LEU A 149 6.14 -16.56 -0.53
N LYS A 150 5.30 -17.42 -1.04
CA LYS A 150 4.00 -17.70 -0.36
C LYS A 150 3.17 -16.43 -0.23
N ALA A 151 3.34 -15.48 -1.12
CA ALA A 151 2.54 -14.23 -1.03
C ALA A 151 1.06 -14.56 -1.30
N VAL A 152 0.16 -13.85 -0.65
CA VAL A 152 -1.28 -14.15 -0.86
C VAL A 152 -1.70 -13.78 -2.30
N LYS A 153 -1.58 -12.53 -2.66
CA LYS A 153 -1.98 -12.12 -4.04
C LYS A 153 -1.65 -10.63 -4.24
N TYR A 154 -1.61 -10.19 -5.47
CA TYR A 154 -1.31 -8.76 -5.76
C TYR A 154 -2.50 -8.13 -6.50
N VAL A 155 -2.67 -6.84 -6.40
CA VAL A 155 -3.81 -6.18 -7.10
C VAL A 155 -3.33 -4.94 -7.86
N GLU A 156 -3.83 -4.72 -9.04
CA GLU A 156 -3.41 -3.52 -9.82
C GLU A 156 -4.49 -2.46 -9.67
N CYS A 157 -4.12 -1.26 -9.27
CA CYS A 157 -5.15 -0.20 -9.06
C CYS A 157 -4.70 1.12 -9.71
N SER A 158 -5.62 1.83 -10.30
CA SER A 158 -5.27 3.13 -10.94
C SER A 158 -5.77 4.27 -10.05
N ALA A 159 -4.87 4.88 -9.32
CA ALA A 159 -5.28 6.00 -8.42
C ALA A 159 -5.63 7.23 -9.26
N LEU A 160 -4.96 7.43 -10.35
CA LEU A 160 -5.26 8.61 -11.21
C LEU A 160 -6.75 8.58 -11.53
N THR A 161 -7.34 7.42 -11.54
CA THR A 161 -8.78 7.31 -11.81
C THR A 161 -9.44 6.60 -10.64
N GLN A 162 -10.71 6.74 -10.52
CA GLN A 162 -11.44 6.09 -9.39
C GLN A 162 -11.45 4.57 -9.60
N LYS A 163 -10.66 4.09 -10.53
CA LYS A 163 -10.65 2.61 -10.78
C LYS A 163 -9.59 1.95 -9.90
N GLY A 164 -8.91 2.70 -9.09
CA GLY A 164 -7.86 2.09 -8.23
C GLY A 164 -8.47 1.70 -6.87
N LEU A 165 -9.15 2.61 -6.22
CA LEU A 165 -9.75 2.28 -4.90
C LEU A 165 -10.82 1.19 -5.08
N LYS A 166 -11.60 1.27 -6.12
CA LYS A 166 -12.67 0.26 -6.34
C LYS A 166 -12.06 -1.14 -6.46
N ASN A 167 -10.84 -1.23 -6.91
CA ASN A 167 -10.21 -2.58 -7.05
C ASN A 167 -9.77 -3.09 -5.67
N VAL A 168 -9.05 -2.30 -4.94
CA VAL A 168 -8.57 -2.74 -3.59
C VAL A 168 -9.67 -2.55 -2.54
N PHE A 169 -10.73 -1.84 -2.85
CA PHE A 169 -11.81 -1.65 -1.84
C PHE A 169 -12.62 -2.94 -1.66
N ASP A 170 -13.07 -3.53 -2.73
CA ASP A 170 -13.87 -4.78 -2.60
C ASP A 170 -13.06 -5.87 -1.90
N GLU A 171 -11.80 -5.99 -2.23
CA GLU A 171 -10.95 -7.03 -1.59
C GLU A 171 -10.80 -6.73 -0.10
N ALA A 172 -10.77 -5.48 0.26
CA ALA A 172 -10.60 -5.11 1.70
C ALA A 172 -11.76 -5.68 2.52
N ILE A 173 -12.93 -5.77 1.95
CA ILE A 173 -14.09 -6.32 2.71
C ILE A 173 -13.83 -7.78 3.06
N LEU A 174 -13.27 -8.53 2.15
CA LEU A 174 -13.02 -9.97 2.42
C LEU A 174 -12.22 -10.12 3.72
N ALA A 175 -11.24 -9.29 3.94
CA ALA A 175 -10.44 -9.40 5.19
C ALA A 175 -11.32 -9.20 6.42
N ALA A 176 -12.31 -8.36 6.32
CA ALA A 176 -13.19 -8.10 7.50
C ALA A 176 -13.74 -9.43 8.03
N LEU A 177 -14.16 -10.31 7.16
CA LEU A 177 -14.72 -11.60 7.63
C LEU A 177 -13.64 -12.38 8.39
N GLU A 178 -12.40 -12.24 7.97
CA GLU A 178 -11.29 -12.97 8.65
C GLU A 178 -11.59 -14.47 8.65
N MET A 1 -12.86 -8.10 15.27
CA MET A 1 -14.34 -8.25 15.34
C MET A 1 -14.98 -6.87 15.55
N GLN A 2 -14.88 -6.33 16.73
CA GLN A 2 -15.48 -4.98 16.99
C GLN A 2 -14.84 -3.96 16.06
N THR A 3 -13.56 -4.11 15.80
CA THR A 3 -12.86 -3.14 14.91
C THR A 3 -11.95 -3.90 13.93
N ILE A 4 -11.59 -3.26 12.85
CA ILE A 4 -10.69 -3.93 11.86
C ILE A 4 -9.37 -3.17 11.79
N LYS A 5 -8.27 -3.83 12.07
CA LYS A 5 -6.95 -3.13 12.03
C LYS A 5 -6.33 -3.28 10.64
N CYS A 6 -5.94 -2.19 10.05
CA CYS A 6 -5.31 -2.25 8.70
C CYS A 6 -4.13 -1.28 8.65
N VAL A 7 -2.98 -1.75 8.23
CA VAL A 7 -1.79 -0.87 8.17
C VAL A 7 -1.38 -0.65 6.71
N VAL A 8 -1.04 0.56 6.36
CA VAL A 8 -0.61 0.84 4.96
C VAL A 8 0.83 1.34 4.97
N VAL A 9 1.65 0.83 4.09
CA VAL A 9 3.07 1.28 4.04
C VAL A 9 3.60 1.13 2.61
N GLY A 10 4.48 2.01 2.20
CA GLY A 10 5.03 1.92 0.82
C GLY A 10 6.55 2.09 0.86
N ASP A 11 7.25 1.65 -0.15
CA ASP A 11 8.73 1.79 -0.15
C ASP A 11 9.11 3.18 -0.67
N GLY A 12 9.61 4.03 0.19
CA GLY A 12 10.00 5.40 -0.26
C GLY A 12 8.92 5.95 -1.19
N ALA A 13 7.73 6.13 -0.69
CA ALA A 13 6.64 6.67 -1.55
C ALA A 13 6.72 8.20 -1.56
N VAL A 14 6.86 8.78 -2.72
CA VAL A 14 6.95 10.27 -2.79
C VAL A 14 5.56 10.88 -2.63
N GLY A 15 4.53 10.17 -3.04
CA GLY A 15 3.15 10.72 -2.91
C GLY A 15 2.38 9.94 -1.84
N LYS A 16 3.04 9.51 -0.81
CA LYS A 16 2.35 8.73 0.26
C LYS A 16 1.23 9.58 0.88
N THR A 17 1.45 10.86 1.06
CA THR A 17 0.39 11.72 1.67
C THR A 17 -0.83 11.76 0.75
N CYS A 18 -0.64 11.84 -0.53
CA CYS A 18 -1.80 11.90 -1.46
C CYS A 18 -2.60 10.59 -1.36
N LEU A 19 -1.97 9.52 -0.99
CA LEU A 19 -2.71 8.23 -0.88
C LEU A 19 -3.80 8.34 0.19
N LEU A 20 -3.50 8.96 1.30
CA LEU A 20 -4.52 9.09 2.38
C LEU A 20 -5.67 9.99 1.92
N ILE A 21 -5.38 11.06 1.22
CA ILE A 21 -6.47 11.96 0.76
C ILE A 21 -7.40 11.20 -0.18
N SER A 22 -6.86 10.41 -1.07
CA SER A 22 -7.72 9.66 -2.03
C SER A 22 -8.72 8.79 -1.26
N TYR A 23 -8.32 8.24 -0.14
CA TYR A 23 -9.27 7.38 0.62
C TYR A 23 -10.21 8.25 1.44
N THR A 24 -9.69 9.19 2.19
CA THR A 24 -10.57 10.06 3.02
C THR A 24 -11.55 10.82 2.13
N THR A 25 -11.13 11.22 0.96
CA THR A 25 -12.05 11.97 0.05
C THR A 25 -12.21 11.20 -1.26
N ASN A 26 -11.72 11.76 -2.33
CA ASN A 26 -11.83 11.07 -3.65
C ASN A 26 -10.92 11.79 -4.65
N LYS A 27 -10.06 12.65 -4.18
CA LYS A 27 -9.16 13.39 -5.10
C LYS A 27 -7.79 12.73 -5.16
N PHE A 28 -7.40 12.28 -6.32
CA PHE A 28 -6.07 11.63 -6.47
C PHE A 28 -5.01 12.72 -6.73
N PRO A 29 -5.36 13.72 -7.51
CA PRO A 29 -4.43 14.84 -7.83
C PRO A 29 -4.06 15.62 -6.57
N SER A 30 -4.92 15.61 -5.58
CA SER A 30 -4.64 16.35 -4.31
C SER A 30 -3.82 17.61 -4.60
N GLU A 31 -4.25 18.39 -5.56
CA GLU A 31 -3.50 19.63 -5.91
C GLU A 31 -3.03 20.33 -4.64
N TYR A 32 -3.79 20.24 -3.57
CA TYR A 32 -3.37 20.90 -2.30
C TYR A 32 -3.24 19.85 -1.18
N VAL A 33 -2.11 19.79 -0.54
CA VAL A 33 -1.91 18.78 0.54
C VAL A 33 -2.12 19.44 1.92
N PRO A 34 -3.19 19.12 2.62
CA PRO A 34 -3.47 19.68 3.96
C PRO A 34 -2.28 19.51 4.92
N ALA A 35 -2.24 20.28 5.97
CA ALA A 35 -1.11 20.17 6.94
C ALA A 35 -1.56 19.31 8.13
N VAL A 36 -1.78 18.04 7.89
CA VAL A 36 -2.22 17.15 9.01
C VAL A 36 -1.54 15.78 8.88
N PHE A 37 -1.09 15.23 9.97
CA PHE A 37 -0.44 13.89 9.92
C PHE A 37 -1.25 12.89 10.76
N ASP A 38 -2.33 13.33 11.34
CA ASP A 38 -3.14 12.43 12.19
C ASP A 38 -3.85 11.38 11.32
N ASN A 39 -3.89 10.16 11.79
CA ASN A 39 -4.56 9.07 11.00
C ASN A 39 -6.04 9.41 10.83
N TYR A 40 -6.70 8.80 9.87
CA TYR A 40 -8.14 9.09 9.64
C TYR A 40 -9.00 7.89 10.03
N ALA A 41 -10.09 8.11 10.71
CA ALA A 41 -10.98 6.99 11.09
C ALA A 41 -12.25 7.04 10.24
N VAL A 42 -12.58 5.97 9.56
CA VAL A 42 -13.81 5.98 8.71
C VAL A 42 -14.68 4.77 9.07
N THR A 43 -15.97 4.95 9.13
CA THR A 43 -16.86 3.80 9.46
C THR A 43 -17.23 3.07 8.17
N VAL A 44 -17.41 1.78 8.24
CA VAL A 44 -17.76 1.02 7.01
C VAL A 44 -18.97 0.11 7.27
N MET A 45 -19.66 -0.26 6.23
CA MET A 45 -20.85 -1.15 6.38
C MET A 45 -20.75 -2.31 5.40
N ILE A 46 -21.06 -3.50 5.85
CA ILE A 46 -21.01 -4.68 4.92
C ILE A 46 -22.32 -5.46 5.02
N GLY A 47 -22.69 -6.14 3.98
CA GLY A 47 -23.97 -6.92 4.02
C GLY A 47 -25.06 -6.07 4.68
N GLY A 48 -24.85 -4.78 4.76
CA GLY A 48 -25.88 -3.90 5.39
C GLY A 48 -25.68 -3.86 6.90
N GLU A 49 -24.55 -4.30 7.39
CA GLU A 49 -24.30 -4.29 8.86
C GLU A 49 -23.31 -3.17 9.20
N PRO A 50 -23.46 -2.55 10.36
CA PRO A 50 -22.56 -1.45 10.79
C PRO A 50 -21.17 -1.94 11.23
N TYR A 51 -20.13 -1.32 10.73
CA TYR A 51 -18.76 -1.76 11.11
C TYR A 51 -17.86 -0.52 11.22
N THR A 52 -16.75 -0.64 11.92
CA THR A 52 -15.82 0.52 12.07
C THR A 52 -14.48 0.17 11.42
N LEU A 53 -13.88 1.10 10.73
CA LEU A 53 -12.57 0.81 10.08
C LEU A 53 -11.51 1.78 10.61
N GLY A 54 -10.46 1.26 11.19
CA GLY A 54 -9.39 2.15 11.72
C GLY A 54 -8.18 2.09 10.79
N LEU A 55 -7.74 3.21 10.31
CA LEU A 55 -6.56 3.22 9.40
C LEU A 55 -5.33 3.66 10.17
N PHE A 56 -4.31 2.85 10.21
CA PHE A 56 -3.08 3.22 10.96
C PHE A 56 -1.96 3.54 9.96
N ASP A 57 -1.33 4.67 10.12
CA ASP A 57 -0.23 5.05 9.19
C ASP A 57 1.08 5.15 9.97
N THR A 58 2.18 4.84 9.35
CA THR A 58 3.48 4.91 10.06
C THR A 58 3.81 6.38 10.35
N ALA A 59 4.66 6.64 11.31
CA ALA A 59 5.01 8.05 11.63
C ALA A 59 6.49 8.12 12.01
N GLY A 60 7.06 9.29 11.97
CA GLY A 60 8.51 9.43 12.31
C GLY A 60 8.84 8.55 13.52
N GLN A 61 8.29 8.86 14.67
CA GLN A 61 8.58 8.05 15.88
C GLN A 61 10.10 8.07 16.16
N GLU A 62 10.48 8.35 17.37
CA GLU A 62 11.92 8.37 17.71
C GLU A 62 12.10 8.58 19.22
N ASP A 63 12.13 9.80 19.66
CA ASP A 63 12.34 10.07 21.11
C ASP A 63 11.03 9.92 21.88
N TYR A 64 10.02 9.34 21.29
CA TYR A 64 8.73 9.15 22.01
C TYR A 64 8.89 8.03 23.04
N ASP A 65 10.09 7.51 23.16
CA ASP A 65 10.34 6.41 24.15
C ASP A 65 9.43 5.22 23.85
N ARG A 66 9.37 4.82 22.61
CA ARG A 66 8.52 3.65 22.24
C ARG A 66 7.26 3.61 23.10
N LEU A 67 6.24 4.32 22.70
CA LEU A 67 4.98 4.33 23.50
C LEU A 67 4.28 2.98 23.34
N ARG A 68 4.01 2.31 24.43
CA ARG A 68 3.34 0.97 24.35
C ARG A 68 1.85 1.14 24.03
N PRO A 69 1.12 1.89 24.84
CA PRO A 69 -0.33 2.11 24.62
C PRO A 69 -0.67 2.31 23.14
N LEU A 70 0.26 2.82 22.38
CA LEU A 70 0.00 3.03 20.92
C LEU A 70 0.94 2.15 20.10
N SER A 71 0.84 0.86 20.25
CA SER A 71 1.73 -0.06 19.47
C SER A 71 0.90 -1.23 18.93
N TYR A 72 1.21 -1.71 17.76
CA TYR A 72 0.44 -2.84 17.18
C TYR A 72 1.40 -3.81 16.50
N PRO A 73 2.12 -4.59 17.27
CA PRO A 73 3.09 -5.58 16.73
C PRO A 73 2.44 -6.55 15.74
N GLN A 74 1.20 -6.90 15.96
CA GLN A 74 0.51 -7.84 15.04
C GLN A 74 -0.63 -7.10 14.32
N THR A 75 -0.71 -7.22 13.02
CA THR A 75 -1.79 -6.53 12.26
C THR A 75 -2.66 -7.57 11.55
N ASP A 76 -3.94 -7.32 11.45
CA ASP A 76 -4.84 -8.27 10.77
C ASP A 76 -4.55 -8.29 9.27
N VAL A 77 -4.16 -7.17 8.71
CA VAL A 77 -3.86 -7.13 7.25
C VAL A 77 -2.61 -6.30 7.00
N PHE A 78 -1.71 -6.80 6.18
CA PHE A 78 -0.47 -6.02 5.87
C PHE A 78 -0.55 -5.58 4.40
N LEU A 79 -0.50 -4.30 4.15
CA LEU A 79 -0.59 -3.81 2.75
C LEU A 79 0.74 -3.18 2.31
N VAL A 80 1.15 -3.45 1.10
CA VAL A 80 2.43 -2.87 0.59
C VAL A 80 2.15 -2.06 -0.68
N CYS A 81 2.71 -0.89 -0.78
CA CYS A 81 2.46 -0.05 -2.00
C CYS A 81 3.80 0.39 -2.58
N PHE A 82 4.00 0.17 -3.86
CA PHE A 82 5.28 0.57 -4.50
C PHE A 82 5.01 1.14 -5.89
N SER A 83 5.97 1.86 -6.43
CA SER A 83 5.78 2.44 -7.79
C SER A 83 6.31 1.46 -8.85
N VAL A 84 5.66 1.36 -9.96
CA VAL A 84 6.12 0.41 -11.01
C VAL A 84 6.90 1.17 -12.10
N VAL A 85 6.95 2.46 -12.02
CA VAL A 85 7.70 3.25 -13.04
C VAL A 85 9.17 3.40 -12.62
N SER A 86 9.46 3.17 -11.37
CA SER A 86 10.88 3.31 -10.90
C SER A 86 11.55 1.93 -10.85
N PRO A 87 12.76 1.82 -11.35
CA PRO A 87 13.51 0.53 -11.34
C PRO A 87 14.05 0.18 -9.95
N SER A 88 14.82 1.06 -9.37
CA SER A 88 15.39 0.78 -8.01
C SER A 88 14.26 0.45 -7.05
N SER A 89 13.12 1.05 -7.20
CA SER A 89 11.98 0.77 -6.29
C SER A 89 11.57 -0.69 -6.45
N PHE A 90 11.84 -1.26 -7.59
CA PHE A 90 11.47 -2.69 -7.82
C PHE A 90 12.37 -3.59 -6.96
N GLU A 91 13.65 -3.39 -7.04
CA GLU A 91 14.59 -4.22 -6.23
C GLU A 91 14.41 -3.93 -4.75
N ASN A 92 14.16 -2.70 -4.40
CA ASN A 92 13.98 -2.36 -2.95
C ASN A 92 12.92 -3.28 -2.33
N VAL A 93 11.93 -3.65 -3.08
CA VAL A 93 10.87 -4.55 -2.53
C VAL A 93 11.47 -5.90 -2.16
N LYS A 94 12.43 -6.36 -2.91
CA LYS A 94 13.03 -7.69 -2.60
C LYS A 94 14.24 -7.51 -1.66
N GLU A 95 15.00 -6.47 -1.87
CA GLU A 95 16.21 -6.24 -1.03
C GLU A 95 15.85 -5.90 0.42
N LYS A 96 14.78 -5.17 0.65
CA LYS A 96 14.44 -4.79 2.07
C LYS A 96 13.14 -5.46 2.54
N TRP A 97 12.08 -5.32 1.80
CA TRP A 97 10.76 -5.88 2.25
C TRP A 97 10.73 -7.42 2.27
N VAL A 98 11.34 -8.10 1.34
CA VAL A 98 11.27 -9.59 1.36
C VAL A 98 11.91 -10.17 2.64
N PRO A 99 13.14 -9.80 2.96
CA PRO A 99 13.82 -10.33 4.18
C PRO A 99 13.27 -9.72 5.49
N GLU A 100 13.06 -8.44 5.51
CA GLU A 100 12.55 -7.79 6.76
C GLU A 100 11.15 -8.29 7.11
N ILE A 101 10.35 -8.66 6.16
CA ILE A 101 8.98 -9.15 6.48
C ILE A 101 9.06 -10.41 7.35
N THR A 102 10.14 -11.13 7.27
CA THR A 102 10.27 -12.37 8.09
C THR A 102 10.08 -12.02 9.56
N HIS A 103 10.56 -10.87 9.96
CA HIS A 103 10.42 -10.46 11.39
C HIS A 103 8.95 -10.59 11.81
N HIS A 104 8.03 -10.35 10.91
CA HIS A 104 6.60 -10.46 11.27
C HIS A 104 6.09 -11.88 10.95
N CYS A 105 6.91 -12.68 10.34
CA CYS A 105 6.49 -14.06 9.99
C CYS A 105 5.16 -14.02 9.21
N PRO A 106 4.77 -15.13 8.64
CA PRO A 106 3.50 -15.22 7.84
C PRO A 106 2.24 -15.34 8.70
N LYS A 107 2.28 -14.86 9.91
CA LYS A 107 1.07 -14.97 10.78
C LYS A 107 -0.13 -14.32 10.09
N THR A 108 0.09 -13.27 9.34
CA THR A 108 -1.04 -12.59 8.64
C THR A 108 -0.84 -12.71 7.13
N PRO A 109 -1.91 -12.54 6.38
CA PRO A 109 -1.87 -12.63 4.89
C PRO A 109 -1.00 -11.52 4.27
N PHE A 110 -0.36 -11.80 3.17
CA PHE A 110 0.50 -10.77 2.52
C PHE A 110 -0.16 -10.33 1.21
N LEU A 111 -0.36 -9.05 1.05
CA LEU A 111 -1.00 -8.55 -0.21
C LEU A 111 -0.01 -7.65 -0.96
N LEU A 112 0.20 -7.91 -2.22
CA LEU A 112 1.13 -7.05 -3.01
C LEU A 112 0.29 -6.19 -3.96
N VAL A 113 0.34 -4.90 -3.79
CA VAL A 113 -0.49 -4.00 -4.67
C VAL A 113 0.40 -3.16 -5.58
N GLY A 114 0.03 -3.06 -6.82
CA GLY A 114 0.80 -2.22 -7.77
C GLY A 114 0.16 -0.85 -7.83
N THR A 115 0.88 0.18 -7.47
CA THR A 115 0.29 1.54 -7.48
C THR A 115 1.04 2.45 -8.45
N GLN A 116 0.34 3.38 -9.05
CA GLN A 116 0.98 4.34 -10.00
C GLN A 116 1.05 3.72 -11.41
N ILE A 117 0.26 2.71 -11.69
CA ILE A 117 0.30 2.14 -13.06
C ILE A 117 -0.14 3.23 -14.03
N ASP A 118 -0.59 2.89 -15.21
CA ASP A 118 -1.02 3.95 -16.16
C ASP A 118 0.19 4.83 -16.51
N LEU A 119 0.76 5.49 -15.54
CA LEU A 119 1.94 6.34 -15.83
C LEU A 119 2.97 5.49 -16.55
N ARG A 120 3.04 4.22 -16.23
CA ARG A 120 4.01 3.33 -16.93
C ARG A 120 3.76 3.46 -18.44
N ASP A 121 2.64 4.01 -18.79
CA ASP A 121 2.31 4.19 -20.23
C ASP A 121 2.41 5.68 -20.55
N ASP A 122 3.55 6.27 -20.32
CA ASP A 122 3.73 7.72 -20.60
C ASP A 122 5.10 7.93 -21.26
N PRO A 123 5.15 8.22 -22.53
CA PRO A 123 6.45 8.43 -23.24
C PRO A 123 7.38 9.35 -22.45
N SER A 124 6.86 10.38 -21.84
CA SER A 124 7.73 11.31 -21.06
C SER A 124 8.45 10.53 -19.96
N THR A 125 7.79 9.63 -19.29
CA THR A 125 8.46 8.83 -18.23
C THR A 125 9.44 7.87 -18.92
N ILE A 126 8.95 7.17 -19.91
CA ILE A 126 9.82 6.21 -20.64
C ILE A 126 11.06 6.94 -21.15
N GLU A 127 10.92 8.17 -21.56
CA GLU A 127 12.10 8.93 -22.05
C GLU A 127 13.09 9.15 -20.91
N LYS A 128 12.62 9.57 -19.78
CA LYS A 128 13.54 9.81 -18.62
C LYS A 128 14.26 8.51 -18.27
N LEU A 129 13.58 7.39 -18.34
CA LEU A 129 14.24 6.10 -18.02
C LEU A 129 15.16 5.71 -19.19
N ALA A 130 14.75 6.03 -20.38
CA ALA A 130 15.57 5.68 -21.58
C ALA A 130 17.00 6.17 -21.39
N LYS A 131 17.18 7.35 -20.88
CA LYS A 131 18.57 7.87 -20.68
C LYS A 131 19.33 6.94 -19.74
N ASN A 132 18.66 6.41 -18.75
CA ASN A 132 19.35 5.50 -17.79
C ASN A 132 19.23 4.06 -18.28
N LYS A 133 18.67 3.86 -19.44
CA LYS A 133 18.53 2.47 -19.97
C LYS A 133 17.88 1.57 -18.92
N GLN A 134 16.90 2.07 -18.21
CA GLN A 134 16.24 1.25 -17.17
C GLN A 134 14.92 0.67 -17.72
N LYS A 135 14.08 1.52 -18.25
CA LYS A 135 12.78 1.04 -18.81
C LYS A 135 11.89 0.57 -17.64
N PRO A 136 10.59 0.76 -17.76
CA PRO A 136 9.63 0.36 -16.69
C PRO A 136 9.53 -1.16 -16.50
N ILE A 137 9.19 -1.60 -15.33
CA ILE A 137 9.08 -3.07 -15.08
C ILE A 137 7.63 -3.49 -15.29
N THR A 138 7.41 -4.65 -15.87
CA THR A 138 6.02 -5.12 -16.11
C THR A 138 5.48 -5.79 -14.85
N PRO A 139 4.18 -5.80 -14.70
CA PRO A 139 3.52 -6.42 -13.52
C PRO A 139 3.81 -7.92 -13.43
N GLU A 140 4.05 -8.55 -14.54
CA GLU A 140 4.35 -10.02 -14.51
C GLU A 140 5.66 -10.25 -13.75
N THR A 141 6.62 -9.39 -13.92
CA THR A 141 7.91 -9.57 -13.20
C THR A 141 7.66 -9.42 -11.69
N ALA A 142 6.76 -8.55 -11.31
CA ALA A 142 6.46 -8.36 -9.87
C ALA A 142 5.61 -9.51 -9.36
N GLU A 143 4.74 -10.04 -10.19
CA GLU A 143 3.86 -11.15 -9.75
C GLU A 143 4.70 -12.37 -9.34
N LYS A 144 5.80 -12.60 -10.00
CA LYS A 144 6.64 -13.77 -9.65
C LYS A 144 7.19 -13.59 -8.23
N LEU A 145 7.50 -12.37 -7.86
CA LEU A 145 8.05 -12.12 -6.49
C LEU A 145 7.04 -12.58 -5.44
N ALA A 146 5.78 -12.34 -5.67
CA ALA A 146 4.75 -12.76 -4.67
C ALA A 146 4.68 -14.29 -4.62
N ARG A 147 4.70 -14.93 -5.77
CA ARG A 147 4.62 -16.42 -5.78
C ARG A 147 5.98 -17.04 -5.45
N ASP A 148 6.94 -16.24 -5.05
CA ASP A 148 8.26 -16.82 -4.69
C ASP A 148 8.20 -17.32 -3.24
N LEU A 149 7.35 -16.71 -2.45
CA LEU A 149 7.22 -17.14 -1.01
C LEU A 149 5.80 -17.66 -0.77
N LYS A 150 4.97 -16.86 -0.17
CA LYS A 150 3.57 -17.31 0.09
C LYS A 150 2.60 -16.13 -0.04
N ALA A 151 2.75 -15.34 -1.07
CA ALA A 151 1.82 -14.18 -1.25
C ALA A 151 0.39 -14.70 -1.41
N VAL A 152 -0.56 -14.07 -0.78
CA VAL A 152 -1.97 -14.54 -0.90
C VAL A 152 -2.57 -14.09 -2.24
N LYS A 153 -2.61 -12.81 -2.49
CA LYS A 153 -3.18 -12.33 -3.77
C LYS A 153 -2.62 -10.94 -4.11
N TYR A 154 -2.45 -10.65 -5.36
CA TYR A 154 -1.91 -9.31 -5.76
C TYR A 154 -2.90 -8.62 -6.69
N VAL A 155 -2.90 -7.31 -6.73
CA VAL A 155 -3.85 -6.58 -7.61
C VAL A 155 -3.18 -5.33 -8.17
N GLU A 156 -3.66 -4.83 -9.27
CA GLU A 156 -3.07 -3.59 -9.86
C GLU A 156 -4.01 -2.42 -9.56
N CYS A 157 -3.50 -1.35 -9.00
CA CYS A 157 -4.39 -0.19 -8.67
C CYS A 157 -3.91 1.08 -9.37
N SER A 158 -4.80 1.79 -10.02
CA SER A 158 -4.39 3.04 -10.70
C SER A 158 -4.97 4.24 -9.96
N ALA A 159 -4.13 5.02 -9.33
CA ALA A 159 -4.61 6.21 -8.56
C ALA A 159 -5.19 7.25 -9.52
N LEU A 160 -4.72 7.30 -10.74
CA LEU A 160 -5.26 8.29 -11.71
C LEU A 160 -6.78 8.17 -11.72
N THR A 161 -7.28 6.98 -11.55
CA THR A 161 -8.73 6.77 -11.52
C THR A 161 -9.07 5.98 -10.25
N GLN A 162 -10.24 6.16 -9.75
CA GLN A 162 -10.64 5.42 -8.51
C GLN A 162 -10.53 3.91 -8.74
N LYS A 163 -9.89 3.48 -9.80
CA LYS A 163 -9.77 2.02 -10.06
C LYS A 163 -8.75 1.41 -9.10
N GLY A 164 -8.25 2.19 -8.16
CA GLY A 164 -7.26 1.64 -7.20
C GLY A 164 -7.93 1.25 -5.89
N LEU A 165 -8.71 2.15 -5.33
CA LEU A 165 -9.40 1.83 -4.04
C LEU A 165 -10.46 0.75 -4.26
N LYS A 166 -11.16 0.83 -5.37
CA LYS A 166 -12.22 -0.17 -5.66
C LYS A 166 -11.62 -1.58 -5.75
N ASN A 167 -10.39 -1.69 -6.16
CA ASN A 167 -9.76 -3.03 -6.27
C ASN A 167 -9.35 -3.54 -4.89
N VAL A 168 -8.65 -2.73 -4.13
CA VAL A 168 -8.20 -3.17 -2.77
C VAL A 168 -9.37 -3.19 -1.80
N PHE A 169 -10.49 -2.63 -2.17
CA PHE A 169 -11.66 -2.62 -1.24
C PHE A 169 -12.29 -4.03 -1.17
N ASP A 170 -12.49 -4.66 -2.29
CA ASP A 170 -13.11 -6.02 -2.28
C ASP A 170 -12.26 -6.98 -1.45
N GLU A 171 -10.96 -6.95 -1.59
CA GLU A 171 -10.10 -7.86 -0.80
C GLU A 171 -10.17 -7.49 0.68
N ALA A 172 -10.33 -6.24 0.97
CA ALA A 172 -10.40 -5.80 2.40
C ALA A 172 -11.59 -6.46 3.09
N ILE A 173 -12.65 -6.74 2.38
CA ILE A 173 -13.83 -7.37 3.01
C ILE A 173 -13.46 -8.78 3.52
N LEU A 174 -12.74 -9.52 2.74
CA LEU A 174 -12.36 -10.90 3.17
C LEU A 174 -11.68 -10.85 4.54
N ALA A 175 -10.78 -9.93 4.74
CA ALA A 175 -10.09 -9.84 6.05
C ALA A 175 -11.10 -9.47 7.13
N ALA A 176 -12.05 -8.64 6.82
CA ALA A 176 -13.06 -8.23 7.83
C ALA A 176 -13.73 -9.47 8.43
N LEU A 177 -14.15 -10.37 7.59
CA LEU A 177 -14.82 -11.61 8.11
C LEU A 177 -13.81 -12.41 8.94
N GLU A 178 -12.58 -12.47 8.49
CA GLU A 178 -11.55 -13.24 9.24
C GLU A 178 -11.26 -12.54 10.57
N MET A 1 -18.95 -2.37 19.00
CA MET A 1 -17.87 -3.37 19.20
C MET A 1 -17.42 -3.90 17.84
N GLN A 2 -16.51 -4.85 17.85
CA GLN A 2 -15.99 -5.42 16.57
C GLN A 2 -15.36 -4.32 15.73
N THR A 3 -14.05 -4.24 15.73
CA THR A 3 -13.34 -3.20 14.93
C THR A 3 -12.34 -3.87 14.00
N ILE A 4 -11.94 -3.19 12.96
CA ILE A 4 -10.95 -3.79 12.00
C ILE A 4 -9.70 -2.93 11.96
N LYS A 5 -8.57 -3.48 12.32
CA LYS A 5 -7.31 -2.69 12.31
C LYS A 5 -6.59 -2.91 10.97
N CYS A 6 -6.14 -1.84 10.36
CA CYS A 6 -5.42 -1.98 9.06
C CYS A 6 -4.19 -1.07 9.06
N VAL A 7 -3.04 -1.63 8.78
CA VAL A 7 -1.78 -0.81 8.76
C VAL A 7 -1.22 -0.75 7.34
N VAL A 8 -0.80 0.41 6.92
CA VAL A 8 -0.22 0.56 5.54
C VAL A 8 1.20 1.09 5.66
N VAL A 9 2.12 0.57 4.89
CA VAL A 9 3.52 1.06 4.95
C VAL A 9 4.13 1.02 3.55
N GLY A 10 4.97 1.97 3.22
CA GLY A 10 5.59 1.98 1.86
C GLY A 10 7.08 2.33 1.99
N ASP A 11 7.87 1.92 1.03
CA ASP A 11 9.33 2.23 1.09
C ASP A 11 9.59 3.57 0.41
N GLY A 12 9.84 4.60 1.18
CA GLY A 12 10.12 5.94 0.58
C GLY A 12 9.17 6.17 -0.60
N ALA A 13 7.90 6.33 -0.35
CA ALA A 13 6.94 6.57 -1.46
C ALA A 13 6.96 8.04 -1.84
N VAL A 14 7.07 8.33 -3.10
CA VAL A 14 7.10 9.76 -3.55
C VAL A 14 5.77 10.43 -3.17
N GLY A 15 4.67 9.76 -3.44
CA GLY A 15 3.34 10.34 -3.11
C GLY A 15 2.70 9.53 -1.97
N LYS A 16 3.43 9.28 -0.92
CA LYS A 16 2.86 8.48 0.20
C LYS A 16 1.63 9.20 0.76
N THR A 17 1.69 10.50 0.88
CA THR A 17 0.52 11.26 1.41
C THR A 17 -0.67 11.10 0.46
N CYS A 18 -0.42 11.16 -0.81
CA CYS A 18 -1.54 11.02 -1.80
C CYS A 18 -2.28 9.71 -1.57
N LEU A 19 -1.61 8.69 -1.09
CA LEU A 19 -2.31 7.40 -0.85
C LEU A 19 -3.44 7.61 0.16
N LEU A 20 -3.19 8.36 1.20
CA LEU A 20 -4.26 8.61 2.21
C LEU A 20 -5.30 9.58 1.63
N ILE A 21 -4.86 10.59 0.91
CA ILE A 21 -5.83 11.55 0.32
C ILE A 21 -6.79 10.80 -0.59
N SER A 22 -6.29 9.98 -1.47
CA SER A 22 -7.17 9.23 -2.39
C SER A 22 -8.19 8.41 -1.59
N TYR A 23 -7.82 7.95 -0.43
CA TYR A 23 -8.77 7.15 0.38
C TYR A 23 -9.72 8.09 1.14
N THR A 24 -9.19 9.07 1.83
CA THR A 24 -10.06 10.00 2.59
C THR A 24 -11.07 10.65 1.65
N THR A 25 -10.64 11.07 0.49
CA THR A 25 -11.58 11.70 -0.49
C THR A 25 -11.60 10.85 -1.75
N ASN A 26 -11.08 11.34 -2.83
CA ASN A 26 -11.07 10.54 -4.09
C ASN A 26 -9.80 10.85 -4.90
N LYS A 27 -8.84 11.52 -4.29
CA LYS A 27 -7.56 11.85 -5.01
C LYS A 27 -7.80 13.04 -5.94
N PHE A 28 -8.37 12.81 -7.08
CA PHE A 28 -8.62 13.90 -8.06
C PHE A 28 -9.01 15.21 -7.34
N PRO A 29 -10.04 15.19 -6.52
CA PRO A 29 -10.49 16.42 -5.80
C PRO A 29 -9.32 17.32 -5.40
N SER A 30 -8.35 16.77 -4.71
CA SER A 30 -7.18 17.60 -4.29
C SER A 30 -5.96 17.18 -5.11
N GLU A 31 -5.13 18.11 -5.48
CA GLU A 31 -3.92 17.77 -6.26
C GLU A 31 -2.70 17.92 -5.36
N TYR A 32 -2.84 18.66 -4.30
CA TYR A 32 -1.70 18.87 -3.37
C TYR A 32 -2.14 18.68 -1.92
N VAL A 33 -1.21 18.46 -1.04
CA VAL A 33 -1.55 18.28 0.40
C VAL A 33 -0.77 19.31 1.23
N PRO A 34 -1.25 20.52 1.28
CA PRO A 34 -0.58 21.62 2.04
C PRO A 34 -0.09 21.16 3.41
N ALA A 35 -0.99 20.78 4.29
CA ALA A 35 -0.56 20.34 5.64
C ALA A 35 -1.35 19.08 6.03
N VAL A 36 -0.92 18.39 7.04
CA VAL A 36 -1.65 17.15 7.47
C VAL A 36 -1.79 17.15 8.98
N PHE A 37 -2.92 16.73 9.48
CA PHE A 37 -3.10 16.71 10.97
C PHE A 37 -2.60 15.37 11.53
N ASP A 38 -3.42 14.36 11.52
CA ASP A 38 -2.99 13.05 12.06
C ASP A 38 -3.70 11.92 11.30
N ASN A 39 -3.57 10.71 11.77
CA ASN A 39 -4.24 9.57 11.08
C ASN A 39 -5.72 9.89 10.90
N TYR A 40 -6.33 9.34 9.88
CA TYR A 40 -7.78 9.61 9.63
C TYR A 40 -8.57 8.31 9.72
N ALA A 41 -9.79 8.38 10.19
CA ALA A 41 -10.63 7.16 10.29
C ALA A 41 -11.81 7.27 9.32
N VAL A 42 -12.20 6.19 8.70
CA VAL A 42 -13.33 6.26 7.74
C VAL A 42 -14.35 5.16 8.07
N THR A 43 -15.62 5.49 8.07
CA THR A 43 -16.66 4.46 8.37
C THR A 43 -17.10 3.81 7.05
N VAL A 44 -17.15 2.51 7.02
CA VAL A 44 -17.56 1.81 5.76
C VAL A 44 -18.76 0.90 6.04
N MET A 45 -19.72 0.89 5.15
CA MET A 45 -20.91 0.03 5.35
C MET A 45 -20.66 -1.33 4.68
N ILE A 46 -21.02 -2.40 5.32
CA ILE A 46 -20.81 -3.74 4.71
C ILE A 46 -22.10 -4.55 4.81
N GLY A 47 -22.53 -5.17 3.74
CA GLY A 47 -23.77 -5.98 3.81
C GLY A 47 -24.87 -5.19 4.52
N GLY A 48 -24.73 -3.89 4.60
CA GLY A 48 -25.78 -3.08 5.29
C GLY A 48 -25.48 -3.00 6.79
N GLU A 49 -24.28 -3.36 7.19
CA GLU A 49 -23.93 -3.29 8.64
C GLU A 49 -22.83 -2.23 8.84
N PRO A 50 -23.04 -1.28 9.72
CA PRO A 50 -22.03 -0.19 9.96
C PRO A 50 -20.82 -0.67 10.76
N TYR A 51 -19.66 -0.61 10.16
CA TYR A 51 -18.42 -1.04 10.88
C TYR A 51 -17.39 0.09 10.78
N THR A 52 -16.67 0.36 11.84
CA THR A 52 -15.66 1.45 11.79
C THR A 52 -14.33 0.91 11.27
N LEU A 53 -13.56 1.73 10.61
CA LEU A 53 -12.25 1.27 10.07
C LEU A 53 -11.18 2.29 10.45
N GLY A 54 -10.05 1.84 10.94
CA GLY A 54 -8.97 2.79 11.32
C GLY A 54 -7.69 2.47 10.55
N LEU A 55 -7.07 3.46 9.96
CA LEU A 55 -5.82 3.21 9.19
C LEU A 55 -4.63 3.72 10.01
N PHE A 56 -3.60 2.93 10.14
CA PHE A 56 -2.41 3.38 10.93
C PHE A 56 -1.21 3.61 10.00
N ASP A 57 -0.53 4.71 10.16
CA ASP A 57 0.65 5.01 9.30
C ASP A 57 1.82 5.45 10.17
N THR A 58 3.02 5.14 9.78
CA THR A 58 4.20 5.54 10.59
C THR A 58 4.43 7.06 10.45
N ALA A 59 5.15 7.64 11.37
CA ALA A 59 5.40 9.11 11.30
C ALA A 59 6.89 9.38 11.48
N GLY A 60 7.37 10.49 10.98
CA GLY A 60 8.82 10.81 11.11
C GLY A 60 9.06 11.52 12.46
N GLN A 61 8.08 11.57 13.30
CA GLN A 61 8.26 12.25 14.61
C GLN A 61 8.89 11.27 15.61
N GLU A 62 9.94 10.61 15.22
CA GLU A 62 10.61 9.64 16.13
C GLU A 62 11.13 10.37 17.38
N ASP A 63 11.55 11.59 17.24
CA ASP A 63 12.09 12.34 18.42
C ASP A 63 11.08 12.31 19.58
N TYR A 64 9.82 12.26 19.30
CA TYR A 64 8.81 12.23 20.40
C TYR A 64 8.48 10.78 20.75
N ASP A 65 9.10 9.85 20.08
CA ASP A 65 8.83 8.41 20.38
C ASP A 65 7.32 8.18 20.52
N ARG A 66 6.55 8.72 19.63
CA ARG A 66 5.07 8.53 19.70
C ARG A 66 4.74 7.04 19.72
N LEU A 67 5.52 6.25 19.04
CA LEU A 67 5.25 4.79 19.02
C LEU A 67 6.09 4.09 20.09
N ARG A 68 5.45 3.37 20.96
CA ARG A 68 6.16 2.65 22.04
C ARG A 68 5.35 1.41 22.40
N PRO A 69 5.97 0.45 23.04
CA PRO A 69 5.27 -0.81 23.44
C PRO A 69 3.98 -0.54 24.23
N LEU A 70 3.52 0.69 24.27
CA LEU A 70 2.27 0.99 25.03
C LEU A 70 1.11 0.17 24.47
N SER A 71 1.06 0.01 23.17
CA SER A 71 -0.06 -0.77 22.56
C SER A 71 0.49 -1.84 21.61
N TYR A 72 -0.21 -2.92 21.45
CA TYR A 72 0.25 -4.00 20.53
C TYR A 72 -0.82 -4.24 19.46
N PRO A 73 -0.79 -3.47 18.41
CA PRO A 73 -1.78 -3.59 17.29
C PRO A 73 -1.96 -5.04 16.81
N GLN A 74 -3.13 -5.38 16.38
CA GLN A 74 -3.38 -6.78 15.89
C GLN A 74 -2.84 -6.91 14.46
N THR A 75 -3.42 -6.18 13.53
CA THR A 75 -2.96 -6.25 12.12
C THR A 75 -3.69 -7.40 11.42
N ASP A 76 -5.00 -7.44 11.52
CA ASP A 76 -5.77 -8.53 10.87
C ASP A 76 -5.48 -8.53 9.36
N VAL A 77 -5.24 -7.38 8.80
CA VAL A 77 -4.93 -7.30 7.34
C VAL A 77 -3.69 -6.44 7.12
N PHE A 78 -2.72 -6.94 6.40
CA PHE A 78 -1.50 -6.13 6.15
C PHE A 78 -1.52 -5.62 4.71
N LEU A 79 -1.43 -4.32 4.53
CA LEU A 79 -1.47 -3.77 3.14
C LEU A 79 -0.07 -3.27 2.74
N VAL A 80 0.33 -3.54 1.53
CA VAL A 80 1.66 -3.09 1.06
C VAL A 80 1.50 -2.28 -0.23
N CYS A 81 2.18 -1.18 -0.34
CA CYS A 81 2.04 -0.34 -1.57
C CYS A 81 3.43 -0.01 -2.13
N PHE A 82 3.65 -0.28 -3.40
CA PHE A 82 4.98 0.03 -4.00
C PHE A 82 4.76 0.68 -5.37
N SER A 83 5.78 1.27 -5.93
CA SER A 83 5.61 1.91 -7.27
C SER A 83 6.21 1.00 -8.34
N VAL A 84 5.60 0.92 -9.48
CA VAL A 84 6.13 0.04 -10.56
C VAL A 84 6.85 0.88 -11.62
N VAL A 85 6.88 2.17 -11.46
CA VAL A 85 7.58 3.03 -12.45
C VAL A 85 9.07 3.12 -12.11
N SER A 86 9.42 2.86 -10.88
CA SER A 86 10.86 2.94 -10.47
C SER A 86 11.37 1.52 -10.15
N PRO A 87 12.23 0.96 -10.97
CA PRO A 87 12.78 -0.41 -10.72
C PRO A 87 13.38 -0.55 -9.33
N SER A 88 14.04 0.48 -8.84
CA SER A 88 14.64 0.39 -7.48
C SER A 88 13.55 0.06 -6.46
N SER A 89 12.37 0.57 -6.66
CA SER A 89 11.26 0.28 -5.72
C SER A 89 10.89 -1.20 -5.85
N PHE A 90 11.23 -1.80 -6.96
CA PHE A 90 10.92 -3.24 -7.17
C PHE A 90 11.85 -4.07 -6.29
N GLU A 91 13.14 -3.79 -6.36
CA GLU A 91 14.10 -4.54 -5.52
C GLU A 91 13.87 -4.22 -4.05
N ASN A 92 13.52 -2.99 -3.76
CA ASN A 92 13.28 -2.61 -2.34
C ASN A 92 12.32 -3.61 -1.70
N VAL A 93 11.40 -4.12 -2.46
CA VAL A 93 10.44 -5.11 -1.89
C VAL A 93 11.20 -6.35 -1.42
N LYS A 94 12.23 -6.72 -2.11
CA LYS A 94 13.01 -7.92 -1.67
C LYS A 94 14.12 -7.51 -0.70
N GLU A 95 14.73 -6.39 -0.91
CA GLU A 95 15.85 -5.96 -0.02
C GLU A 95 15.37 -5.64 1.40
N LYS A 96 14.21 -5.04 1.55
CA LYS A 96 13.76 -4.68 2.94
C LYS A 96 12.53 -5.49 3.40
N TRP A 97 11.49 -5.52 2.61
CA TRP A 97 10.25 -6.24 3.04
C TRP A 97 10.46 -7.77 3.14
N VAL A 98 11.19 -8.38 2.25
CA VAL A 98 11.34 -9.86 2.36
C VAL A 98 12.03 -10.25 3.69
N PRO A 99 13.17 -9.68 4.00
CA PRO A 99 13.88 -10.01 5.28
C PRO A 99 13.13 -9.51 6.52
N GLU A 100 12.62 -8.31 6.47
CA GLU A 100 11.89 -7.74 7.64
C GLU A 100 10.81 -8.71 8.11
N ILE A 101 10.10 -9.33 7.21
CA ILE A 101 9.02 -10.28 7.63
C ILE A 101 9.64 -11.49 8.33
N THR A 102 10.80 -11.90 7.92
CA THR A 102 11.44 -13.08 8.57
C THR A 102 11.51 -12.86 10.08
N HIS A 103 11.78 -11.65 10.49
CA HIS A 103 11.86 -11.36 11.95
C HIS A 103 10.51 -11.69 12.61
N HIS A 104 9.43 -11.37 11.97
CA HIS A 104 8.09 -11.66 12.57
C HIS A 104 7.52 -12.94 11.95
N CYS A 105 8.25 -13.56 11.06
CA CYS A 105 7.74 -14.81 10.44
C CYS A 105 6.42 -14.51 9.71
N PRO A 106 5.97 -15.42 8.87
CA PRO A 106 4.71 -15.26 8.11
C PRO A 106 3.47 -15.46 8.99
N LYS A 107 3.49 -14.96 10.20
CA LYS A 107 2.32 -15.14 11.10
C LYS A 107 1.07 -14.50 10.50
N THR A 108 1.21 -13.40 9.80
CA THR A 108 0.00 -12.73 9.21
C THR A 108 0.12 -12.67 7.68
N PRO A 109 -1.00 -12.55 7.01
CA PRO A 109 -1.05 -12.48 5.51
C PRO A 109 -0.51 -11.15 4.97
N PHE A 110 0.15 -11.19 3.84
CA PHE A 110 0.69 -9.94 3.23
C PHE A 110 0.02 -9.70 1.88
N LEU A 111 -0.31 -8.46 1.60
CA LEU A 111 -0.98 -8.13 0.31
C LEU A 111 -0.08 -7.21 -0.51
N LEU A 112 0.26 -7.61 -1.72
CA LEU A 112 1.11 -6.74 -2.58
C LEU A 112 0.22 -6.03 -3.59
N VAL A 113 0.15 -4.73 -3.54
CA VAL A 113 -0.74 -3.99 -4.49
C VAL A 113 0.10 -3.19 -5.49
N GLY A 114 -0.25 -3.24 -6.74
CA GLY A 114 0.50 -2.47 -7.76
C GLY A 114 -0.10 -1.06 -7.85
N THR A 115 0.65 -0.06 -7.48
CA THR A 115 0.11 1.33 -7.51
C THR A 115 0.64 2.08 -8.73
N GLN A 116 -0.15 3.00 -9.24
CA GLN A 116 0.26 3.81 -10.41
C GLN A 116 0.52 2.91 -11.63
N ILE A 117 -0.31 1.92 -11.84
CA ILE A 117 -0.09 1.02 -13.01
C ILE A 117 -0.46 1.73 -14.32
N ASP A 118 -1.02 2.92 -14.22
CA ASP A 118 -1.40 3.67 -15.46
C ASP A 118 -0.18 4.45 -15.96
N LEU A 119 0.74 4.75 -15.08
CA LEU A 119 1.96 5.51 -15.50
C LEU A 119 2.77 4.64 -16.46
N ARG A 120 2.62 3.35 -16.37
CA ARG A 120 3.37 2.43 -17.28
C ARG A 120 3.31 2.99 -18.70
N ASP A 121 2.36 3.84 -18.98
CA ASP A 121 2.24 4.43 -20.34
C ASP A 121 2.33 5.95 -20.24
N ASP A 122 3.31 6.45 -19.54
CA ASP A 122 3.46 7.92 -19.39
C ASP A 122 4.80 8.35 -20.00
N PRO A 123 4.81 8.70 -21.26
CA PRO A 123 6.06 9.12 -21.97
C PRO A 123 6.83 10.18 -21.17
N SER A 124 6.15 11.13 -20.59
CA SER A 124 6.85 12.19 -19.82
C SER A 124 7.70 11.54 -18.71
N THR A 125 7.16 10.58 -18.02
CA THR A 125 7.96 9.92 -16.95
C THR A 125 9.06 9.08 -17.61
N ILE A 126 8.67 8.29 -18.57
CA ILE A 126 9.66 7.43 -19.28
C ILE A 126 10.85 8.29 -19.74
N GLU A 127 10.59 9.51 -20.13
CA GLU A 127 11.70 10.39 -20.57
C GLU A 127 12.62 10.67 -19.37
N LYS A 128 12.03 10.95 -18.24
CA LYS A 128 12.86 11.24 -17.03
C LYS A 128 13.69 10.00 -16.67
N LEU A 129 13.10 8.84 -16.74
CA LEU A 129 13.87 7.59 -16.42
C LEU A 129 14.81 7.27 -17.58
N ALA A 130 14.39 7.55 -18.79
CA ALA A 130 15.25 7.25 -19.97
C ALA A 130 16.65 7.78 -19.73
N LYS A 131 16.78 8.94 -19.16
CA LYS A 131 18.13 9.51 -18.90
C LYS A 131 18.92 8.56 -17.99
N ASN A 132 18.25 7.91 -17.07
CA ASN A 132 18.96 6.97 -16.15
C ASN A 132 19.09 5.61 -16.81
N LYS A 133 18.73 5.50 -18.06
CA LYS A 133 18.84 4.18 -18.77
C LYS A 133 17.96 3.14 -18.07
N GLN A 134 16.75 3.51 -17.73
CA GLN A 134 15.85 2.55 -17.06
C GLN A 134 14.43 2.74 -17.61
N LYS A 135 13.73 1.67 -17.82
CA LYS A 135 12.34 1.77 -18.35
C LYS A 135 11.36 1.16 -17.35
N PRO A 136 10.11 1.48 -17.48
CA PRO A 136 9.04 0.97 -16.57
C PRO A 136 8.94 -0.57 -16.61
N ILE A 137 8.62 -1.16 -15.49
CA ILE A 137 8.51 -2.64 -15.44
C ILE A 137 7.08 -3.07 -15.75
N THR A 138 6.91 -4.18 -16.42
CA THR A 138 5.53 -4.65 -16.76
C THR A 138 5.00 -5.50 -15.62
N PRO A 139 3.69 -5.58 -15.50
CA PRO A 139 3.03 -6.38 -14.43
C PRO A 139 3.46 -7.84 -14.48
N GLU A 140 3.72 -8.35 -15.65
CA GLU A 140 4.12 -9.78 -15.77
C GLU A 140 5.31 -10.06 -14.85
N THR A 141 6.21 -9.14 -14.71
CA THR A 141 7.37 -9.39 -13.81
C THR A 141 6.92 -9.18 -12.36
N ALA A 142 5.88 -8.43 -12.15
CA ALA A 142 5.38 -8.18 -10.78
C ALA A 142 4.63 -9.42 -10.28
N GLU A 143 3.80 -10.01 -11.10
CA GLU A 143 3.04 -11.21 -10.66
C GLU A 143 3.97 -12.38 -10.35
N LYS A 144 5.05 -12.53 -11.07
CA LYS A 144 5.98 -13.65 -10.78
C LYS A 144 6.62 -13.45 -9.40
N LEU A 145 6.94 -12.23 -9.07
CA LEU A 145 7.55 -11.95 -7.75
C LEU A 145 6.60 -12.41 -6.63
N ALA A 146 5.33 -12.21 -6.82
CA ALA A 146 4.36 -12.63 -5.77
C ALA A 146 4.35 -14.16 -5.68
N ARG A 147 4.35 -14.84 -6.80
CA ARG A 147 4.33 -16.33 -6.77
C ARG A 147 5.75 -16.85 -6.52
N ASP A 148 6.68 -15.98 -6.25
CA ASP A 148 8.08 -16.43 -5.99
C ASP A 148 8.42 -16.19 -4.51
N LEU A 149 7.90 -15.12 -3.96
CA LEU A 149 8.20 -14.80 -2.53
C LEU A 149 7.13 -15.40 -1.61
N LYS A 150 6.35 -16.34 -2.09
CA LYS A 150 5.30 -16.96 -1.24
C LYS A 150 4.28 -15.90 -0.80
N ALA A 151 4.06 -14.90 -1.61
CA ALA A 151 3.07 -13.84 -1.23
C ALA A 151 1.66 -14.45 -1.24
N VAL A 152 0.81 -14.02 -0.36
CA VAL A 152 -0.57 -14.59 -0.32
C VAL A 152 -1.33 -14.20 -1.59
N LYS A 153 -1.50 -12.93 -1.83
CA LYS A 153 -2.25 -12.49 -3.06
C LYS A 153 -1.77 -11.10 -3.49
N TYR A 154 -1.95 -10.75 -4.74
CA TYR A 154 -1.53 -9.41 -5.20
C TYR A 154 -2.66 -8.78 -6.01
N VAL A 155 -2.78 -7.46 -5.97
CA VAL A 155 -3.87 -6.79 -6.73
C VAL A 155 -3.31 -5.58 -7.49
N GLU A 156 -3.78 -5.36 -8.69
CA GLU A 156 -3.29 -4.18 -9.47
C GLU A 156 -4.26 -3.02 -9.26
N CYS A 157 -3.78 -1.91 -8.75
CA CYS A 157 -4.70 -0.76 -8.49
C CYS A 157 -4.14 0.54 -9.08
N SER A 158 -4.98 1.36 -9.65
CA SER A 158 -4.51 2.64 -10.24
C SER A 158 -5.12 3.82 -9.46
N ALA A 159 -4.29 4.59 -8.80
CA ALA A 159 -4.79 5.76 -8.02
C ALA A 159 -5.20 6.89 -8.98
N LEU A 160 -4.48 7.04 -10.07
CA LEU A 160 -4.84 8.12 -11.04
C LEU A 160 -6.32 7.97 -11.38
N THR A 161 -6.80 6.76 -11.36
CA THR A 161 -8.21 6.51 -11.67
C THR A 161 -8.86 5.90 -10.43
N GLN A 162 -10.11 6.10 -10.25
CA GLN A 162 -10.81 5.54 -9.06
C GLN A 162 -10.82 4.01 -9.15
N LYS A 163 -10.04 3.44 -10.03
CA LYS A 163 -10.03 1.96 -10.15
C LYS A 163 -8.98 1.37 -9.21
N GLY A 164 -8.35 2.18 -8.42
CA GLY A 164 -7.32 1.66 -7.48
C GLY A 164 -7.97 1.23 -6.16
N LEU A 165 -8.75 2.10 -5.57
CA LEU A 165 -9.40 1.76 -4.28
C LEU A 165 -10.50 0.72 -4.50
N LYS A 166 -11.23 0.83 -5.58
CA LYS A 166 -12.32 -0.15 -5.84
C LYS A 166 -11.76 -1.58 -5.95
N ASN A 167 -10.54 -1.70 -6.38
CA ASN A 167 -9.94 -3.07 -6.50
C ASN A 167 -9.57 -3.59 -5.10
N VAL A 168 -8.88 -2.80 -4.33
CA VAL A 168 -8.47 -3.22 -2.97
C VAL A 168 -9.64 -3.09 -1.99
N PHE A 169 -10.73 -2.50 -2.39
CA PHE A 169 -11.89 -2.35 -1.46
C PHE A 169 -12.60 -3.70 -1.28
N ASP A 170 -12.94 -4.35 -2.36
CA ASP A 170 -13.65 -5.64 -2.26
C ASP A 170 -12.80 -6.67 -1.49
N GLU A 171 -11.54 -6.75 -1.82
CA GLU A 171 -10.66 -7.73 -1.11
C GLU A 171 -10.48 -7.31 0.34
N ALA A 172 -10.48 -6.03 0.60
CA ALA A 172 -10.31 -5.55 2.00
C ALA A 172 -11.44 -6.07 2.88
N ILE A 173 -12.63 -6.15 2.35
CA ILE A 173 -13.78 -6.64 3.17
C ILE A 173 -13.66 -8.15 3.37
N LEU A 174 -13.29 -8.87 2.33
CA LEU A 174 -13.17 -10.35 2.46
C LEU A 174 -12.17 -10.69 3.57
N ALA A 175 -11.05 -10.03 3.61
CA ALA A 175 -10.04 -10.34 4.66
C ALA A 175 -10.60 -9.95 6.03
N ALA A 176 -11.39 -8.93 6.10
CA ALA A 176 -11.95 -8.50 7.41
C ALA A 176 -12.74 -9.65 8.03
N LEU A 177 -13.40 -10.44 7.22
CA LEU A 177 -14.18 -11.58 7.79
C LEU A 177 -13.23 -12.51 8.54
N GLU A 178 -12.06 -12.72 8.02
CA GLU A 178 -11.07 -13.61 8.70
C GLU A 178 -11.71 -14.98 8.92
N MET A 1 -12.44 -8.31 15.50
CA MET A 1 -13.91 -8.57 15.69
C MET A 1 -14.67 -7.24 15.63
N GLN A 2 -14.85 -6.60 16.75
CA GLN A 2 -15.58 -5.30 16.76
C GLN A 2 -14.79 -4.27 15.94
N THR A 3 -13.48 -4.36 15.98
CA THR A 3 -12.64 -3.39 15.22
C THR A 3 -11.69 -4.15 14.29
N ILE A 4 -11.37 -3.59 13.16
CA ILE A 4 -10.44 -4.26 12.22
C ILE A 4 -9.18 -3.42 12.08
N LYS A 5 -8.05 -3.98 12.43
CA LYS A 5 -6.78 -3.20 12.34
C LYS A 5 -6.15 -3.37 10.95
N CYS A 6 -5.83 -2.28 10.31
CA CYS A 6 -5.21 -2.36 8.95
C CYS A 6 -4.01 -1.42 8.91
N VAL A 7 -2.85 -1.93 8.57
CA VAL A 7 -1.64 -1.06 8.51
C VAL A 7 -1.14 -0.96 7.07
N VAL A 8 -0.75 0.21 6.66
CA VAL A 8 -0.24 0.39 5.27
C VAL A 8 1.26 0.70 5.33
N VAL A 9 2.05 0.08 4.49
CA VAL A 9 3.52 0.35 4.52
C VAL A 9 4.02 0.58 3.09
N GLY A 10 4.86 1.57 2.90
CA GLY A 10 5.39 1.83 1.53
C GLY A 10 6.87 2.18 1.63
N ASP A 11 7.66 1.74 0.68
CA ASP A 11 9.11 2.05 0.72
C ASP A 11 9.37 3.42 0.09
N GLY A 12 9.64 4.41 0.90
CA GLY A 12 9.89 5.77 0.35
C GLY A 12 8.88 6.06 -0.77
N ALA A 13 7.62 6.16 -0.43
CA ALA A 13 6.60 6.44 -1.48
C ALA A 13 6.57 7.94 -1.77
N VAL A 14 6.64 8.31 -3.02
CA VAL A 14 6.61 9.77 -3.37
C VAL A 14 5.28 10.37 -2.91
N GLY A 15 4.20 9.70 -3.18
CA GLY A 15 2.86 10.22 -2.76
C GLY A 15 2.29 9.31 -1.66
N LYS A 16 3.05 9.06 -0.63
CA LYS A 16 2.55 8.18 0.47
C LYS A 16 1.32 8.82 1.12
N THR A 17 1.32 10.11 1.30
CA THR A 17 0.16 10.77 1.94
C THR A 17 -0.99 10.88 0.93
N CYS A 18 -0.69 11.09 -0.32
CA CYS A 18 -1.77 11.23 -1.34
C CYS A 18 -2.54 9.91 -1.47
N LEU A 19 -1.90 8.80 -1.26
CA LEU A 19 -2.61 7.50 -1.37
C LEU A 19 -3.65 7.38 -0.26
N LEU A 20 -3.29 7.76 0.94
CA LEU A 20 -4.25 7.66 2.07
C LEU A 20 -5.37 8.70 1.91
N ILE A 21 -5.03 9.88 1.49
CA ILE A 21 -6.08 10.93 1.31
C ILE A 21 -7.02 10.54 0.18
N SER A 22 -6.51 9.92 -0.85
CA SER A 22 -7.40 9.52 -1.99
C SER A 22 -8.46 8.55 -1.47
N TYR A 23 -8.15 7.78 -0.47
CA TYR A 23 -9.15 6.82 0.07
C TYR A 23 -10.09 7.54 1.04
N THR A 24 -9.56 8.26 1.99
CA THR A 24 -10.42 8.97 2.98
C THR A 24 -11.22 10.08 2.29
N THR A 25 -10.62 10.80 1.39
CA THR A 25 -11.35 11.90 0.70
C THR A 25 -11.70 11.46 -0.72
N ASN A 26 -10.81 11.66 -1.66
CA ASN A 26 -11.09 11.25 -3.07
C ASN A 26 -10.17 12.01 -4.03
N LYS A 27 -9.46 12.99 -3.55
CA LYS A 27 -8.56 13.76 -4.46
C LYS A 27 -7.23 13.03 -4.60
N PHE A 28 -7.02 12.37 -5.70
CA PHE A 28 -5.73 11.65 -5.90
C PHE A 28 -4.59 12.67 -5.97
N PRO A 29 -4.80 13.78 -6.64
CA PRO A 29 -3.77 14.83 -6.79
C PRO A 29 -3.33 15.40 -5.43
N SER A 30 -4.23 15.47 -4.48
CA SER A 30 -3.85 16.01 -3.15
C SER A 30 -3.73 17.52 -3.25
N GLU A 31 -4.65 18.14 -3.95
CA GLU A 31 -4.62 19.61 -4.12
C GLU A 31 -4.30 20.31 -2.80
N TYR A 32 -3.04 20.36 -2.44
CA TYR A 32 -2.60 21.02 -1.17
C TYR A 32 -2.58 20.02 -0.02
N VAL A 33 -1.65 19.10 -0.02
CA VAL A 33 -1.58 18.10 1.07
C VAL A 33 -1.78 18.80 2.43
N PRO A 34 -2.36 18.12 3.39
CA PRO A 34 -2.60 18.68 4.75
C PRO A 34 -1.32 18.82 5.56
N ALA A 35 -1.22 19.86 6.36
CA ALA A 35 0.00 20.06 7.19
C ALA A 35 -0.08 19.22 8.47
N VAL A 36 -1.14 18.47 8.65
CA VAL A 36 -1.27 17.65 9.89
C VAL A 36 -1.11 16.16 9.55
N PHE A 37 -0.47 15.42 10.41
CA PHE A 37 -0.27 13.96 10.15
C PHE A 37 -1.13 13.14 11.12
N ASP A 38 -2.09 13.75 11.76
CA ASP A 38 -2.94 13.00 12.72
C ASP A 38 -3.72 11.91 11.97
N ASN A 39 -3.66 10.70 12.47
CA ASN A 39 -4.38 9.59 11.79
C ASN A 39 -5.89 9.75 12.00
N TYR A 40 -6.68 9.28 11.07
CA TYR A 40 -8.16 9.41 11.21
C TYR A 40 -8.83 8.04 11.03
N ALA A 41 -9.98 7.85 11.62
CA ALA A 41 -10.68 6.55 11.49
C ALA A 41 -11.86 6.71 10.52
N VAL A 42 -12.16 5.69 9.76
CA VAL A 42 -13.29 5.78 8.80
C VAL A 42 -14.23 4.59 8.99
N THR A 43 -15.51 4.80 8.77
CA THR A 43 -16.49 3.69 8.93
C THR A 43 -17.21 3.45 7.60
N VAL A 44 -17.49 2.21 7.28
CA VAL A 44 -18.18 1.92 5.99
C VAL A 44 -19.45 1.11 6.26
N MET A 45 -20.38 1.13 5.34
CA MET A 45 -21.65 0.37 5.54
C MET A 45 -21.72 -0.78 4.53
N ILE A 46 -22.21 -1.92 4.96
CA ILE A 46 -22.32 -3.08 4.03
C ILE A 46 -23.78 -3.53 3.97
N GLY A 47 -24.24 -3.96 2.83
CA GLY A 47 -25.67 -4.40 2.73
C GLY A 47 -25.98 -5.32 3.92
N GLY A 48 -24.99 -6.01 4.41
CA GLY A 48 -25.21 -6.91 5.58
C GLY A 48 -25.20 -6.08 6.86
N GLU A 49 -24.06 -5.95 7.49
CA GLU A 49 -23.98 -5.15 8.75
C GLU A 49 -22.88 -4.10 8.64
N PRO A 50 -22.97 -3.05 9.41
CA PRO A 50 -21.97 -1.94 9.41
C PRO A 50 -20.66 -2.35 10.11
N TYR A 51 -19.54 -1.98 9.54
CA TYR A 51 -18.24 -2.33 10.17
C TYR A 51 -17.36 -1.08 10.23
N THR A 52 -16.47 -1.00 11.17
CA THR A 52 -15.59 0.20 11.28
C THR A 52 -14.12 -0.21 11.11
N LEU A 53 -13.29 0.71 10.73
CA LEU A 53 -11.85 0.37 10.54
C LEU A 53 -11.02 1.66 10.57
N GLY A 54 -9.74 1.55 10.80
CA GLY A 54 -8.89 2.77 10.84
C GLY A 54 -7.53 2.46 10.21
N LEU A 55 -6.83 3.47 9.76
CA LEU A 55 -5.49 3.23 9.15
C LEU A 55 -4.41 3.67 10.12
N PHE A 56 -3.45 2.82 10.38
CA PHE A 56 -2.36 3.20 11.33
C PHE A 56 -1.02 3.23 10.58
N ASP A 57 -0.24 4.25 10.81
CA ASP A 57 1.08 4.35 10.11
C ASP A 57 2.14 4.86 11.10
N THR A 58 3.39 4.76 10.74
CA THR A 58 4.46 5.25 11.66
C THR A 58 4.61 6.76 11.53
N ALA A 59 5.07 7.42 12.56
CA ALA A 59 5.25 8.89 12.49
C ALA A 59 6.74 9.22 12.59
N GLY A 60 7.58 8.29 12.20
CA GLY A 60 9.05 8.54 12.27
C GLY A 60 9.56 8.08 13.64
N GLN A 61 10.55 7.23 13.66
CA GLN A 61 11.10 6.75 14.96
C GLN A 61 12.49 7.35 15.19
N GLU A 62 12.62 8.21 16.16
CA GLU A 62 13.95 8.83 16.43
C GLU A 62 14.14 9.00 17.93
N ASP A 63 14.25 10.22 18.38
CA ASP A 63 14.44 10.46 19.84
C ASP A 63 13.09 10.53 20.55
N TYR A 64 12.03 10.15 19.90
CA TYR A 64 10.69 10.19 20.56
C TYR A 64 10.56 8.99 21.50
N ASP A 65 11.50 8.10 21.47
CA ASP A 65 11.44 6.90 22.37
C ASP A 65 10.03 6.31 22.35
N ARG A 66 9.46 6.14 21.19
CA ARG A 66 8.09 5.56 21.11
C ARG A 66 8.05 4.20 21.79
N LEU A 67 9.18 3.54 21.89
CA LEU A 67 9.22 2.20 22.53
C LEU A 67 9.31 2.35 24.05
N ARG A 68 9.19 3.56 24.55
CA ARG A 68 9.27 3.77 26.03
C ARG A 68 8.42 2.73 26.78
N PRO A 69 7.17 2.58 26.43
CA PRO A 69 6.27 1.61 27.12
C PRO A 69 6.57 0.16 26.74
N LEU A 70 5.79 -0.44 25.86
CA LEU A 70 6.05 -1.85 25.47
C LEU A 70 6.01 -1.96 23.94
N SER A 71 5.02 -2.62 23.42
CA SER A 71 4.92 -2.77 21.94
C SER A 71 3.48 -3.13 21.55
N TYR A 72 3.14 -2.96 20.30
CA TYR A 72 1.76 -3.29 19.85
C TYR A 72 1.84 -4.17 18.61
N PRO A 73 2.21 -5.41 18.78
CA PRO A 73 2.34 -6.38 17.65
C PRO A 73 1.00 -7.00 17.25
N GLN A 74 0.09 -6.20 16.74
CA GLN A 74 -1.23 -6.75 16.31
C GLN A 74 -1.52 -6.28 14.89
N THR A 75 -1.78 -7.20 14.00
CA THR A 75 -2.08 -6.80 12.58
C THR A 75 -2.99 -7.84 11.93
N ASP A 76 -4.26 -7.57 11.88
CA ASP A 76 -5.21 -8.53 11.25
C ASP A 76 -4.84 -8.73 9.77
N VAL A 77 -4.36 -7.70 9.13
CA VAL A 77 -3.99 -7.82 7.70
C VAL A 77 -2.88 -6.83 7.34
N PHE A 78 -1.96 -7.22 6.50
CA PHE A 78 -0.86 -6.30 6.10
C PHE A 78 -1.13 -5.75 4.69
N LEU A 79 -1.10 -4.46 4.53
CA LEU A 79 -1.36 -3.87 3.18
C LEU A 79 -0.06 -3.24 2.67
N VAL A 80 0.39 -3.61 1.50
CA VAL A 80 1.65 -3.03 0.95
C VAL A 80 1.40 -2.51 -0.46
N CYS A 81 1.93 -1.35 -0.77
CA CYS A 81 1.72 -0.79 -2.14
C CYS A 81 3.07 -0.33 -2.71
N PHE A 82 3.28 -0.52 -3.99
CA PHE A 82 4.58 -0.10 -4.60
C PHE A 82 4.32 0.48 -5.99
N SER A 83 5.23 1.27 -6.50
CA SER A 83 5.04 1.85 -7.86
C SER A 83 5.61 0.90 -8.90
N VAL A 84 5.07 0.91 -10.09
CA VAL A 84 5.60 -0.01 -11.15
C VAL A 84 6.55 0.75 -12.08
N VAL A 85 6.84 1.99 -11.79
CA VAL A 85 7.76 2.78 -12.65
C VAL A 85 9.13 2.94 -11.97
N SER A 86 9.28 2.46 -10.77
CA SER A 86 10.58 2.61 -10.05
C SER A 86 11.21 1.23 -9.82
N PRO A 87 12.05 0.78 -10.73
CA PRO A 87 12.71 -0.54 -10.62
C PRO A 87 13.38 -0.76 -9.26
N SER A 88 14.19 0.17 -8.81
CA SER A 88 14.87 -0.02 -7.49
C SER A 88 13.81 -0.30 -6.41
N SER A 89 12.69 0.35 -6.48
CA SER A 89 11.63 0.10 -5.47
C SER A 89 11.17 -1.35 -5.61
N PHE A 90 11.49 -1.98 -6.71
CA PHE A 90 11.09 -3.40 -6.91
C PHE A 90 12.00 -4.30 -6.07
N GLU A 91 13.29 -4.12 -6.20
CA GLU A 91 14.23 -4.97 -5.41
C GLU A 91 14.12 -4.63 -3.93
N ASN A 92 13.97 -3.36 -3.60
CA ASN A 92 13.85 -2.97 -2.17
C ASN A 92 12.73 -3.77 -1.52
N VAL A 93 11.73 -4.12 -2.27
CA VAL A 93 10.60 -4.90 -1.71
C VAL A 93 11.12 -6.24 -1.17
N LYS A 94 12.09 -6.82 -1.83
CA LYS A 94 12.62 -8.13 -1.36
C LYS A 94 13.87 -7.92 -0.48
N GLU A 95 14.62 -6.89 -0.73
CA GLU A 95 15.86 -6.66 0.07
C GLU A 95 15.54 -6.26 1.52
N LYS A 96 14.49 -5.52 1.75
CA LYS A 96 14.17 -5.11 3.15
C LYS A 96 12.87 -5.73 3.66
N TRP A 97 11.82 -5.64 2.90
CA TRP A 97 10.49 -6.14 3.38
C TRP A 97 10.36 -7.68 3.33
N VAL A 98 11.39 -8.42 2.97
CA VAL A 98 11.24 -9.91 2.94
C VAL A 98 12.00 -10.55 4.11
N PRO A 99 13.23 -10.15 4.36
CA PRO A 99 14.05 -10.73 5.47
C PRO A 99 13.81 -10.02 6.80
N GLU A 100 13.93 -8.73 6.83
CA GLU A 100 13.71 -7.98 8.11
C GLU A 100 12.26 -8.13 8.56
N ILE A 101 11.35 -8.19 7.63
CA ILE A 101 9.91 -8.32 8.00
C ILE A 101 9.70 -9.58 8.85
N THR A 102 10.52 -10.57 8.67
CA THR A 102 10.36 -11.82 9.47
C THR A 102 10.64 -11.54 10.94
N HIS A 103 11.57 -10.67 11.22
CA HIS A 103 11.89 -10.36 12.64
C HIS A 103 10.63 -9.88 13.36
N HIS A 104 9.84 -9.07 12.72
CA HIS A 104 8.60 -8.57 13.38
C HIS A 104 7.38 -9.35 12.87
N CYS A 105 7.57 -10.16 11.86
CA CYS A 105 6.43 -10.95 11.31
C CYS A 105 6.93 -12.29 10.78
N PRO A 106 7.20 -13.22 11.66
CA PRO A 106 7.70 -14.57 11.28
C PRO A 106 6.78 -15.26 10.26
N LYS A 107 5.49 -15.20 10.48
CA LYS A 107 4.55 -15.85 9.54
C LYS A 107 3.21 -15.09 9.55
N THR A 108 2.96 -14.30 8.54
CA THR A 108 1.67 -13.54 8.50
C THR A 108 1.26 -13.32 7.05
N PRO A 109 -0.01 -13.12 6.80
CA PRO A 109 -0.54 -12.88 5.43
C PRO A 109 -0.06 -11.55 4.85
N PHE A 110 0.51 -11.57 3.68
CA PHE A 110 1.01 -10.30 3.06
C PHE A 110 0.22 -10.02 1.77
N LEU A 111 -0.15 -8.78 1.56
CA LEU A 111 -0.91 -8.42 0.33
C LEU A 111 -0.15 -7.34 -0.44
N LEU A 112 0.24 -7.62 -1.65
CA LEU A 112 0.97 -6.60 -2.46
C LEU A 112 0.04 -6.08 -3.56
N VAL A 113 -0.12 -4.79 -3.65
CA VAL A 113 -1.03 -4.22 -4.69
C VAL A 113 -0.23 -3.47 -5.75
N GLY A 114 -0.49 -3.72 -7.00
CA GLY A 114 0.23 -2.99 -8.08
C GLY A 114 -0.51 -1.69 -8.38
N THR A 115 0.14 -0.56 -8.21
CA THR A 115 -0.54 0.74 -8.44
C THR A 115 0.13 1.52 -9.57
N GLN A 116 -0.51 2.57 -10.00
CA GLN A 116 0.04 3.44 -11.09
C GLN A 116 0.10 2.69 -12.43
N ILE A 117 -0.89 1.91 -12.74
CA ILE A 117 -0.87 1.18 -14.04
C ILE A 117 -0.53 2.17 -15.15
N ASP A 118 -0.43 1.72 -16.37
CA ASP A 118 -0.10 2.66 -17.49
C ASP A 118 1.18 3.43 -17.16
N LEU A 119 2.04 2.85 -16.35
CA LEU A 119 3.34 3.51 -15.99
C LEU A 119 3.23 5.04 -16.09
N ARG A 120 2.29 5.64 -15.41
CA ARG A 120 2.17 7.12 -15.48
C ARG A 120 2.20 7.59 -16.94
N ASP A 121 1.78 6.76 -17.85
CA ASP A 121 1.78 7.15 -19.30
C ASP A 121 3.20 7.00 -19.86
N ASP A 122 4.18 6.88 -19.01
CA ASP A 122 5.57 6.73 -19.49
C ASP A 122 5.92 7.89 -20.45
N PRO A 123 5.89 9.10 -19.94
CA PRO A 123 6.20 10.31 -20.74
C PRO A 123 7.68 10.69 -20.61
N SER A 124 7.99 11.66 -19.80
CA SER A 124 9.41 12.07 -19.61
C SER A 124 10.05 11.09 -18.63
N THR A 125 9.29 10.17 -18.11
CA THR A 125 9.85 9.18 -17.15
C THR A 125 10.74 8.20 -17.92
N ILE A 126 10.26 7.71 -19.03
CA ILE A 126 11.06 6.75 -19.83
C ILE A 126 12.34 7.44 -20.31
N GLU A 127 12.27 8.71 -20.63
CA GLU A 127 13.49 9.42 -21.10
C GLU A 127 14.48 9.58 -19.94
N LYS A 128 14.01 10.06 -18.81
CA LYS A 128 14.93 10.24 -17.64
C LYS A 128 15.50 8.88 -17.21
N LEU A 129 14.72 7.84 -17.29
CA LEU A 129 15.25 6.50 -16.90
C LEU A 129 16.18 5.99 -18.00
N ALA A 130 15.82 6.25 -19.24
CA ALA A 130 16.67 5.78 -20.37
C ALA A 130 18.11 6.23 -20.15
N LYS A 131 18.31 7.42 -19.65
CA LYS A 131 19.70 7.90 -19.41
C LYS A 131 20.40 6.95 -18.43
N ASN A 132 19.68 6.45 -17.46
CA ASN A 132 20.30 5.53 -16.47
C ASN A 132 20.28 4.10 -17.02
N LYS A 133 19.87 3.93 -18.24
CA LYS A 133 19.83 2.56 -18.83
C LYS A 133 19.01 1.63 -17.94
N GLN A 134 17.88 2.07 -17.46
CA GLN A 134 17.04 1.21 -16.59
C GLN A 134 15.58 1.31 -17.02
N LYS A 135 15.15 0.44 -17.89
CA LYS A 135 13.73 0.49 -18.37
C LYS A 135 12.79 0.16 -17.19
N PRO A 136 11.58 0.66 -17.25
CA PRO A 136 10.56 0.42 -16.19
C PRO A 136 10.19 -1.06 -16.06
N ILE A 137 9.61 -1.45 -14.96
CA ILE A 137 9.24 -2.87 -14.77
C ILE A 137 7.81 -3.12 -15.26
N THR A 138 7.61 -4.17 -16.01
CA THR A 138 6.24 -4.46 -16.53
C THR A 138 5.59 -5.52 -15.63
N PRO A 139 4.28 -5.60 -15.65
CA PRO A 139 3.51 -6.57 -14.82
C PRO A 139 4.05 -7.99 -14.90
N GLU A 140 4.51 -8.40 -16.05
CA GLU A 140 5.02 -9.80 -16.19
C GLU A 140 5.95 -10.15 -15.02
N THR A 141 6.79 -9.24 -14.61
CA THR A 141 7.69 -9.56 -13.46
C THR A 141 7.00 -9.18 -12.16
N ALA A 142 6.00 -8.36 -12.22
CA ALA A 142 5.28 -7.94 -10.99
C ALA A 142 4.36 -9.05 -10.49
N GLU A 143 3.54 -9.61 -11.34
CA GLU A 143 2.61 -10.68 -10.89
C GLU A 143 3.39 -11.90 -10.40
N LYS A 144 4.50 -12.20 -11.01
CA LYS A 144 5.28 -13.39 -10.56
C LYS A 144 5.72 -13.17 -9.12
N LEU A 145 5.98 -11.95 -8.74
CA LEU A 145 6.41 -11.68 -7.34
C LEU A 145 5.36 -12.23 -6.36
N ALA A 146 4.11 -12.09 -6.69
CA ALA A 146 3.04 -12.60 -5.78
C ALA A 146 3.01 -14.13 -5.83
N ARG A 147 3.01 -14.70 -7.01
CA ARG A 147 2.97 -16.18 -7.13
C ARG A 147 4.37 -16.76 -6.92
N ASP A 148 5.35 -15.91 -6.70
CA ASP A 148 6.72 -16.41 -6.46
C ASP A 148 7.11 -16.14 -5.00
N LEU A 149 6.79 -14.97 -4.53
CA LEU A 149 7.13 -14.60 -3.13
C LEU A 149 6.13 -15.25 -2.16
N LYS A 150 5.32 -16.16 -2.65
CA LYS A 150 4.32 -16.82 -1.77
C LYS A 150 3.39 -15.79 -1.15
N ALA A 151 3.15 -14.70 -1.82
CA ALA A 151 2.23 -13.66 -1.28
C ALA A 151 0.81 -14.22 -1.26
N VAL A 152 0.01 -13.84 -0.29
CA VAL A 152 -1.38 -14.37 -0.25
C VAL A 152 -2.12 -13.98 -1.53
N LYS A 153 -2.21 -12.72 -1.81
CA LYS A 153 -2.93 -12.29 -3.05
C LYS A 153 -2.48 -10.89 -3.45
N TYR A 154 -2.61 -10.56 -4.71
CA TYR A 154 -2.18 -9.20 -5.17
C TYR A 154 -3.26 -8.61 -6.09
N VAL A 155 -3.35 -7.31 -6.15
CA VAL A 155 -4.39 -6.69 -7.03
C VAL A 155 -3.76 -5.57 -7.87
N GLU A 156 -4.12 -5.48 -9.12
CA GLU A 156 -3.57 -4.40 -9.98
C GLU A 156 -4.63 -3.32 -10.13
N CYS A 157 -4.27 -2.08 -9.96
CA CYS A 157 -5.30 -1.00 -10.07
C CYS A 157 -4.63 0.38 -10.14
N SER A 158 -5.39 1.43 -10.31
CA SER A 158 -4.77 2.79 -10.40
C SER A 158 -5.55 3.79 -9.54
N ALA A 159 -4.85 4.49 -8.68
CA ALA A 159 -5.51 5.52 -7.83
C ALA A 159 -5.70 6.80 -8.64
N LEU A 160 -4.89 7.02 -9.62
CA LEU A 160 -5.03 8.25 -10.46
C LEU A 160 -6.45 8.29 -11.00
N THR A 161 -7.05 7.14 -11.13
CA THR A 161 -8.44 7.05 -11.62
C THR A 161 -9.26 6.37 -10.54
N GLN A 162 -10.53 6.51 -10.58
CA GLN A 162 -11.41 5.87 -9.55
C GLN A 162 -11.30 4.35 -9.69
N LYS A 163 -10.36 3.87 -10.45
CA LYS A 163 -10.22 2.40 -10.62
C LYS A 163 -9.28 1.84 -9.55
N GLY A 164 -8.81 2.68 -8.66
CA GLY A 164 -7.88 2.21 -7.61
C GLY A 164 -8.68 1.80 -6.36
N LEU A 165 -9.53 2.65 -5.91
CA LEU A 165 -10.32 2.34 -4.68
C LEU A 165 -11.30 1.18 -4.95
N LYS A 166 -11.98 1.22 -6.07
CA LYS A 166 -12.96 0.13 -6.38
C LYS A 166 -12.27 -1.24 -6.41
N ASN A 167 -11.04 -1.29 -6.81
CA ASN A 167 -10.34 -2.61 -6.86
C ASN A 167 -9.86 -3.01 -5.46
N VAL A 168 -9.17 -2.12 -4.79
CA VAL A 168 -8.65 -2.45 -3.43
C VAL A 168 -9.78 -2.40 -2.39
N PHE A 169 -10.88 -1.77 -2.69
CA PHE A 169 -11.99 -1.70 -1.70
C PHE A 169 -12.73 -3.04 -1.63
N ASP A 170 -13.07 -3.60 -2.75
CA ASP A 170 -13.81 -4.90 -2.74
C ASP A 170 -13.00 -5.96 -2.00
N GLU A 171 -11.73 -6.03 -2.23
CA GLU A 171 -10.90 -7.06 -1.53
C GLU A 171 -10.83 -6.75 -0.04
N ALA A 172 -10.82 -5.48 0.31
CA ALA A 172 -10.72 -5.10 1.74
C ALA A 172 -11.91 -5.67 2.52
N ILE A 173 -13.05 -5.80 1.89
CA ILE A 173 -14.24 -6.34 2.61
C ILE A 173 -14.02 -7.82 2.96
N LEU A 174 -13.46 -8.58 2.06
CA LEU A 174 -13.23 -10.02 2.34
C LEU A 174 -12.40 -10.19 3.62
N ALA A 175 -11.35 -9.45 3.76
CA ALA A 175 -10.51 -9.58 4.98
C ALA A 175 -11.32 -9.24 6.22
N ALA A 176 -12.21 -8.29 6.13
CA ALA A 176 -13.03 -7.92 7.32
C ALA A 176 -13.72 -9.16 7.87
N LEU A 177 -14.25 -10.00 7.02
CA LEU A 177 -14.94 -11.22 7.51
C LEU A 177 -13.92 -12.13 8.21
N GLU A 178 -12.72 -12.18 7.71
CA GLU A 178 -11.68 -13.05 8.34
C GLU A 178 -10.86 -12.22 9.33
N MET A 1 -16.45 -4.89 21.44
CA MET A 1 -16.73 -4.20 20.15
C MET A 1 -15.98 -4.92 19.02
N GLN A 2 -16.00 -4.35 17.84
CA GLN A 2 -15.28 -5.00 16.71
C GLN A 2 -14.40 -3.96 16.01
N THR A 3 -13.10 -4.16 16.02
CA THR A 3 -12.18 -3.19 15.35
C THR A 3 -11.27 -3.95 14.39
N ILE A 4 -11.07 -3.43 13.21
CA ILE A 4 -10.18 -4.12 12.22
C ILE A 4 -8.94 -3.25 11.99
N LYS A 5 -7.79 -3.74 12.36
CA LYS A 5 -6.54 -2.95 12.17
C LYS A 5 -5.90 -3.26 10.82
N CYS A 6 -5.53 -2.24 10.09
CA CYS A 6 -4.88 -2.45 8.77
C CYS A 6 -3.65 -1.56 8.70
N VAL A 7 -2.49 -2.13 8.50
CA VAL A 7 -1.25 -1.29 8.44
C VAL A 7 -0.72 -1.25 7.00
N VAL A 8 -0.38 -0.09 6.53
CA VAL A 8 0.15 0.05 5.15
C VAL A 8 1.61 0.49 5.21
N VAL A 9 2.47 -0.14 4.48
CA VAL A 9 3.91 0.26 4.51
C VAL A 9 4.51 0.13 3.10
N GLY A 10 5.37 1.03 2.73
CA GLY A 10 5.99 0.95 1.37
C GLY A 10 7.13 1.97 1.27
N ASP A 11 7.69 2.13 0.10
CA ASP A 11 8.80 3.12 -0.07
C ASP A 11 8.25 4.53 0.07
N GLY A 12 8.94 5.39 0.76
CA GLY A 12 8.45 6.79 0.94
C GLY A 12 7.77 7.27 -0.35
N ALA A 13 8.39 7.09 -1.47
CA ALA A 13 7.77 7.54 -2.76
C ALA A 13 6.28 7.19 -2.75
N VAL A 14 5.53 7.75 -3.67
CA VAL A 14 4.07 7.48 -3.73
C VAL A 14 3.37 8.23 -2.59
N GLY A 15 2.62 9.24 -2.91
CA GLY A 15 1.93 10.02 -1.85
C GLY A 15 1.07 9.10 -0.98
N LYS A 16 1.68 8.41 -0.06
CA LYS A 16 0.90 7.50 0.82
C LYS A 16 -0.18 8.31 1.54
N THR A 17 0.09 9.56 1.81
CA THR A 17 -0.92 10.41 2.50
C THR A 17 -2.10 10.63 1.56
N CYS A 18 -1.84 10.92 0.32
CA CYS A 18 -2.93 11.17 -0.66
C CYS A 18 -3.77 9.88 -0.81
N LEU A 19 -3.17 8.75 -0.59
CA LEU A 19 -3.94 7.48 -0.70
C LEU A 19 -5.01 7.47 0.39
N LEU A 20 -4.66 7.93 1.57
CA LEU A 20 -5.65 7.94 2.68
C LEU A 20 -6.70 9.03 2.42
N ILE A 21 -6.27 10.20 1.99
CA ILE A 21 -7.25 11.29 1.73
C ILE A 21 -8.12 10.92 0.52
N SER A 22 -7.52 10.49 -0.55
CA SER A 22 -8.31 10.13 -1.76
C SER A 22 -9.29 9.01 -1.42
N TYR A 23 -8.90 8.11 -0.56
CA TYR A 23 -9.82 7.00 -0.17
C TYR A 23 -10.95 7.55 0.69
N THR A 24 -10.67 8.56 1.47
CA THR A 24 -11.72 9.14 2.35
C THR A 24 -12.75 9.92 1.53
N THR A 25 -12.30 10.76 0.62
CA THR A 25 -13.30 11.55 -0.18
C THR A 25 -12.84 11.73 -1.63
N ASN A 26 -11.67 11.24 -1.98
CA ASN A 26 -11.15 11.40 -3.37
C ASN A 26 -10.35 12.70 -3.45
N LYS A 27 -9.09 12.58 -3.77
CA LYS A 27 -8.23 13.80 -3.89
C LYS A 27 -6.79 13.38 -4.24
N PHE A 28 -6.60 12.54 -5.22
CA PHE A 28 -5.20 12.15 -5.57
C PHE A 28 -4.42 13.38 -6.00
N PRO A 29 -5.03 14.22 -6.80
CA PRO A 29 -4.38 15.47 -7.32
C PRO A 29 -4.00 16.44 -6.19
N SER A 30 -4.23 16.07 -4.96
CA SER A 30 -3.88 16.99 -3.84
C SER A 30 -2.45 17.52 -4.01
N GLU A 31 -1.54 16.66 -4.40
CA GLU A 31 -0.13 17.10 -4.59
C GLU A 31 0.25 18.10 -3.49
N TYR A 32 -0.42 18.03 -2.37
CA TYR A 32 -0.10 18.97 -1.26
C TYR A 32 0.89 18.31 -0.29
N VAL A 33 0.43 17.84 0.84
CA VAL A 33 1.35 17.18 1.81
C VAL A 33 2.50 18.14 2.14
N PRO A 34 2.20 19.26 2.75
CA PRO A 34 3.23 20.26 3.14
C PRO A 34 4.10 19.72 4.28
N ALA A 35 3.56 18.82 5.07
CA ALA A 35 4.33 18.23 6.20
C ALA A 35 3.35 17.74 7.28
N VAL A 36 2.81 16.57 7.12
CA VAL A 36 1.85 16.05 8.14
C VAL A 36 2.21 14.61 8.52
N PHE A 37 2.08 14.27 9.76
CA PHE A 37 2.40 12.88 10.19
C PHE A 37 1.42 12.45 11.28
N ASP A 38 0.15 12.43 10.98
CA ASP A 38 -0.86 12.02 11.99
C ASP A 38 -1.64 10.81 11.46
N ASN A 39 -2.26 10.06 12.33
CA ASN A 39 -3.04 8.88 11.87
C ASN A 39 -4.50 9.27 11.70
N TYR A 40 -5.13 8.80 10.65
CA TYR A 40 -6.57 9.15 10.42
C TYR A 40 -7.44 7.89 10.54
N ALA A 41 -8.68 8.05 10.87
CA ALA A 41 -9.59 6.87 11.00
C ALA A 41 -10.67 6.96 9.93
N VAL A 42 -11.07 5.84 9.37
CA VAL A 42 -12.12 5.85 8.32
C VAL A 42 -13.28 4.94 8.73
N THR A 43 -14.49 5.41 8.66
CA THR A 43 -15.64 4.56 9.04
C THR A 43 -16.31 4.01 7.79
N VAL A 44 -16.52 2.72 7.73
CA VAL A 44 -17.16 2.11 6.52
C VAL A 44 -18.45 1.40 6.91
N MET A 45 -19.50 1.62 6.16
CA MET A 45 -20.80 0.95 6.46
C MET A 45 -21.18 0.06 5.28
N ILE A 46 -21.49 -1.18 5.52
CA ILE A 46 -21.86 -2.09 4.40
C ILE A 46 -23.15 -2.85 4.74
N GLY A 47 -23.88 -3.23 3.73
CA GLY A 47 -25.15 -3.98 3.96
C GLY A 47 -25.92 -3.37 5.14
N GLY A 48 -25.60 -2.17 5.52
CA GLY A 48 -26.31 -1.53 6.66
C GLY A 48 -25.64 -1.91 7.99
N GLU A 49 -24.43 -2.42 7.92
CA GLU A 49 -23.72 -2.83 9.16
C GLU A 49 -22.51 -1.91 9.37
N PRO A 50 -22.66 -0.85 10.14
CA PRO A 50 -21.55 0.11 10.42
C PRO A 50 -20.27 -0.58 10.89
N TYR A 51 -19.13 -0.05 10.51
CA TYR A 51 -17.84 -0.64 10.95
C TYR A 51 -16.78 0.47 11.03
N THR A 52 -15.71 0.22 11.74
CA THR A 52 -14.64 1.26 11.86
C THR A 52 -13.35 0.73 11.26
N LEU A 53 -12.73 1.48 10.38
CA LEU A 53 -11.46 1.01 9.76
C LEU A 53 -10.34 1.99 10.12
N GLY A 54 -9.30 1.50 10.74
CA GLY A 54 -8.17 2.40 11.13
C GLY A 54 -6.94 2.05 10.31
N LEU A 55 -6.42 2.99 9.57
CA LEU A 55 -5.20 2.71 8.76
C LEU A 55 -3.99 3.30 9.49
N PHE A 56 -2.96 2.52 9.70
CA PHE A 56 -1.76 3.04 10.41
C PHE A 56 -0.59 3.13 9.45
N ASP A 57 0.00 4.28 9.35
CA ASP A 57 1.17 4.44 8.43
C ASP A 57 2.45 4.46 9.26
N THR A 58 3.59 4.39 8.62
CA THR A 58 4.86 4.40 9.40
C THR A 58 4.93 5.68 10.23
N ALA A 59 5.20 5.55 11.51
CA ALA A 59 5.27 6.75 12.39
C ALA A 59 6.73 6.98 12.80
N GLY A 60 7.29 6.08 13.57
CA GLY A 60 8.70 6.25 14.00
C GLY A 60 8.77 7.27 15.14
N GLN A 61 7.73 7.37 15.93
CA GLN A 61 7.75 8.35 17.05
C GLN A 61 8.31 7.66 18.30
N GLU A 62 9.45 7.04 18.19
CA GLU A 62 10.05 6.34 19.35
C GLU A 62 10.30 7.33 20.49
N ASP A 63 10.63 8.56 20.15
CA ASP A 63 10.90 9.56 21.22
C ASP A 63 9.82 9.51 22.31
N TYR A 64 8.60 9.22 21.95
CA TYR A 64 7.54 9.16 23.00
C TYR A 64 7.24 7.69 23.33
N ASP A 65 7.83 6.78 22.61
CA ASP A 65 7.59 5.34 22.89
C ASP A 65 6.09 5.06 23.00
N ARG A 66 5.30 5.67 22.16
CA ARG A 66 3.82 5.43 22.22
C ARG A 66 3.51 3.95 21.94
N LEU A 67 4.28 3.33 21.09
CA LEU A 67 4.01 1.90 20.75
C LEU A 67 4.77 0.96 21.70
N ARG A 68 5.39 1.47 22.73
CA ARG A 68 6.13 0.57 23.67
C ARG A 68 5.26 -0.62 24.06
N PRO A 69 4.03 -0.37 24.44
CA PRO A 69 3.09 -1.45 24.85
C PRO A 69 2.28 -2.01 23.67
N LEU A 70 1.15 -1.42 23.39
CA LEU A 70 0.31 -1.91 22.26
C LEU A 70 -1.06 -1.23 22.33
N SER A 71 -1.25 -0.17 21.58
CA SER A 71 -2.56 0.52 21.60
C SER A 71 -3.65 -0.43 21.10
N TYR A 72 -3.31 -1.27 20.15
CA TYR A 72 -4.31 -2.22 19.60
C TYR A 72 -3.97 -3.64 20.05
N PRO A 73 -4.92 -4.54 19.94
CA PRO A 73 -4.71 -5.96 20.36
C PRO A 73 -3.69 -6.69 19.48
N GLN A 74 -4.03 -6.98 18.25
CA GLN A 74 -3.07 -7.69 17.36
C GLN A 74 -3.26 -7.18 15.92
N THR A 75 -2.31 -7.43 15.05
CA THR A 75 -2.47 -6.95 13.65
C THR A 75 -3.44 -7.89 12.91
N ASP A 76 -4.01 -7.43 11.81
CA ASP A 76 -4.97 -8.28 11.06
C ASP A 76 -4.47 -8.49 9.63
N VAL A 77 -4.07 -7.44 8.97
CA VAL A 77 -3.58 -7.58 7.57
C VAL A 77 -2.54 -6.49 7.26
N PHE A 78 -1.52 -6.83 6.50
CA PHE A 78 -0.49 -5.81 6.15
C PHE A 78 -0.62 -5.46 4.67
N LEU A 79 -0.71 -4.19 4.35
CA LEU A 79 -0.84 -3.79 2.93
C LEU A 79 0.45 -3.13 2.44
N VAL A 80 0.84 -3.40 1.22
CA VAL A 80 2.09 -2.79 0.67
C VAL A 80 1.76 -2.04 -0.62
N CYS A 81 2.31 -0.87 -0.79
CA CYS A 81 2.03 -0.08 -2.02
C CYS A 81 3.35 0.37 -2.64
N PHE A 82 3.56 0.08 -3.90
CA PHE A 82 4.83 0.50 -4.56
C PHE A 82 4.53 0.99 -5.98
N SER A 83 5.49 1.59 -6.64
CA SER A 83 5.26 2.08 -8.02
C SER A 83 5.79 1.04 -9.01
N VAL A 84 5.06 0.78 -10.07
CA VAL A 84 5.50 -0.23 -11.06
C VAL A 84 6.44 0.39 -12.11
N VAL A 85 6.56 1.69 -12.14
CA VAL A 85 7.46 2.32 -13.16
C VAL A 85 8.80 2.70 -12.52
N SER A 86 8.95 2.45 -11.26
CA SER A 86 10.24 2.80 -10.58
C SER A 86 11.09 1.53 -10.42
N PRO A 87 12.30 1.51 -10.96
CA PRO A 87 13.19 0.32 -10.85
C PRO A 87 13.88 0.19 -9.48
N SER A 88 14.68 1.15 -9.11
CA SER A 88 15.39 1.06 -7.80
C SER A 88 14.38 0.79 -6.69
N SER A 89 13.25 1.43 -6.72
CA SER A 89 12.24 1.20 -5.64
C SER A 89 11.67 -0.21 -5.77
N PHE A 90 11.83 -0.82 -6.91
CA PHE A 90 11.30 -2.21 -7.09
C PHE A 90 12.13 -3.18 -6.26
N GLU A 91 13.43 -3.13 -6.40
CA GLU A 91 14.31 -4.05 -5.62
C GLU A 91 14.38 -3.60 -4.16
N ASN A 92 14.33 -2.33 -3.90
CA ASN A 92 14.41 -1.83 -2.50
C ASN A 92 13.34 -2.52 -1.65
N VAL A 93 12.18 -2.72 -2.18
CA VAL A 93 11.09 -3.37 -1.42
C VAL A 93 11.44 -4.84 -1.17
N LYS A 94 12.11 -5.47 -2.09
CA LYS A 94 12.47 -6.91 -1.93
C LYS A 94 13.56 -7.09 -0.86
N GLU A 95 14.37 -6.09 -0.62
CA GLU A 95 15.45 -6.26 0.39
C GLU A 95 15.06 -5.65 1.74
N LYS A 96 13.98 -4.92 1.81
CA LYS A 96 13.57 -4.30 3.10
C LYS A 96 12.29 -4.92 3.65
N TRP A 97 11.27 -5.00 2.85
CA TRP A 97 9.97 -5.55 3.35
C TRP A 97 9.85 -7.06 3.10
N VAL A 98 10.75 -7.68 2.38
CA VAL A 98 10.59 -9.16 2.14
C VAL A 98 11.39 -9.95 3.19
N PRO A 99 12.56 -9.50 3.52
CA PRO A 99 13.44 -10.18 4.51
C PRO A 99 13.26 -9.69 5.95
N GLU A 100 13.27 -8.39 6.15
CA GLU A 100 13.12 -7.85 7.53
C GLU A 100 11.90 -8.45 8.22
N ILE A 101 10.82 -8.62 7.51
CA ILE A 101 9.60 -9.21 8.14
C ILE A 101 9.72 -10.74 8.19
N THR A 102 10.56 -11.30 7.38
CA THR A 102 10.71 -12.79 7.36
C THR A 102 11.02 -13.30 8.77
N HIS A 103 11.81 -12.59 9.51
CA HIS A 103 12.18 -13.04 10.88
C HIS A 103 10.92 -13.27 11.72
N HIS A 104 9.97 -12.38 11.67
CA HIS A 104 8.74 -12.54 12.49
C HIS A 104 7.56 -13.02 11.64
N CYS A 105 7.80 -13.45 10.44
CA CYS A 105 6.66 -13.93 9.59
C CYS A 105 6.02 -15.18 10.23
N PRO A 106 4.78 -15.10 10.66
CA PRO A 106 4.08 -16.25 11.30
C PRO A 106 3.49 -17.21 10.27
N LYS A 107 2.25 -17.00 9.89
CA LYS A 107 1.61 -17.90 8.90
C LYS A 107 1.92 -17.40 7.48
N THR A 108 1.19 -16.41 7.04
CA THR A 108 1.44 -15.85 5.67
C THR A 108 0.35 -14.82 5.32
N PRO A 109 0.21 -13.78 6.10
CA PRO A 109 -0.79 -12.71 5.85
C PRO A 109 -0.18 -11.54 5.07
N PHE A 110 0.43 -11.80 3.95
CA PHE A 110 1.05 -10.69 3.16
C PHE A 110 0.25 -10.42 1.89
N LEU A 111 -0.09 -9.18 1.68
CA LEU A 111 -0.84 -8.81 0.44
C LEU A 111 -0.07 -7.71 -0.28
N LEU A 112 0.40 -7.96 -1.47
CA LEU A 112 1.16 -6.90 -2.19
C LEU A 112 0.24 -6.23 -3.20
N VAL A 113 0.12 -4.93 -3.14
CA VAL A 113 -0.79 -4.22 -4.08
C VAL A 113 0.03 -3.43 -5.10
N GLY A 114 -0.34 -3.53 -6.36
CA GLY A 114 0.39 -2.78 -7.42
C GLY A 114 -0.48 -1.60 -7.86
N THR A 115 0.07 -0.42 -7.85
CA THR A 115 -0.74 0.78 -8.25
C THR A 115 0.04 1.63 -9.25
N GLN A 116 -0.63 2.57 -9.86
CA GLN A 116 0.03 3.47 -10.85
C GLN A 116 0.04 2.80 -12.22
N ILE A 117 -0.82 1.83 -12.45
CA ILE A 117 -0.84 1.18 -13.79
C ILE A 117 -1.14 2.24 -14.84
N ASP A 118 -1.67 1.86 -15.97
CA ASP A 118 -2.00 2.85 -17.04
C ASP A 118 -0.74 3.60 -17.46
N LEU A 119 -0.10 4.27 -16.55
CA LEU A 119 1.15 5.02 -16.90
C LEU A 119 2.10 4.08 -17.62
N ARG A 120 2.05 2.82 -17.28
CA ARG A 120 2.96 1.83 -17.94
C ARG A 120 2.85 2.00 -19.47
N ASP A 121 1.82 2.65 -19.93
CA ASP A 121 1.66 2.86 -21.41
C ASP A 121 1.66 4.36 -21.69
N ASP A 122 2.74 5.03 -21.39
CA ASP A 122 2.83 6.48 -21.64
C ASP A 122 4.15 6.80 -22.36
N PRO A 123 4.14 6.86 -23.67
CA PRO A 123 5.36 7.13 -24.47
C PRO A 123 6.18 8.31 -23.91
N SER A 124 5.53 9.39 -23.57
CA SER A 124 6.27 10.57 -23.06
C SER A 124 7.13 10.16 -21.85
N THR A 125 6.64 9.27 -21.02
CA THR A 125 7.45 8.82 -19.86
C THR A 125 8.51 7.84 -20.35
N ILE A 126 8.11 6.95 -21.22
CA ILE A 126 9.08 5.95 -21.75
C ILE A 126 10.28 6.68 -22.35
N GLU A 127 10.04 7.79 -23.01
CA GLU A 127 11.18 8.56 -23.59
C GLU A 127 12.01 9.14 -22.45
N LYS A 128 11.36 9.62 -21.43
CA LYS A 128 12.10 10.21 -20.28
C LYS A 128 13.02 9.14 -19.68
N LEU A 129 12.53 7.94 -19.53
CA LEU A 129 13.37 6.84 -18.97
C LEU A 129 14.34 6.36 -20.05
N ALA A 130 13.96 6.45 -21.28
CA ALA A 130 14.84 5.97 -22.38
C ALA A 130 16.24 6.56 -22.20
N LYS A 131 16.33 7.81 -21.84
CA LYS A 131 17.67 8.43 -21.64
C LYS A 131 18.43 7.66 -20.57
N ASN A 132 17.75 7.19 -19.56
CA ASN A 132 18.43 6.43 -18.47
C ASN A 132 18.55 4.95 -18.88
N LYS A 133 18.20 4.62 -20.09
CA LYS A 133 18.29 3.20 -20.55
C LYS A 133 17.46 2.30 -19.63
N GLN A 134 16.27 2.72 -19.27
CA GLN A 134 15.42 1.89 -18.39
C GLN A 134 13.98 1.97 -18.88
N LYS A 135 13.29 0.88 -18.89
CA LYS A 135 11.87 0.87 -19.33
C LYS A 135 10.98 0.40 -18.17
N PRO A 136 9.74 0.80 -18.16
CA PRO A 136 8.79 0.39 -17.09
C PRO A 136 8.86 -1.11 -16.78
N ILE A 137 8.65 -1.49 -15.56
CA ILE A 137 8.71 -2.93 -15.20
C ILE A 137 7.45 -3.64 -15.71
N THR A 138 7.55 -4.89 -16.05
CA THR A 138 6.37 -5.63 -16.55
C THR A 138 5.61 -6.21 -15.36
N PRO A 139 4.33 -6.44 -15.51
CA PRO A 139 3.49 -7.02 -14.44
C PRO A 139 3.98 -8.39 -13.99
N GLU A 140 4.48 -9.18 -14.91
CA GLU A 140 4.98 -10.53 -14.54
C GLU A 140 6.13 -10.40 -13.54
N THR A 141 6.96 -9.40 -13.69
CA THR A 141 8.08 -9.22 -12.74
C THR A 141 7.51 -8.81 -11.38
N ALA A 142 6.47 -8.02 -11.38
CA ALA A 142 5.87 -7.58 -10.10
C ALA A 142 5.12 -8.75 -9.45
N GLU A 143 4.39 -9.51 -10.22
CA GLU A 143 3.62 -10.64 -9.65
C GLU A 143 4.58 -11.67 -9.04
N LYS A 144 5.76 -11.83 -9.61
CA LYS A 144 6.72 -12.82 -9.05
C LYS A 144 7.05 -12.43 -7.61
N LEU A 145 7.14 -11.16 -7.33
CA LEU A 145 7.49 -10.71 -5.95
C LEU A 145 6.50 -11.33 -4.95
N ALA A 146 5.24 -11.39 -5.31
CA ALA A 146 4.24 -11.98 -4.37
C ALA A 146 4.49 -13.48 -4.24
N ARG A 147 4.69 -14.16 -5.34
CA ARG A 147 4.93 -15.63 -5.28
C ARG A 147 6.40 -15.91 -4.98
N ASP A 148 7.19 -14.90 -4.73
CA ASP A 148 8.62 -15.14 -4.43
C ASP A 148 8.74 -15.98 -3.16
N LEU A 149 7.87 -15.77 -2.22
CA LEU A 149 7.92 -16.56 -0.95
C LEU A 149 6.56 -17.21 -0.70
N LYS A 150 5.59 -16.44 -0.31
CA LYS A 150 4.23 -17.00 -0.03
C LYS A 150 3.22 -15.87 0.17
N ALA A 151 3.11 -14.98 -0.77
CA ALA A 151 2.13 -13.86 -0.63
C ALA A 151 0.72 -14.42 -0.78
N VAL A 152 -0.21 -13.89 -0.03
CA VAL A 152 -1.62 -14.39 -0.13
C VAL A 152 -2.20 -14.05 -1.50
N LYS A 153 -2.22 -12.79 -1.85
CA LYS A 153 -2.79 -12.40 -3.18
C LYS A 153 -2.26 -11.03 -3.59
N TYR A 154 -2.42 -10.67 -4.84
CA TYR A 154 -1.93 -9.34 -5.31
C TYR A 154 -3.06 -8.66 -6.10
N VAL A 155 -3.15 -7.36 -6.04
CA VAL A 155 -4.23 -6.64 -6.80
C VAL A 155 -3.64 -5.47 -7.57
N GLU A 156 -4.11 -5.26 -8.77
CA GLU A 156 -3.60 -4.10 -9.58
C GLU A 156 -4.68 -3.02 -9.57
N CYS A 157 -4.33 -1.80 -9.26
CA CYS A 157 -5.37 -0.72 -9.20
C CYS A 157 -4.84 0.59 -9.78
N SER A 158 -5.73 1.39 -10.34
CA SER A 158 -5.31 2.70 -10.92
C SER A 158 -5.96 3.82 -10.10
N ALA A 159 -5.17 4.50 -9.30
CA ALA A 159 -5.72 5.61 -8.47
C ALA A 159 -6.00 6.82 -9.36
N LEU A 160 -5.19 7.03 -10.37
CA LEU A 160 -5.43 8.19 -11.27
C LEU A 160 -6.85 8.10 -11.81
N THR A 161 -7.38 6.91 -11.82
CA THR A 161 -8.76 6.71 -12.30
C THR A 161 -9.56 6.04 -11.19
N GLN A 162 -10.84 5.98 -11.33
CA GLN A 162 -11.69 5.35 -10.29
C GLN A 162 -11.62 3.84 -10.41
N LYS A 163 -10.70 3.33 -11.19
CA LYS A 163 -10.60 1.85 -11.35
C LYS A 163 -9.65 1.27 -10.29
N GLY A 164 -9.01 2.11 -9.54
CA GLY A 164 -8.06 1.60 -8.52
C GLY A 164 -8.80 1.30 -7.20
N LEU A 165 -9.56 2.23 -6.72
CA LEU A 165 -10.29 2.00 -5.43
C LEU A 165 -11.33 0.90 -5.62
N LYS A 166 -12.02 0.89 -6.72
CA LYS A 166 -13.07 -0.16 -6.93
C LYS A 166 -12.45 -1.57 -6.89
N ASN A 167 -11.21 -1.71 -7.28
CA ASN A 167 -10.57 -3.06 -7.25
C ASN A 167 -10.15 -3.40 -5.82
N VAL A 168 -9.43 -2.51 -5.18
CA VAL A 168 -8.96 -2.78 -3.80
C VAL A 168 -10.10 -2.59 -2.78
N PHE A 169 -11.20 -2.01 -3.18
CA PHE A 169 -12.32 -1.80 -2.22
C PHE A 169 -13.12 -3.08 -2.05
N ASP A 170 -13.55 -3.68 -3.13
CA ASP A 170 -14.36 -4.93 -3.03
C ASP A 170 -13.58 -6.03 -2.31
N GLU A 171 -12.34 -6.22 -2.68
CA GLU A 171 -11.53 -7.29 -2.02
C GLU A 171 -11.18 -6.87 -0.59
N ALA A 172 -10.99 -5.61 -0.35
CA ALA A 172 -10.63 -5.15 1.02
C ALA A 172 -11.72 -5.55 2.02
N ILE A 173 -12.95 -5.56 1.58
CA ILE A 173 -14.06 -5.93 2.51
C ILE A 173 -13.93 -7.40 2.93
N LEU A 174 -13.50 -8.26 2.04
CA LEU A 174 -13.38 -9.70 2.42
C LEU A 174 -12.44 -9.84 3.62
N ALA A 175 -11.33 -9.15 3.60
CA ALA A 175 -10.39 -9.26 4.75
C ALA A 175 -11.07 -8.72 6.01
N ALA A 176 -11.92 -7.74 5.87
CA ALA A 176 -12.60 -7.17 7.07
C ALA A 176 -13.38 -8.28 7.77
N LEU A 177 -13.99 -9.16 7.03
CA LEU A 177 -14.75 -10.27 7.69
C LEU A 177 -13.80 -11.08 8.56
N GLU A 178 -12.60 -11.30 8.08
CA GLU A 178 -11.62 -12.09 8.88
C GLU A 178 -10.21 -11.53 8.64
N MET A 1 -13.18 -8.43 16.73
CA MET A 1 -14.19 -8.74 15.67
C MET A 1 -15.05 -7.50 15.42
N GLN A 2 -15.38 -6.79 16.45
CA GLN A 2 -16.22 -5.56 16.27
C GLN A 2 -15.49 -4.57 15.36
N THR A 3 -14.18 -4.56 15.42
CA THR A 3 -13.39 -3.62 14.57
C THR A 3 -12.41 -4.40 13.70
N ILE A 4 -11.93 -3.80 12.65
CA ILE A 4 -10.95 -4.49 11.75
C ILE A 4 -9.63 -3.73 11.78
N LYS A 5 -8.57 -4.35 12.22
CA LYS A 5 -7.25 -3.65 12.28
C LYS A 5 -6.54 -3.78 10.93
N CYS A 6 -6.22 -2.66 10.31
CA CYS A 6 -5.52 -2.71 9.00
C CYS A 6 -4.43 -1.64 8.97
N VAL A 7 -3.22 -2.03 8.63
CA VAL A 7 -2.10 -1.04 8.58
C VAL A 7 -1.61 -0.88 7.14
N VAL A 8 -1.24 0.31 6.75
CA VAL A 8 -0.74 0.52 5.36
C VAL A 8 0.77 0.69 5.39
N VAL A 9 1.48 0.01 4.53
CA VAL A 9 2.97 0.13 4.52
C VAL A 9 3.45 0.38 3.08
N GLY A 10 4.36 1.29 2.90
CA GLY A 10 4.88 1.57 1.53
C GLY A 10 6.31 2.09 1.61
N ASP A 11 7.13 1.80 0.64
CA ASP A 11 8.53 2.28 0.68
C ASP A 11 8.61 3.69 0.11
N GLY A 12 8.87 4.67 0.93
CA GLY A 12 8.96 6.07 0.42
C GLY A 12 7.66 6.41 -0.31
N ALA A 13 7.57 6.08 -1.57
CA ALA A 13 6.34 6.39 -2.34
C ALA A 13 6.22 7.90 -2.54
N VAL A 14 6.11 8.34 -3.77
CA VAL A 14 5.99 9.81 -4.02
C VAL A 14 4.73 10.35 -3.37
N GLY A 15 3.64 9.63 -3.48
CA GLY A 15 2.37 10.09 -2.86
C GLY A 15 2.00 9.17 -1.70
N LYS A 16 2.87 9.05 -0.72
CA LYS A 16 2.58 8.18 0.44
C LYS A 16 1.36 8.73 1.20
N THR A 17 1.28 10.02 1.35
CA THR A 17 0.12 10.62 2.09
C THR A 17 -1.09 10.77 1.15
N CYS A 18 -0.86 11.01 -0.11
CA CYS A 18 -2.00 11.17 -1.05
C CYS A 18 -2.78 9.86 -1.21
N LEU A 19 -2.11 8.75 -1.08
CA LEU A 19 -2.84 7.45 -1.23
C LEU A 19 -3.79 7.26 -0.04
N LEU A 20 -3.34 7.59 1.14
CA LEU A 20 -4.21 7.42 2.34
C LEU A 20 -5.40 8.39 2.25
N ILE A 21 -5.17 9.60 1.82
CA ILE A 21 -6.28 10.58 1.72
C ILE A 21 -7.22 10.22 0.58
N SER A 22 -6.70 9.69 -0.50
CA SER A 22 -7.57 9.35 -1.65
C SER A 22 -8.77 8.52 -1.20
N TYR A 23 -8.59 7.65 -0.25
CA TYR A 23 -9.73 6.83 0.23
C TYR A 23 -10.63 7.67 1.13
N THR A 24 -10.05 8.52 1.94
CA THR A 24 -10.86 9.35 2.88
C THR A 24 -11.79 10.30 2.12
N THR A 25 -11.38 10.87 1.02
CA THR A 25 -12.31 11.81 0.31
C THR A 25 -11.89 12.04 -1.15
N ASN A 26 -10.76 11.52 -1.56
CA ASN A 26 -10.27 11.72 -2.97
C ASN A 26 -9.30 12.90 -2.98
N LYS A 27 -8.06 12.64 -3.29
CA LYS A 27 -7.04 13.74 -3.35
C LYS A 27 -5.68 13.16 -3.75
N PHE A 28 -5.58 12.52 -4.89
CA PHE A 28 -4.27 11.95 -5.30
C PHE A 28 -3.24 13.07 -5.46
N PRO A 29 -3.63 14.18 -6.05
CA PRO A 29 -2.71 15.33 -6.26
C PRO A 29 -2.12 15.85 -4.95
N SER A 30 -2.86 15.75 -3.87
CA SER A 30 -2.35 16.25 -2.56
C SER A 30 -1.54 17.53 -2.76
N GLU A 31 -1.98 18.38 -3.66
CA GLU A 31 -1.22 19.64 -3.93
C GLU A 31 -0.61 20.19 -2.63
N TYR A 32 -1.32 20.07 -1.54
CA TYR A 32 -0.76 20.58 -0.24
C TYR A 32 -0.80 19.45 0.78
N VAL A 33 0.33 19.09 1.32
CA VAL A 33 0.35 17.99 2.33
C VAL A 33 -0.48 18.40 3.56
N PRO A 34 -1.10 17.45 4.23
CA PRO A 34 -1.93 17.75 5.42
C PRO A 34 -1.14 18.48 6.51
N ALA A 35 -1.75 19.42 7.17
CA ALA A 35 -1.05 20.19 8.23
C ALA A 35 -0.66 19.24 9.38
N VAL A 36 -1.45 18.22 9.61
CA VAL A 36 -1.13 17.27 10.72
C VAL A 36 -1.15 15.83 10.20
N PHE A 37 -0.44 14.96 10.87
CA PHE A 37 -0.40 13.53 10.43
C PHE A 37 -1.25 12.68 11.40
N ASP A 38 -2.21 13.28 12.03
CA ASP A 38 -3.06 12.53 12.99
C ASP A 38 -3.79 11.39 12.29
N ASN A 39 -3.95 10.29 12.96
CA ASN A 39 -4.65 9.12 12.35
C ASN A 39 -6.16 9.41 12.30
N TYR A 40 -6.85 8.81 11.36
CA TYR A 40 -8.32 9.04 11.27
C TYR A 40 -9.04 7.69 11.22
N ALA A 41 -10.22 7.61 11.77
CA ALA A 41 -10.96 6.32 11.75
C ALA A 41 -12.13 6.41 10.78
N VAL A 42 -12.33 5.41 9.96
CA VAL A 42 -13.46 5.44 8.99
C VAL A 42 -14.23 4.10 9.06
N THR A 43 -15.50 4.12 8.74
CA THR A 43 -16.28 2.86 8.79
C THR A 43 -16.82 2.53 7.39
N VAL A 44 -16.87 1.28 7.05
CA VAL A 44 -17.36 0.87 5.70
C VAL A 44 -18.60 -0.02 5.84
N MET A 45 -19.59 0.18 5.01
CA MET A 45 -20.82 -0.65 5.09
C MET A 45 -20.56 -2.00 4.42
N ILE A 46 -20.81 -3.08 5.10
CA ILE A 46 -20.58 -4.43 4.50
C ILE A 46 -21.82 -5.29 4.72
N GLY A 47 -22.37 -5.86 3.68
CA GLY A 47 -23.57 -6.72 3.86
C GLY A 47 -24.56 -6.06 4.83
N GLY A 48 -24.43 -4.78 5.04
CA GLY A 48 -25.37 -4.09 5.98
C GLY A 48 -24.81 -4.14 7.40
N GLU A 49 -23.57 -4.51 7.54
CA GLU A 49 -22.95 -4.58 8.89
C GLU A 49 -21.70 -3.69 8.93
N PRO A 50 -21.90 -2.41 9.12
CA PRO A 50 -20.78 -1.42 9.17
C PRO A 50 -19.71 -1.79 10.20
N TYR A 51 -18.49 -1.90 9.76
CA TYR A 51 -17.37 -2.24 10.70
C TYR A 51 -16.39 -1.06 10.77
N THR A 52 -15.86 -0.80 11.93
CA THR A 52 -14.91 0.34 12.06
C THR A 52 -13.55 -0.04 11.45
N LEU A 53 -12.97 0.85 10.69
CA LEU A 53 -11.64 0.56 10.07
C LEU A 53 -10.65 1.66 10.49
N GLY A 54 -9.55 1.29 11.06
CA GLY A 54 -8.53 2.30 11.49
C GLY A 54 -7.25 2.12 10.69
N LEU A 55 -6.71 3.19 10.16
CA LEU A 55 -5.45 3.08 9.37
C LEU A 55 -4.29 3.60 10.22
N PHE A 56 -3.19 2.90 10.24
CA PHE A 56 -2.02 3.37 11.06
C PHE A 56 -0.81 3.60 10.15
N ASP A 57 0.09 4.43 10.57
CA ASP A 57 1.30 4.71 9.73
C ASP A 57 2.48 5.05 10.64
N THR A 58 3.63 5.29 10.08
CA THR A 58 4.82 5.63 10.92
C THR A 58 4.57 6.99 11.58
N ALA A 59 4.94 7.13 12.83
CA ALA A 59 4.73 8.42 13.53
C ALA A 59 5.16 8.30 15.00
N GLY A 60 5.70 9.34 15.55
CA GLY A 60 6.13 9.27 16.98
C GLY A 60 4.97 9.66 17.89
N GLN A 61 5.18 9.66 19.18
CA GLN A 61 4.09 10.04 20.12
C GLN A 61 2.79 9.34 19.69
N GLU A 62 2.90 8.34 18.85
CA GLU A 62 1.68 7.61 18.40
C GLU A 62 0.77 7.35 19.61
N ASP A 63 -0.24 8.17 19.78
CA ASP A 63 -1.19 8.01 20.93
C ASP A 63 -1.22 6.56 21.40
N TYR A 64 -0.33 6.23 22.31
CA TYR A 64 -0.21 4.84 22.85
C TYR A 64 -1.36 3.94 22.40
N ASP A 65 -1.36 3.55 21.15
CA ASP A 65 -2.46 2.68 20.65
C ASP A 65 -2.02 1.21 20.73
N ARG A 66 -0.78 0.98 21.08
CA ARG A 66 -0.28 -0.42 21.18
C ARG A 66 0.15 -0.71 22.63
N LEU A 67 -0.81 -0.91 23.50
CA LEU A 67 -0.45 -1.19 24.92
C LEU A 67 0.36 -2.49 25.00
N ARG A 68 0.01 -3.46 24.19
CA ARG A 68 0.75 -4.76 24.21
C ARG A 68 1.52 -4.95 22.89
N PRO A 69 0.89 -4.64 21.78
CA PRO A 69 1.50 -4.78 20.44
C PRO A 69 2.74 -3.89 20.27
N LEU A 70 3.08 -3.12 21.27
CA LEU A 70 4.28 -2.24 21.16
C LEU A 70 5.48 -3.07 20.72
N SER A 71 5.60 -4.28 21.20
CA SER A 71 6.74 -5.13 20.80
C SER A 71 6.23 -6.26 19.91
N TYR A 72 6.94 -6.56 18.86
CA TYR A 72 6.49 -7.65 17.94
C TYR A 72 5.03 -7.39 17.55
N PRO A 73 4.77 -6.25 16.94
CA PRO A 73 3.40 -5.86 16.51
C PRO A 73 2.77 -6.87 15.53
N GLN A 74 1.49 -7.12 15.67
CA GLN A 74 0.81 -8.07 14.75
C GLN A 74 -0.48 -7.43 14.23
N THR A 75 -0.76 -7.59 12.97
CA THR A 75 -2.02 -6.99 12.40
C THR A 75 -2.85 -8.08 11.74
N ASP A 76 -4.15 -7.90 11.70
CA ASP A 76 -5.03 -8.92 11.07
C ASP A 76 -4.75 -8.99 9.57
N VAL A 77 -4.45 -7.87 8.96
CA VAL A 77 -4.18 -7.88 7.49
C VAL A 77 -2.98 -6.97 7.18
N PHE A 78 -2.06 -7.43 6.38
CA PHE A 78 -0.89 -6.58 6.03
C PHE A 78 -1.07 -6.03 4.62
N LEU A 79 -0.95 -4.74 4.44
CA LEU A 79 -1.12 -4.14 3.09
C LEU A 79 0.20 -3.58 2.59
N VAL A 80 0.57 -3.89 1.38
CA VAL A 80 1.85 -3.38 0.81
C VAL A 80 1.55 -2.48 -0.39
N CYS A 81 2.19 -1.34 -0.47
CA CYS A 81 1.94 -0.43 -1.63
C CYS A 81 3.26 0.01 -2.25
N PHE A 82 3.40 -0.18 -3.53
CA PHE A 82 4.66 0.24 -4.22
C PHE A 82 4.32 0.77 -5.61
N SER A 83 5.26 1.39 -6.29
CA SER A 83 4.97 1.92 -7.63
C SER A 83 5.68 1.08 -8.69
N VAL A 84 5.08 0.91 -9.83
CA VAL A 84 5.73 0.10 -10.91
C VAL A 84 6.32 1.03 -11.96
N VAL A 85 6.43 2.30 -11.65
CA VAL A 85 7.00 3.26 -12.63
C VAL A 85 8.53 3.17 -12.62
N SER A 86 9.10 2.67 -11.56
CA SER A 86 10.58 2.57 -11.49
C SER A 86 11.01 1.21 -10.90
N PRO A 87 12.15 0.70 -11.30
CA PRO A 87 12.66 -0.61 -10.80
C PRO A 87 13.22 -0.52 -9.38
N SER A 88 13.81 0.59 -9.02
CA SER A 88 14.39 0.73 -7.66
C SER A 88 13.31 0.44 -6.62
N SER A 89 12.13 0.97 -6.80
CA SER A 89 11.03 0.72 -5.84
C SER A 89 10.64 -0.76 -5.90
N PHE A 90 10.90 -1.39 -7.02
CA PHE A 90 10.55 -2.84 -7.15
C PHE A 90 11.53 -3.68 -6.34
N GLU A 91 12.80 -3.47 -6.53
CA GLU A 91 13.81 -4.26 -5.78
C GLU A 91 13.83 -3.84 -4.30
N ASN A 92 13.71 -2.56 -4.04
CA ASN A 92 13.73 -2.09 -2.63
C ASN A 92 12.66 -2.82 -1.84
N VAL A 93 11.56 -3.14 -2.46
CA VAL A 93 10.46 -3.85 -1.74
C VAL A 93 10.99 -5.19 -1.23
N LYS A 94 11.87 -5.82 -1.95
CA LYS A 94 12.42 -7.13 -1.50
C LYS A 94 13.62 -6.92 -0.57
N GLU A 95 14.27 -5.79 -0.67
CA GLU A 95 15.47 -5.55 0.19
C GLU A 95 15.09 -5.24 1.64
N LYS A 96 13.95 -4.63 1.87
CA LYS A 96 13.57 -4.27 3.27
C LYS A 96 12.36 -5.09 3.76
N TRP A 97 11.32 -5.18 2.98
CA TRP A 97 10.09 -5.89 3.45
C TRP A 97 10.19 -7.43 3.31
N VAL A 98 11.29 -7.97 2.85
CA VAL A 98 11.35 -9.47 2.74
C VAL A 98 12.28 -10.06 3.81
N PRO A 99 13.41 -9.44 4.06
CA PRO A 99 14.39 -9.92 5.06
C PRO A 99 14.12 -9.38 6.47
N GLU A 100 14.02 -8.09 6.60
CA GLU A 100 13.78 -7.50 7.94
C GLU A 100 12.51 -8.08 8.57
N ILE A 101 11.49 -8.31 7.79
CA ILE A 101 10.23 -8.87 8.36
C ILE A 101 10.48 -10.29 8.89
N THR A 102 11.40 -11.00 8.30
CA THR A 102 11.68 -12.39 8.77
C THR A 102 12.10 -12.37 10.25
N HIS A 103 12.98 -11.48 10.61
CA HIS A 103 13.42 -11.41 12.03
C HIS A 103 12.23 -11.10 12.93
N HIS A 104 11.31 -10.31 12.47
CA HIS A 104 10.12 -9.98 13.32
C HIS A 104 9.30 -11.24 13.57
N CYS A 105 9.14 -12.08 12.58
CA CYS A 105 8.36 -13.33 12.78
C CYS A 105 8.15 -14.03 11.43
N PRO A 106 7.73 -15.27 11.47
CA PRO A 106 7.47 -16.07 10.23
C PRO A 106 6.73 -15.25 9.17
N LYS A 107 6.59 -15.79 7.98
CA LYS A 107 5.89 -15.06 6.89
C LYS A 107 4.40 -14.93 7.23
N THR A 108 3.81 -13.80 6.94
CA THR A 108 2.37 -13.60 7.22
C THR A 108 1.66 -13.18 5.92
N PRO A 109 0.37 -13.33 5.84
CA PRO A 109 -0.41 -12.96 4.64
C PRO A 109 -0.12 -11.51 4.21
N PHE A 110 0.33 -11.32 2.99
CA PHE A 110 0.63 -9.94 2.50
C PHE A 110 -0.18 -9.64 1.24
N LEU A 111 -0.51 -8.39 1.03
CA LEU A 111 -1.27 -8.01 -0.18
C LEU A 111 -0.38 -7.13 -1.06
N LEU A 112 -0.12 -7.56 -2.27
CA LEU A 112 0.74 -6.74 -3.17
C LEU A 112 -0.16 -5.92 -4.09
N VAL A 113 -0.17 -4.62 -3.91
CA VAL A 113 -1.05 -3.76 -4.76
C VAL A 113 -0.21 -2.96 -5.75
N GLY A 114 -0.63 -2.91 -6.98
CA GLY A 114 0.12 -2.13 -8.01
C GLY A 114 -0.59 -0.79 -8.21
N THR A 115 0.09 0.30 -8.02
CA THR A 115 -0.57 1.63 -8.18
C THR A 115 0.16 2.46 -9.22
N GLN A 116 -0.51 3.47 -9.75
CA GLN A 116 0.10 4.36 -10.76
C GLN A 116 0.07 3.69 -12.14
N ILE A 117 -0.76 2.71 -12.33
CA ILE A 117 -0.83 2.06 -13.66
C ILE A 117 -1.26 3.12 -14.68
N ASP A 118 -1.76 2.73 -15.82
CA ASP A 118 -2.18 3.74 -16.85
C ASP A 118 -0.97 4.57 -17.28
N LEU A 119 -0.37 5.29 -16.36
CA LEU A 119 0.81 6.11 -16.72
C LEU A 119 1.86 5.19 -17.36
N ARG A 120 1.94 3.98 -16.90
CA ARG A 120 2.92 3.02 -17.49
C ARG A 120 2.59 2.81 -18.97
N ASP A 121 1.38 3.12 -19.35
CA ASP A 121 0.98 2.95 -20.77
C ASP A 121 1.27 4.23 -21.56
N ASP A 122 1.42 5.34 -20.88
CA ASP A 122 1.70 6.61 -21.58
C ASP A 122 3.15 6.60 -22.10
N PRO A 123 3.40 7.14 -23.26
CA PRO A 123 4.77 7.19 -23.86
C PRO A 123 5.68 8.18 -23.12
N SER A 124 5.13 9.22 -22.57
CA SER A 124 5.98 10.22 -21.86
C SER A 124 6.78 9.55 -20.73
N THR A 125 6.16 8.68 -20.00
CA THR A 125 6.91 7.98 -18.91
C THR A 125 7.89 7.00 -19.56
N ILE A 126 7.40 6.23 -20.48
CA ILE A 126 8.28 5.24 -21.18
C ILE A 126 9.49 5.95 -21.77
N GLU A 127 9.31 7.14 -22.26
CA GLU A 127 10.46 7.88 -22.84
C GLU A 127 11.48 8.18 -21.75
N LYS A 128 11.04 8.67 -20.62
CA LYS A 128 11.97 8.98 -19.52
C LYS A 128 12.74 7.71 -19.11
N LEU A 129 12.07 6.59 -19.10
CA LEU A 129 12.76 5.32 -18.72
C LEU A 129 13.59 4.80 -19.91
N ALA A 130 13.09 4.98 -21.11
CA ALA A 130 13.83 4.49 -22.30
C ALA A 130 15.26 5.03 -22.29
N LYS A 131 15.43 6.28 -21.94
CA LYS A 131 16.81 6.85 -21.91
C LYS A 131 17.65 6.07 -20.89
N ASN A 132 17.04 5.65 -19.81
CA ASN A 132 17.79 4.89 -18.77
C ASN A 132 17.71 3.39 -19.09
N LYS A 133 17.15 3.04 -20.21
CA LYS A 133 17.06 1.60 -20.59
C LYS A 133 16.41 0.82 -19.44
N GLN A 134 15.50 1.44 -18.73
CA GLN A 134 14.83 0.73 -17.60
C GLN A 134 13.50 0.16 -18.07
N LYS A 135 12.67 0.98 -18.65
CA LYS A 135 11.34 0.51 -19.14
C LYS A 135 10.52 0.01 -17.94
N PRO A 136 9.22 0.21 -17.96
CA PRO A 136 8.32 -0.22 -16.84
C PRO A 136 8.31 -1.74 -16.64
N ILE A 137 8.08 -2.19 -15.45
CA ILE A 137 8.05 -3.66 -15.18
C ILE A 137 6.62 -4.18 -15.39
N THR A 138 6.48 -5.39 -15.85
CA THR A 138 5.12 -5.95 -16.08
C THR A 138 4.61 -6.57 -14.77
N PRO A 139 3.31 -6.69 -14.65
CA PRO A 139 2.68 -7.29 -13.43
C PRO A 139 3.10 -8.74 -13.22
N GLU A 140 3.41 -9.44 -14.27
CA GLU A 140 3.83 -10.86 -14.12
C GLU A 140 5.11 -10.92 -13.28
N THR A 141 6.00 -9.99 -13.47
CA THR A 141 7.26 -10.00 -12.68
C THR A 141 6.92 -9.73 -11.21
N ALA A 142 5.95 -8.89 -10.97
CA ALA A 142 5.56 -8.58 -9.56
C ALA A 142 4.79 -9.76 -8.96
N GLU A 143 3.93 -10.37 -9.74
CA GLU A 143 3.14 -11.52 -9.21
C GLU A 143 4.07 -12.65 -8.76
N LYS A 144 5.17 -12.84 -9.42
CA LYS A 144 6.10 -13.93 -9.02
C LYS A 144 6.66 -13.65 -7.61
N LEU A 145 6.93 -12.40 -7.31
CA LEU A 145 7.48 -12.06 -5.97
C LEU A 145 6.53 -12.53 -4.88
N ALA A 146 5.25 -12.38 -5.08
CA ALA A 146 4.28 -12.81 -4.04
C ALA A 146 3.93 -14.29 -4.25
N ARG A 147 3.51 -14.64 -5.43
CA ARG A 147 3.14 -16.06 -5.71
C ARG A 147 4.25 -17.01 -5.26
N ASP A 148 5.38 -16.49 -4.86
CA ASP A 148 6.49 -17.37 -4.39
C ASP A 148 6.70 -17.19 -2.89
N LEU A 149 6.17 -16.13 -2.33
CA LEU A 149 6.37 -15.88 -0.86
C LEU A 149 5.08 -16.15 -0.09
N LYS A 150 4.25 -17.07 -0.54
CA LYS A 150 2.98 -17.38 0.19
C LYS A 150 2.11 -16.13 0.34
N ALA A 151 2.19 -15.22 -0.60
CA ALA A 151 1.35 -14.00 -0.51
C ALA A 151 -0.12 -14.38 -0.77
N VAL A 152 -1.05 -13.74 -0.11
CA VAL A 152 -2.49 -14.11 -0.34
C VAL A 152 -2.86 -13.80 -1.79
N LYS A 153 -2.61 -12.60 -2.25
CA LYS A 153 -2.96 -12.24 -3.66
C LYS A 153 -2.47 -10.83 -3.97
N TYR A 154 -2.73 -10.36 -5.16
CA TYR A 154 -2.28 -8.99 -5.54
C TYR A 154 -3.39 -8.29 -6.33
N VAL A 155 -3.43 -6.99 -6.30
CA VAL A 155 -4.48 -6.24 -7.05
C VAL A 155 -3.86 -5.04 -7.76
N GLU A 156 -4.38 -4.66 -8.89
CA GLU A 156 -3.83 -3.48 -9.62
C GLU A 156 -4.85 -2.34 -9.56
N CYS A 157 -4.41 -1.14 -9.26
CA CYS A 157 -5.39 -0.02 -9.17
C CYS A 157 -4.78 1.27 -9.76
N SER A 158 -5.63 2.12 -10.31
CA SER A 158 -5.13 3.40 -10.89
C SER A 158 -5.66 4.55 -10.04
N ALA A 159 -4.79 5.21 -9.32
CA ALA A 159 -5.22 6.35 -8.47
C ALA A 159 -5.48 7.57 -9.35
N LEU A 160 -4.69 7.75 -10.38
CA LEU A 160 -4.91 8.92 -11.27
C LEU A 160 -6.35 8.92 -11.74
N THR A 161 -6.97 7.77 -11.78
CA THR A 161 -8.37 7.68 -12.22
C THR A 161 -9.18 6.99 -11.13
N GLN A 162 -10.47 7.00 -11.25
CA GLN A 162 -11.33 6.36 -10.23
C GLN A 162 -11.29 4.84 -10.41
N LYS A 163 -10.38 4.34 -11.20
CA LYS A 163 -10.32 2.87 -11.42
C LYS A 163 -9.42 2.23 -10.37
N GLY A 164 -8.86 3.01 -9.49
CA GLY A 164 -7.96 2.43 -8.46
C GLY A 164 -8.76 2.06 -7.21
N LEU A 165 -9.54 2.96 -6.69
CA LEU A 165 -10.33 2.64 -5.47
C LEU A 165 -11.42 1.61 -5.79
N LYS A 166 -12.07 1.75 -6.91
CA LYS A 166 -13.15 0.79 -7.27
C LYS A 166 -12.59 -0.64 -7.35
N ASN A 167 -11.38 -0.80 -7.81
CA ASN A 167 -10.80 -2.17 -7.90
C ASN A 167 -10.36 -2.62 -6.51
N VAL A 168 -9.63 -1.79 -5.81
CA VAL A 168 -9.15 -2.18 -4.45
C VAL A 168 -10.32 -2.24 -3.46
N PHE A 169 -11.49 -1.81 -3.86
CA PHE A 169 -12.65 -1.84 -2.94
C PHE A 169 -13.17 -3.29 -2.79
N ASP A 170 -13.32 -4.00 -3.88
CA ASP A 170 -13.84 -5.39 -3.79
C ASP A 170 -12.92 -6.29 -2.95
N GLU A 171 -11.64 -6.29 -3.22
CA GLU A 171 -10.72 -7.16 -2.45
C GLU A 171 -10.57 -6.63 -1.01
N ALA A 172 -10.57 -5.34 -0.85
CA ALA A 172 -10.41 -4.77 0.53
C ALA A 172 -11.52 -5.28 1.44
N ILE A 173 -12.73 -5.38 0.95
CA ILE A 173 -13.84 -5.88 1.81
C ILE A 173 -13.56 -7.32 2.23
N LEU A 174 -13.02 -8.13 1.36
CA LEU A 174 -12.75 -9.55 1.72
C LEU A 174 -11.85 -9.59 2.96
N ALA A 175 -10.84 -8.77 3.02
CA ALA A 175 -9.94 -8.80 4.20
C ALA A 175 -10.72 -8.39 5.46
N ALA A 176 -11.64 -7.48 5.33
CA ALA A 176 -12.42 -7.04 6.53
C ALA A 176 -13.01 -8.26 7.23
N LEU A 177 -13.44 -9.23 6.48
CA LEU A 177 -14.02 -10.45 7.11
C LEU A 177 -12.95 -11.13 7.96
N GLU A 178 -11.72 -11.11 7.50
CA GLU A 178 -10.62 -11.76 8.28
C GLU A 178 -10.09 -10.77 9.31
N MET A 1 -16.15 -2.46 20.12
CA MET A 1 -16.22 -3.94 20.27
C MET A 1 -15.75 -4.61 18.98
N GLN A 2 -15.92 -3.95 17.85
CA GLN A 2 -15.48 -4.55 16.56
C GLN A 2 -14.49 -3.60 15.87
N THR A 3 -13.28 -4.04 15.68
CA THR A 3 -12.28 -3.17 15.00
C THR A 3 -11.38 -4.01 14.10
N ILE A 4 -10.81 -3.40 13.09
CA ILE A 4 -9.91 -4.16 12.16
C ILE A 4 -8.53 -3.49 12.15
N LYS A 5 -7.51 -4.21 12.49
CA LYS A 5 -6.14 -3.61 12.50
C LYS A 5 -5.52 -3.71 11.11
N CYS A 6 -4.97 -2.64 10.61
CA CYS A 6 -4.33 -2.67 9.26
C CYS A 6 -3.16 -1.68 9.23
N VAL A 7 -1.99 -2.14 8.85
CA VAL A 7 -0.81 -1.24 8.81
C VAL A 7 -0.47 -0.88 7.37
N VAL A 8 -0.15 0.36 7.11
CA VAL A 8 0.21 0.79 5.73
C VAL A 8 1.66 1.29 5.73
N VAL A 9 2.45 0.81 4.81
CA VAL A 9 3.87 1.26 4.75
C VAL A 9 4.27 1.47 3.28
N GLY A 10 5.26 2.28 3.03
CA GLY A 10 5.68 2.52 1.61
C GLY A 10 7.16 2.88 1.57
N ASP A 11 7.74 2.87 0.40
CA ASP A 11 9.18 3.22 0.27
C ASP A 11 9.34 4.73 0.15
N GLY A 12 10.06 5.35 1.04
CA GLY A 12 10.24 6.82 0.97
C GLY A 12 8.93 7.51 1.35
N ALA A 13 8.25 8.09 0.39
CA ALA A 13 6.96 8.77 0.69
C ALA A 13 6.57 9.66 -0.48
N VAL A 14 6.72 9.17 -1.68
CA VAL A 14 6.36 10.00 -2.87
C VAL A 14 4.84 10.11 -2.98
N GLY A 15 4.19 9.15 -3.59
CA GLY A 15 2.72 9.20 -3.71
C GLY A 15 2.08 8.32 -2.64
N LYS A 16 2.84 7.96 -1.64
CA LYS A 16 2.28 7.11 -0.55
C LYS A 16 1.10 7.81 0.12
N THR A 17 1.18 9.10 0.30
CA THR A 17 0.07 9.83 0.96
C THR A 17 -1.11 9.96 -0.01
N CYS A 18 -0.86 10.12 -1.28
CA CYS A 18 -1.97 10.27 -2.26
C CYS A 18 -2.86 9.04 -2.26
N LEU A 19 -2.33 7.88 -1.97
CA LEU A 19 -3.18 6.66 -1.97
C LEU A 19 -4.19 6.72 -0.82
N LEU A 20 -3.77 7.14 0.34
CA LEU A 20 -4.72 7.19 1.50
C LEU A 20 -5.72 8.34 1.34
N ILE A 21 -5.27 9.51 0.94
CA ILE A 21 -6.22 10.65 0.80
C ILE A 21 -7.23 10.37 -0.32
N SER A 22 -6.79 9.76 -1.39
CA SER A 22 -7.73 9.49 -2.52
C SER A 22 -8.95 8.70 -2.01
N TYR A 23 -8.76 7.84 -1.06
CA TYR A 23 -9.92 7.07 -0.53
C TYR A 23 -10.84 7.99 0.25
N THR A 24 -10.28 8.91 0.99
CA THR A 24 -11.11 9.85 1.79
C THR A 24 -12.17 10.51 0.91
N THR A 25 -11.84 10.81 -0.32
CA THR A 25 -12.85 11.46 -1.20
C THR A 25 -12.26 11.74 -2.58
N ASN A 26 -11.07 11.24 -2.85
CA ASN A 26 -10.40 11.48 -4.17
C ASN A 26 -9.44 12.65 -4.01
N LYS A 27 -8.19 12.41 -4.31
CA LYS A 27 -7.15 13.48 -4.17
C LYS A 27 -7.43 14.63 -5.15
N PHE A 28 -7.82 14.32 -6.36
CA PHE A 28 -8.06 15.39 -7.37
C PHE A 28 -8.82 16.57 -6.73
N PRO A 29 -10.02 16.34 -6.25
CA PRO A 29 -10.84 17.42 -5.61
C PRO A 29 -10.28 17.87 -4.25
N SER A 30 -9.00 17.68 -4.03
CA SER A 30 -8.42 18.10 -2.72
C SER A 30 -7.07 18.77 -2.97
N GLU A 31 -6.12 18.05 -3.51
CA GLU A 31 -4.79 18.65 -3.77
C GLU A 31 -4.30 19.38 -2.53
N TYR A 32 -4.93 19.20 -1.40
CA TYR A 32 -4.49 19.90 -0.17
C TYR A 32 -3.50 19.02 0.59
N VAL A 33 -3.95 18.37 1.64
CA VAL A 33 -3.06 17.50 2.45
C VAL A 33 -1.63 18.05 2.50
N PRO A 34 -1.45 19.24 3.01
CA PRO A 34 -0.12 19.87 3.12
C PRO A 34 0.63 19.42 4.38
N ALA A 35 0.21 19.90 5.53
CA ALA A 35 0.87 19.51 6.79
C ALA A 35 0.66 18.01 7.05
N VAL A 36 1.53 17.40 7.82
CA VAL A 36 1.37 15.95 8.10
C VAL A 36 0.22 15.74 9.08
N PHE A 37 -0.57 14.72 8.88
CA PHE A 37 -1.72 14.47 9.80
C PHE A 37 -1.53 13.11 10.49
N ASP A 38 -2.20 12.91 11.60
CA ASP A 38 -2.05 11.62 12.33
C ASP A 38 -2.79 10.50 11.58
N ASN A 39 -2.98 9.38 12.21
CA ASN A 39 -3.68 8.25 11.54
C ASN A 39 -5.06 8.71 11.08
N TYR A 40 -5.64 8.06 10.10
CA TYR A 40 -6.97 8.46 9.61
C TYR A 40 -8.01 7.40 10.00
N ALA A 41 -9.11 7.82 10.57
CA ALA A 41 -10.16 6.83 10.96
C ALA A 41 -11.34 6.93 9.99
N VAL A 42 -11.66 5.85 9.34
CA VAL A 42 -12.81 5.87 8.38
C VAL A 42 -13.77 4.73 8.72
N THR A 43 -15.05 5.01 8.73
CA THR A 43 -16.04 3.94 9.06
C THR A 43 -16.62 3.38 7.76
N VAL A 44 -16.79 2.09 7.68
CA VAL A 44 -17.36 1.48 6.45
C VAL A 44 -18.66 0.75 6.79
N MET A 45 -19.68 0.95 5.99
CA MET A 45 -20.98 0.27 6.26
C MET A 45 -21.20 -0.84 5.24
N ILE A 46 -21.75 -1.94 5.67
CA ILE A 46 -22.01 -3.08 4.73
C ILE A 46 -23.49 -3.45 4.79
N GLY A 47 -24.10 -3.74 3.67
CA GLY A 47 -25.54 -4.11 3.69
C GLY A 47 -25.77 -5.09 4.84
N GLY A 48 -24.74 -5.78 5.26
CA GLY A 48 -24.90 -6.74 6.38
C GLY A 48 -24.79 -5.99 7.71
N GLU A 49 -23.62 -5.93 8.28
CA GLU A 49 -23.46 -5.22 9.59
C GLU A 49 -22.41 -4.11 9.45
N PRO A 50 -22.52 -3.07 10.26
CA PRO A 50 -21.55 -1.94 10.24
C PRO A 50 -20.18 -2.31 10.83
N TYR A 51 -19.12 -1.83 10.26
CA TYR A 51 -17.77 -2.16 10.79
C TYR A 51 -16.90 -0.90 10.79
N THR A 52 -15.85 -0.90 11.58
CA THR A 52 -14.94 0.28 11.63
C THR A 52 -13.59 -0.10 11.03
N LEU A 53 -12.95 0.80 10.32
CA LEU A 53 -11.63 0.48 9.72
C LEU A 53 -10.58 1.47 10.23
N GLY A 54 -9.53 0.97 10.83
CA GLY A 54 -8.46 1.86 11.35
C GLY A 54 -7.16 1.60 10.59
N LEU A 55 -6.54 2.63 10.09
CA LEU A 55 -5.25 2.42 9.35
C LEU A 55 -4.09 2.93 10.20
N PHE A 56 -3.01 2.19 10.24
CA PHE A 56 -1.83 2.63 11.06
C PHE A 56 -0.62 2.81 10.15
N ASP A 57 0.22 3.75 10.47
CA ASP A 57 1.42 4.00 9.63
C ASP A 57 2.50 4.70 10.47
N THR A 58 3.71 4.73 10.00
CA THR A 58 4.78 5.40 10.78
C THR A 58 4.52 6.91 10.80
N ALA A 59 4.69 7.54 11.94
CA ALA A 59 4.43 9.00 12.03
C ALA A 59 5.75 9.77 11.96
N GLY A 60 5.80 10.80 11.18
CA GLY A 60 7.06 11.59 11.06
C GLY A 60 7.44 12.17 12.43
N GLN A 61 6.47 12.43 13.25
CA GLN A 61 6.77 12.99 14.61
C GLN A 61 7.30 11.88 15.52
N GLU A 62 8.25 11.12 15.05
CA GLU A 62 8.80 10.01 15.88
C GLU A 62 9.33 10.58 17.20
N ASP A 63 9.77 11.80 17.19
CA ASP A 63 10.32 12.43 18.43
C ASP A 63 9.23 12.52 19.52
N TYR A 64 7.98 12.53 19.15
CA TYR A 64 6.89 12.63 20.18
C TYR A 64 6.12 11.32 20.31
N ASP A 65 6.58 10.26 19.68
CA ASP A 65 5.84 8.97 19.78
C ASP A 65 5.59 8.64 21.25
N ARG A 66 6.58 8.84 22.09
CA ARG A 66 6.43 8.56 23.55
C ARG A 66 5.38 7.47 23.79
N LEU A 67 5.56 6.32 23.23
CA LEU A 67 4.55 5.23 23.43
C LEU A 67 4.96 4.35 24.61
N ARG A 68 4.05 4.03 25.48
CA ARG A 68 4.37 3.18 26.65
C ARG A 68 3.40 1.98 26.71
N PRO A 69 2.13 2.22 26.54
CA PRO A 69 1.10 1.14 26.57
C PRO A 69 1.21 0.22 25.36
N LEU A 70 1.91 0.63 24.35
CA LEU A 70 2.07 -0.21 23.14
C LEU A 70 3.49 -0.78 23.11
N SER A 71 3.79 -1.67 24.00
CA SER A 71 5.15 -2.28 24.04
C SER A 71 5.31 -3.21 22.83
N TYR A 72 4.23 -3.77 22.36
CA TYR A 72 4.33 -4.70 21.20
C TYR A 72 3.05 -4.58 20.35
N PRO A 73 3.02 -3.66 19.42
CA PRO A 73 1.84 -3.45 18.53
C PRO A 73 1.40 -4.76 17.86
N GLN A 74 0.12 -4.92 17.63
CA GLN A 74 -0.37 -6.17 16.98
C GLN A 74 -0.81 -5.87 15.55
N THR A 75 -0.73 -6.84 14.68
CA THR A 75 -1.15 -6.62 13.27
C THR A 75 -1.86 -7.87 12.73
N ASP A 76 -3.05 -7.70 12.21
CA ASP A 76 -3.78 -8.87 11.65
C ASP A 76 -3.68 -8.85 10.13
N VAL A 77 -3.49 -7.69 9.56
CA VAL A 77 -3.37 -7.59 8.08
C VAL A 77 -2.24 -6.63 7.73
N PHE A 78 -1.36 -7.02 6.84
CA PHE A 78 -0.24 -6.13 6.45
C PHE A 78 -0.50 -5.54 5.06
N LEU A 79 -0.43 -4.24 4.92
CA LEU A 79 -0.68 -3.61 3.60
C LEU A 79 0.57 -2.88 3.11
N VAL A 80 0.96 -3.13 1.90
CA VAL A 80 2.16 -2.44 1.34
C VAL A 80 1.80 -1.84 -0.03
N CYS A 81 2.42 -0.75 -0.38
CA CYS A 81 2.11 -0.12 -1.70
C CYS A 81 3.39 0.42 -2.34
N PHE A 82 3.53 0.27 -3.63
CA PHE A 82 4.74 0.78 -4.31
C PHE A 82 4.42 1.07 -5.78
N SER A 83 5.18 1.92 -6.41
CA SER A 83 4.90 2.24 -7.85
C SER A 83 5.55 1.17 -8.73
N VAL A 84 5.06 1.01 -9.93
CA VAL A 84 5.64 -0.02 -10.84
C VAL A 84 6.58 0.63 -11.85
N VAL A 85 6.84 1.91 -11.71
CA VAL A 85 7.75 2.60 -12.67
C VAL A 85 9.12 2.83 -12.03
N SER A 86 9.31 2.41 -10.81
CA SER A 86 10.62 2.62 -10.14
C SER A 86 11.31 1.27 -9.87
N PRO A 87 12.18 0.83 -10.75
CA PRO A 87 12.90 -0.46 -10.59
C PRO A 87 13.55 -0.60 -9.20
N SER A 88 14.28 0.39 -8.77
CA SER A 88 14.94 0.29 -7.44
C SER A 88 13.89 -0.05 -6.39
N SER A 89 12.73 0.54 -6.48
CA SER A 89 11.66 0.24 -5.48
C SER A 89 11.20 -1.21 -5.67
N PHE A 90 11.46 -1.78 -6.82
CA PHE A 90 11.05 -3.19 -7.06
C PHE A 90 11.89 -4.11 -6.16
N GLU A 91 13.18 -3.95 -6.20
CA GLU A 91 14.07 -4.79 -5.36
C GLU A 91 13.87 -4.42 -3.89
N ASN A 92 13.63 -3.17 -3.60
CA ASN A 92 13.43 -2.74 -2.20
C ASN A 92 12.33 -3.60 -1.54
N VAL A 93 11.34 -3.98 -2.30
CA VAL A 93 10.24 -4.80 -1.71
C VAL A 93 10.79 -6.14 -1.22
N LYS A 94 11.73 -6.71 -1.93
CA LYS A 94 12.29 -8.03 -1.50
C LYS A 94 13.52 -7.82 -0.61
N GLU A 95 14.39 -6.94 -1.00
CA GLU A 95 15.64 -6.72 -0.20
C GLU A 95 15.35 -6.22 1.22
N LYS A 96 14.35 -5.39 1.41
CA LYS A 96 14.08 -4.88 2.79
C LYS A 96 12.73 -5.36 3.35
N TRP A 97 11.66 -5.17 2.62
CA TRP A 97 10.30 -5.54 3.15
C TRP A 97 10.11 -7.05 3.30
N VAL A 98 10.59 -7.87 2.39
CA VAL A 98 10.35 -9.34 2.54
C VAL A 98 10.88 -9.85 3.89
N PRO A 99 12.12 -9.59 4.23
CA PRO A 99 12.70 -10.06 5.53
C PRO A 99 12.12 -9.32 6.74
N GLU A 100 11.88 -8.04 6.61
CA GLU A 100 11.35 -7.26 7.76
C GLU A 100 10.01 -7.82 8.24
N ILE A 101 9.14 -8.21 7.35
CA ILE A 101 7.83 -8.77 7.78
C ILE A 101 8.05 -10.07 8.55
N THR A 102 9.10 -10.78 8.25
CA THR A 102 9.37 -12.07 8.95
C THR A 102 9.57 -11.81 10.44
N HIS A 103 10.27 -10.76 10.78
CA HIS A 103 10.51 -10.47 12.23
C HIS A 103 9.17 -10.40 12.97
N HIS A 104 8.18 -9.81 12.38
CA HIS A 104 6.86 -9.73 13.05
C HIS A 104 6.37 -11.13 13.39
N CYS A 105 6.57 -12.07 12.50
CA CYS A 105 6.13 -13.47 12.77
C CYS A 105 6.43 -14.34 11.54
N PRO A 106 6.67 -15.61 11.75
CA PRO A 106 6.98 -16.56 10.64
C PRO A 106 5.82 -16.71 9.66
N LYS A 107 4.61 -16.51 10.12
CA LYS A 107 3.43 -16.64 9.22
C LYS A 107 2.57 -15.39 9.32
N THR A 108 2.08 -14.90 8.21
CA THR A 108 1.24 -13.68 8.23
C THR A 108 0.72 -13.41 6.80
N PRO A 109 -0.46 -12.87 6.67
CA PRO A 109 -1.05 -12.55 5.33
C PRO A 109 -0.30 -11.42 4.63
N PHE A 110 0.23 -11.66 3.46
CA PHE A 110 0.97 -10.59 2.74
C PHE A 110 0.15 -10.11 1.54
N LEU A 111 -0.12 -8.83 1.48
CA LEU A 111 -0.91 -8.29 0.34
C LEU A 111 -0.06 -7.30 -0.45
N LEU A 112 0.09 -7.50 -1.73
CA LEU A 112 0.90 -6.56 -2.54
C LEU A 112 -0.02 -5.75 -3.46
N VAL A 113 -0.03 -4.45 -3.32
CA VAL A 113 -0.90 -3.61 -4.19
C VAL A 113 -0.04 -2.80 -5.16
N GLY A 114 -0.45 -2.75 -6.40
CA GLY A 114 0.32 -1.97 -7.41
C GLY A 114 -0.41 -0.65 -7.67
N THR A 115 0.26 0.46 -7.52
CA THR A 115 -0.41 1.78 -7.74
C THR A 115 0.34 2.60 -8.81
N GLN A 116 -0.30 3.61 -9.33
CA GLN A 116 0.34 4.48 -10.36
C GLN A 116 0.53 3.69 -11.66
N ILE A 117 -0.37 2.80 -11.97
CA ILE A 117 -0.22 2.00 -13.22
C ILE A 117 -0.55 2.86 -14.46
N ASP A 118 -0.95 4.08 -14.27
CA ASP A 118 -1.26 4.95 -15.45
C ASP A 118 0.03 5.59 -15.97
N LEU A 119 1.00 5.76 -15.11
CA LEU A 119 2.29 6.37 -15.56
C LEU A 119 2.93 5.49 -16.63
N ARG A 120 2.69 4.20 -16.58
CA ARG A 120 3.26 3.28 -17.61
C ARG A 120 2.80 3.72 -19.00
N ASP A 121 1.68 4.39 -19.08
CA ASP A 121 1.18 4.83 -20.42
C ASP A 121 1.51 6.31 -20.63
N ASP A 122 2.55 6.78 -20.01
CA ASP A 122 2.94 8.22 -20.18
C ASP A 122 4.26 8.30 -20.96
N PRO A 123 4.20 8.50 -22.26
CA PRO A 123 5.43 8.59 -23.10
C PRO A 123 6.45 9.58 -22.53
N SER A 124 6.00 10.73 -22.09
CA SER A 124 6.95 11.72 -21.54
C SER A 124 7.70 11.10 -20.35
N THR A 125 7.04 10.30 -19.57
CA THR A 125 7.75 9.65 -18.44
C THR A 125 8.65 8.55 -19.01
N ILE A 126 8.10 7.75 -19.89
CA ILE A 126 8.90 6.66 -20.52
C ILE A 126 10.16 7.29 -21.14
N GLU A 127 10.03 8.47 -21.67
CA GLU A 127 11.21 9.14 -22.27
C GLU A 127 12.26 9.34 -21.18
N LYS A 128 11.86 9.84 -20.05
CA LYS A 128 12.82 10.05 -18.93
C LYS A 128 13.46 8.71 -18.56
N LEU A 129 12.69 7.65 -18.61
CA LEU A 129 13.26 6.31 -18.28
C LEU A 129 14.14 5.86 -19.44
N ALA A 130 13.74 6.17 -20.64
CA ALA A 130 14.54 5.75 -21.83
C ALA A 130 15.98 6.28 -21.70
N LYS A 131 16.14 7.50 -21.28
CA LYS A 131 17.52 8.05 -21.13
C LYS A 131 18.30 7.18 -20.15
N ASN A 132 17.65 6.72 -19.12
CA ASN A 132 18.35 5.86 -18.12
C ASN A 132 18.22 4.39 -18.52
N LYS A 133 17.64 4.13 -19.67
CA LYS A 133 17.48 2.71 -20.12
C LYS A 133 16.82 1.89 -19.01
N GLN A 134 15.91 2.48 -18.28
CA GLN A 134 15.21 1.74 -17.20
C GLN A 134 13.93 1.11 -17.75
N LYS A 135 13.08 1.92 -18.34
CA LYS A 135 11.80 1.39 -18.88
C LYS A 135 10.97 0.81 -17.72
N PRO A 136 9.66 0.94 -17.78
CA PRO A 136 8.75 0.44 -16.70
C PRO A 136 8.77 -1.09 -16.60
N ILE A 137 8.60 -1.61 -15.41
CA ILE A 137 8.60 -3.09 -15.24
C ILE A 137 7.25 -3.64 -15.68
N THR A 138 7.21 -4.85 -16.18
CA THR A 138 5.91 -5.43 -16.62
C THR A 138 5.20 -6.05 -15.41
N PRO A 139 3.90 -6.14 -15.47
CA PRO A 139 3.10 -6.73 -14.35
C PRO A 139 3.48 -8.19 -14.09
N GLU A 140 3.83 -8.91 -15.13
CA GLU A 140 4.21 -10.34 -14.94
C GLU A 140 5.44 -10.44 -14.03
N THR A 141 6.35 -9.50 -14.15
CA THR A 141 7.56 -9.54 -13.29
C THR A 141 7.16 -9.27 -11.84
N ALA A 142 6.21 -8.41 -11.63
CA ALA A 142 5.76 -8.08 -10.24
C ALA A 142 4.90 -9.22 -9.69
N GLU A 143 3.99 -9.73 -10.48
CA GLU A 143 3.11 -10.83 -10.00
C GLU A 143 3.95 -12.08 -9.70
N LYS A 144 5.01 -12.30 -10.41
CA LYS A 144 5.85 -13.50 -10.15
C LYS A 144 6.50 -13.40 -8.78
N LEU A 145 6.92 -12.23 -8.39
CA LEU A 145 7.59 -12.06 -7.06
C LEU A 145 6.64 -12.51 -5.95
N ALA A 146 5.38 -12.20 -6.06
CA ALA A 146 4.43 -12.61 -4.98
C ALA A 146 4.07 -14.09 -5.13
N ARG A 147 3.70 -14.50 -6.30
CA ARG A 147 3.31 -15.93 -6.52
C ARG A 147 4.49 -16.85 -6.19
N ASP A 148 5.62 -16.30 -5.84
CA ASP A 148 6.79 -17.17 -5.49
C ASP A 148 7.10 -17.06 -4.00
N LEU A 149 6.66 -16.00 -3.36
CA LEU A 149 6.93 -15.83 -1.91
C LEU A 149 5.68 -16.16 -1.09
N LYS A 150 4.80 -16.98 -1.60
CA LYS A 150 3.56 -17.34 -0.84
C LYS A 150 2.73 -16.09 -0.56
N ALA A 151 2.78 -15.11 -1.42
CA ALA A 151 1.97 -13.88 -1.18
C ALA A 151 0.49 -14.24 -1.27
N VAL A 152 -0.34 -13.61 -0.49
CA VAL A 152 -1.79 -13.94 -0.54
C VAL A 152 -2.36 -13.59 -1.92
N LYS A 153 -2.27 -12.35 -2.32
CA LYS A 153 -2.81 -11.97 -3.66
C LYS A 153 -2.27 -10.58 -4.04
N TYR A 154 -2.26 -10.29 -5.32
CA TYR A 154 -1.76 -8.96 -5.79
C TYR A 154 -2.91 -8.21 -6.47
N VAL A 155 -2.96 -6.91 -6.32
CA VAL A 155 -4.06 -6.13 -6.97
C VAL A 155 -3.46 -4.93 -7.71
N GLU A 156 -3.95 -4.64 -8.88
CA GLU A 156 -3.44 -3.47 -9.64
C GLU A 156 -4.45 -2.34 -9.50
N CYS A 157 -4.01 -1.16 -9.12
CA CYS A 157 -4.98 -0.05 -8.92
C CYS A 157 -4.43 1.27 -9.49
N SER A 158 -5.29 2.10 -10.01
CA SER A 158 -4.85 3.42 -10.55
C SER A 158 -5.46 4.55 -9.73
N ALA A 159 -4.64 5.24 -8.97
CA ALA A 159 -5.15 6.37 -8.13
C ALA A 159 -5.46 7.57 -9.01
N LEU A 160 -4.73 7.74 -10.08
CA LEU A 160 -4.99 8.89 -10.97
C LEU A 160 -6.47 8.87 -11.36
N THR A 161 -7.03 7.70 -11.46
CA THR A 161 -8.45 7.57 -11.83
C THR A 161 -9.15 6.76 -10.75
N GLN A 162 -10.44 6.78 -10.76
CA GLN A 162 -11.23 6.01 -9.75
C GLN A 162 -11.09 4.51 -10.03
N LYS A 163 -10.16 4.14 -10.88
CA LYS A 163 -9.98 2.70 -11.20
C LYS A 163 -8.99 2.08 -10.22
N GLY A 164 -8.63 2.81 -9.19
CA GLY A 164 -7.65 2.28 -8.20
C GLY A 164 -8.37 1.90 -6.91
N LEU A 165 -9.16 2.77 -6.37
CA LEU A 165 -9.87 2.47 -5.09
C LEU A 165 -10.82 1.28 -5.30
N LYS A 166 -11.45 1.20 -6.45
CA LYS A 166 -12.40 0.09 -6.71
C LYS A 166 -11.72 -1.27 -6.58
N ASN A 167 -10.45 -1.34 -6.86
CA ASN A 167 -9.74 -2.65 -6.75
C ASN A 167 -9.07 -2.79 -5.39
N VAL A 168 -8.46 -1.76 -4.91
CA VAL A 168 -7.76 -1.82 -3.60
C VAL A 168 -8.73 -2.17 -2.46
N PHE A 169 -9.94 -1.65 -2.49
CA PHE A 169 -10.89 -1.96 -1.39
C PHE A 169 -11.72 -3.22 -1.70
N ASP A 170 -11.71 -3.68 -2.92
CA ASP A 170 -12.51 -4.90 -3.25
C ASP A 170 -12.00 -6.08 -2.42
N GLU A 171 -10.72 -6.32 -2.43
CA GLU A 171 -10.15 -7.45 -1.64
C GLU A 171 -10.00 -7.05 -0.17
N ALA A 172 -9.93 -5.78 0.10
CA ALA A 172 -9.76 -5.34 1.50
C ALA A 172 -10.97 -5.75 2.35
N ILE A 173 -12.15 -5.75 1.78
CA ILE A 173 -13.35 -6.15 2.56
C ILE A 173 -13.32 -7.66 2.82
N LEU A 174 -12.99 -8.43 1.83
CA LEU A 174 -12.96 -9.91 2.02
C LEU A 174 -11.98 -10.26 3.14
N ALA A 175 -10.82 -9.65 3.16
CA ALA A 175 -9.84 -9.96 4.23
C ALA A 175 -10.37 -9.50 5.58
N ALA A 176 -11.09 -8.41 5.61
CA ALA A 176 -11.64 -7.90 6.89
C ALA A 176 -12.57 -8.95 7.50
N LEU A 177 -13.41 -9.56 6.71
CA LEU A 177 -14.34 -10.59 7.26
C LEU A 177 -13.51 -11.74 7.85
N GLU A 178 -12.45 -12.12 7.19
CA GLU A 178 -11.61 -13.23 7.70
C GLU A 178 -10.57 -12.67 8.69
N MET A 1 -12.76 -4.41 19.87
CA MET A 1 -13.73 -5.46 19.44
C MET A 1 -14.60 -4.91 18.31
N GLN A 2 -15.16 -5.77 17.51
CA GLN A 2 -16.02 -5.29 16.40
C GLN A 2 -15.26 -4.22 15.61
N THR A 3 -13.96 -4.25 15.67
CA THR A 3 -13.13 -3.25 14.93
C THR A 3 -12.17 -3.97 13.99
N ILE A 4 -11.90 -3.40 12.85
CA ILE A 4 -10.96 -4.05 11.89
C ILE A 4 -9.66 -3.25 11.83
N LYS A 5 -8.58 -3.83 12.26
CA LYS A 5 -7.28 -3.09 12.23
C LYS A 5 -6.67 -3.20 10.83
N CYS A 6 -6.41 -2.08 10.21
CA CYS A 6 -5.81 -2.10 8.84
C CYS A 6 -4.65 -1.12 8.78
N VAL A 7 -3.47 -1.59 8.51
CA VAL A 7 -2.29 -0.69 8.45
C VAL A 7 -1.82 -0.57 6.99
N VAL A 8 -1.46 0.62 6.58
CA VAL A 8 -0.99 0.81 5.18
C VAL A 8 0.48 1.23 5.21
N VAL A 9 1.31 0.60 4.42
CA VAL A 9 2.76 0.98 4.40
C VAL A 9 3.43 0.33 3.19
N GLY A 10 4.29 1.06 2.52
CA GLY A 10 4.97 0.48 1.34
C GLY A 10 6.31 1.17 1.13
N ASP A 11 7.17 0.61 0.32
CA ASP A 11 8.50 1.24 0.08
C ASP A 11 8.33 2.36 -0.96
N GLY A 12 7.99 3.53 -0.54
CA GLY A 12 7.82 4.65 -1.50
C GLY A 12 7.07 5.80 -0.82
N ALA A 13 7.79 6.67 -0.17
CA ALA A 13 7.14 7.83 0.52
C ALA A 13 6.73 8.88 -0.52
N VAL A 14 7.10 8.67 -1.76
CA VAL A 14 6.76 9.66 -2.81
C VAL A 14 5.24 9.84 -2.89
N GLY A 15 4.51 8.79 -3.12
CA GLY A 15 3.02 8.91 -3.21
C GLY A 15 2.36 8.21 -2.03
N LYS A 16 3.09 7.91 -0.99
CA LYS A 16 2.47 7.23 0.18
C LYS A 16 1.41 8.12 0.81
N THR A 17 1.68 9.40 0.92
CA THR A 17 0.68 10.32 1.54
C THR A 17 -0.54 10.46 0.63
N CYS A 18 -0.33 10.61 -0.65
CA CYS A 18 -1.48 10.78 -1.59
C CYS A 18 -2.39 9.53 -1.55
N LEU A 19 -1.84 8.38 -1.26
CA LEU A 19 -2.70 7.16 -1.23
C LEU A 19 -3.69 7.27 -0.07
N LEU A 20 -3.26 7.71 1.07
CA LEU A 20 -4.19 7.81 2.23
C LEU A 20 -5.22 8.93 1.95
N ILE A 21 -4.79 10.02 1.39
CA ILE A 21 -5.74 11.13 1.10
C ILE A 21 -6.72 10.70 0.01
N SER A 22 -6.25 10.08 -1.03
CA SER A 22 -7.14 9.66 -2.13
C SER A 22 -8.36 8.91 -1.57
N TYR A 23 -8.18 8.15 -0.52
CA TYR A 23 -9.33 7.41 0.06
C TYR A 23 -10.04 8.27 1.10
N THR A 24 -9.30 8.84 2.01
CA THR A 24 -9.92 9.66 3.09
C THR A 24 -10.77 10.80 2.51
N THR A 25 -10.32 11.49 1.50
CA THR A 25 -11.13 12.62 0.96
C THR A 25 -11.08 12.67 -0.57
N ASN A 26 -10.19 11.94 -1.20
CA ASN A 26 -10.08 11.97 -2.69
C ASN A 26 -9.15 13.13 -3.07
N LYS A 27 -8.03 12.81 -3.65
CA LYS A 27 -7.05 13.86 -4.08
C LYS A 27 -5.71 13.20 -4.38
N PHE A 28 -5.58 12.53 -5.50
CA PHE A 28 -4.29 11.87 -5.82
C PHE A 28 -3.17 12.91 -5.93
N PRO A 29 -3.44 14.03 -6.57
CA PRO A 29 -2.42 15.11 -6.76
C PRO A 29 -1.83 15.58 -5.42
N SER A 30 -2.63 15.67 -4.40
CA SER A 30 -2.10 16.11 -3.07
C SER A 30 -1.61 17.55 -3.16
N GLU A 31 -0.80 17.85 -4.15
CA GLU A 31 -0.27 19.24 -4.30
C GLU A 31 0.45 19.67 -3.02
N TYR A 32 -0.28 19.93 -1.97
CA TYR A 32 0.36 20.34 -0.69
C TYR A 32 0.29 19.19 0.31
N VAL A 33 1.41 18.78 0.84
CA VAL A 33 1.41 17.67 1.83
C VAL A 33 0.65 18.10 3.08
N PRO A 34 0.09 17.16 3.80
CA PRO A 34 -0.69 17.45 5.05
C PRO A 34 0.14 18.25 6.07
N ALA A 35 -0.45 19.24 6.67
CA ALA A 35 0.29 20.06 7.67
C ALA A 35 0.67 19.19 8.88
N VAL A 36 -0.12 18.21 9.19
CA VAL A 36 0.20 17.33 10.36
C VAL A 36 0.04 15.86 9.96
N PHE A 37 0.71 14.97 10.64
CA PHE A 37 0.59 13.52 10.30
C PHE A 37 -0.23 12.82 11.40
N ASP A 38 -1.52 12.69 11.21
CA ASP A 38 -2.36 12.03 12.25
C ASP A 38 -3.11 10.85 11.62
N ASN A 39 -3.35 9.82 12.40
CA ASN A 39 -4.09 8.64 11.86
C ASN A 39 -5.56 9.03 11.63
N TYR A 40 -6.19 8.42 10.66
CA TYR A 40 -7.63 8.74 10.38
C TYR A 40 -8.47 7.46 10.50
N ALA A 41 -9.69 7.60 10.95
CA ALA A 41 -10.57 6.40 11.09
C ALA A 41 -11.76 6.54 10.14
N VAL A 42 -12.24 5.44 9.60
CA VAL A 42 -13.40 5.51 8.67
C VAL A 42 -14.39 4.40 9.02
N THR A 43 -15.67 4.68 8.93
CA THR A 43 -16.68 3.63 9.26
C THR A 43 -17.17 2.95 7.98
N VAL A 44 -17.25 1.65 7.98
CA VAL A 44 -17.73 0.92 6.78
C VAL A 44 -18.97 0.10 7.13
N MET A 45 -19.97 0.11 6.28
CA MET A 45 -21.21 -0.66 6.57
C MET A 45 -21.25 -1.92 5.71
N ILE A 46 -21.69 -3.02 6.26
CA ILE A 46 -21.78 -4.28 5.49
C ILE A 46 -23.23 -4.75 5.46
N GLY A 47 -23.68 -5.31 4.36
CA GLY A 47 -25.09 -5.79 4.31
C GLY A 47 -25.36 -6.63 5.56
N GLY A 48 -24.34 -7.28 6.06
CA GLY A 48 -24.51 -8.10 7.29
C GLY A 48 -24.67 -7.16 8.48
N GLU A 49 -23.59 -6.90 9.17
CA GLU A 49 -23.66 -5.98 10.36
C GLU A 49 -22.68 -4.83 10.16
N PRO A 50 -22.92 -3.72 10.82
CA PRO A 50 -22.04 -2.51 10.71
C PRO A 50 -20.68 -2.75 11.35
N TYR A 51 -19.63 -2.28 10.72
CA TYR A 51 -18.27 -2.47 11.29
C TYR A 51 -17.44 -1.20 11.03
N THR A 52 -16.36 -1.04 11.73
CA THR A 52 -15.51 0.18 11.53
C THR A 52 -14.11 -0.26 11.08
N LEU A 53 -13.41 0.61 10.40
CA LEU A 53 -12.05 0.27 9.93
C LEU A 53 -11.03 1.23 10.55
N GLY A 54 -10.12 0.72 11.33
CA GLY A 54 -9.10 1.61 11.97
C GLY A 54 -7.87 1.70 11.06
N LEU A 55 -7.48 2.90 10.70
CA LEU A 55 -6.29 3.06 9.83
C LEU A 55 -5.14 3.63 10.68
N PHE A 56 -4.03 2.94 10.74
CA PHE A 56 -2.89 3.44 11.56
C PHE A 56 -1.66 3.61 10.66
N ASP A 57 -0.82 4.55 10.98
CA ASP A 57 0.41 4.77 10.16
C ASP A 57 1.49 5.40 11.04
N THR A 58 2.73 5.27 10.65
CA THR A 58 3.82 5.86 11.47
C THR A 58 3.85 7.37 11.26
N ALA A 59 4.31 8.10 12.24
CA ALA A 59 4.38 9.59 12.09
C ALA A 59 5.56 9.96 11.20
N GLY A 60 6.02 11.19 11.27
CA GLY A 60 7.17 11.59 10.42
C GLY A 60 8.35 10.64 10.66
N GLN A 61 8.72 10.45 11.90
CA GLN A 61 9.86 9.54 12.19
C GLN A 61 9.53 8.12 11.73
N GLU A 62 10.44 7.48 11.05
CA GLU A 62 10.20 6.09 10.57
C GLU A 62 11.20 5.15 11.24
N ASP A 63 12.44 5.55 11.32
CA ASP A 63 13.50 4.70 11.93
C ASP A 63 12.93 3.75 12.99
N TYR A 64 12.47 4.25 14.09
CA TYR A 64 11.93 3.35 15.17
C TYR A 64 10.81 2.44 14.64
N ASP A 65 10.67 2.30 13.35
CA ASP A 65 9.60 1.43 12.82
C ASP A 65 10.13 0.00 12.66
N ARG A 66 11.36 -0.22 13.03
CA ARG A 66 11.95 -1.58 12.90
C ARG A 66 11.14 -2.57 13.75
N LEU A 67 10.67 -2.14 14.88
CA LEU A 67 9.87 -3.05 15.75
C LEU A 67 10.57 -4.41 15.85
N ARG A 68 11.65 -4.46 16.57
CA ARG A 68 12.38 -5.75 16.73
C ARG A 68 11.46 -6.76 17.40
N PRO A 69 11.85 -8.00 17.43
CA PRO A 69 11.04 -9.07 18.06
C PRO A 69 10.50 -8.67 19.44
N LEU A 70 10.98 -7.57 19.97
CA LEU A 70 10.49 -7.13 21.30
C LEU A 70 8.98 -6.94 21.23
N SER A 71 8.51 -6.29 20.20
CA SER A 71 7.04 -6.08 20.06
C SER A 71 6.59 -6.62 18.70
N TYR A 72 5.44 -7.21 18.64
CA TYR A 72 4.95 -7.75 17.34
C TYR A 72 3.47 -7.44 17.18
N PRO A 73 3.15 -6.24 16.77
CA PRO A 73 1.75 -5.81 16.56
C PRO A 73 1.00 -6.79 15.63
N GLN A 74 -0.23 -7.09 15.94
CA GLN A 74 -1.00 -8.02 15.08
C GLN A 74 -1.93 -7.24 14.17
N THR A 75 -1.80 -7.41 12.87
CA THR A 75 -2.68 -6.67 11.93
C THR A 75 -3.58 -7.66 11.19
N ASP A 76 -4.85 -7.38 11.12
CA ASP A 76 -5.77 -8.30 10.42
C ASP A 76 -5.38 -8.40 8.95
N VAL A 77 -4.98 -7.30 8.36
CA VAL A 77 -4.58 -7.34 6.92
C VAL A 77 -3.35 -6.46 6.70
N PHE A 78 -2.34 -6.95 6.02
CA PHE A 78 -1.14 -6.12 5.77
C PHE A 78 -1.18 -5.62 4.32
N LEU A 79 -1.11 -4.34 4.09
CA LEU A 79 -1.17 -3.81 2.71
C LEU A 79 0.20 -3.30 2.26
N VAL A 80 0.56 -3.53 1.02
CA VAL A 80 1.86 -3.07 0.50
C VAL A 80 1.62 -2.21 -0.75
N CYS A 81 2.29 -1.09 -0.85
CA CYS A 81 2.10 -0.21 -2.04
C CYS A 81 3.46 0.13 -2.66
N PHE A 82 3.62 -0.12 -3.94
CA PHE A 82 4.93 0.20 -4.59
C PHE A 82 4.67 0.87 -5.94
N SER A 83 5.68 1.46 -6.52
CA SER A 83 5.50 2.13 -7.84
C SER A 83 6.09 1.26 -8.95
N VAL A 84 5.53 1.31 -10.13
CA VAL A 84 6.05 0.48 -11.25
C VAL A 84 6.81 1.36 -12.25
N VAL A 85 7.13 2.57 -11.88
CA VAL A 85 7.86 3.47 -12.82
C VAL A 85 9.33 3.58 -12.40
N SER A 86 9.68 3.05 -11.26
CA SER A 86 11.09 3.14 -10.79
C SER A 86 11.62 1.75 -10.43
N PRO A 87 12.43 1.15 -11.28
CA PRO A 87 12.99 -0.20 -11.02
C PRO A 87 13.62 -0.31 -9.64
N SER A 88 14.35 0.70 -9.23
CA SER A 88 14.99 0.66 -7.89
C SER A 88 13.92 0.43 -6.82
N SER A 89 12.76 1.02 -7.00
CA SER A 89 11.67 0.82 -6.01
C SER A 89 11.16 -0.62 -6.09
N PHE A 90 11.30 -1.23 -7.24
CA PHE A 90 10.83 -2.64 -7.41
C PHE A 90 11.73 -3.56 -6.58
N GLU A 91 13.03 -3.45 -6.74
CA GLU A 91 13.95 -4.32 -5.96
C GLU A 91 13.92 -3.90 -4.49
N ASN A 92 13.77 -2.63 -4.22
CA ASN A 92 13.74 -2.16 -2.81
C ASN A 92 12.64 -2.89 -2.05
N VAL A 93 11.54 -3.20 -2.69
CA VAL A 93 10.44 -3.91 -1.99
C VAL A 93 10.92 -5.28 -1.50
N LYS A 94 11.75 -5.94 -2.26
CA LYS A 94 12.26 -7.27 -1.83
C LYS A 94 13.44 -7.10 -0.88
N GLU A 95 14.06 -5.95 -0.90
CA GLU A 95 15.23 -5.74 -0.01
C GLU A 95 14.80 -5.40 1.42
N LYS A 96 13.63 -4.81 1.59
CA LYS A 96 13.18 -4.43 2.97
C LYS A 96 11.98 -5.26 3.44
N TRP A 97 10.99 -5.45 2.61
CA TRP A 97 9.78 -6.19 3.06
C TRP A 97 9.92 -7.71 2.92
N VAL A 98 11.04 -8.23 2.49
CA VAL A 98 11.15 -9.72 2.36
C VAL A 98 12.11 -10.28 3.43
N PRO A 99 13.19 -9.61 3.70
CA PRO A 99 14.20 -10.05 4.70
C PRO A 99 13.95 -9.48 6.09
N GLU A 100 13.89 -8.17 6.21
CA GLU A 100 13.69 -7.55 7.54
C GLU A 100 12.37 -8.00 8.16
N ILE A 101 11.35 -8.21 7.39
CA ILE A 101 10.04 -8.63 7.96
C ILE A 101 10.17 -10.06 8.54
N THR A 102 11.03 -10.86 7.98
CA THR A 102 11.18 -12.26 8.48
C THR A 102 11.58 -12.23 9.96
N HIS A 103 12.48 -11.35 10.33
CA HIS A 103 12.90 -11.28 11.76
C HIS A 103 11.68 -10.99 12.64
N HIS A 104 10.74 -10.24 12.14
CA HIS A 104 9.53 -9.93 12.95
C HIS A 104 8.77 -11.22 13.26
N CYS A 105 8.65 -12.10 12.30
CA CYS A 105 7.93 -13.38 12.53
C CYS A 105 7.79 -14.12 11.20
N PRO A 106 7.34 -15.36 11.24
CA PRO A 106 7.17 -16.19 10.01
C PRO A 106 6.39 -15.45 8.91
N LYS A 107 5.90 -16.16 7.93
CA LYS A 107 5.14 -15.49 6.84
C LYS A 107 3.70 -15.24 7.29
N THR A 108 3.17 -14.09 6.97
CA THR A 108 1.77 -13.77 7.39
C THR A 108 1.00 -13.22 6.19
N PRO A 109 -0.30 -13.10 6.30
CA PRO A 109 -1.16 -12.57 5.21
C PRO A 109 -0.50 -11.39 4.49
N PHE A 110 0.12 -11.64 3.37
CA PHE A 110 0.80 -10.54 2.62
C PHE A 110 0.02 -10.22 1.34
N LEU A 111 -0.28 -8.96 1.14
CA LEU A 111 -1.02 -8.58 -0.09
C LEU A 111 -0.17 -7.58 -0.89
N LEU A 112 0.10 -7.88 -2.13
CA LEU A 112 0.91 -6.94 -2.96
C LEU A 112 0.01 -6.18 -3.91
N VAL A 113 -0.02 -4.87 -3.82
CA VAL A 113 -0.90 -4.07 -4.71
C VAL A 113 -0.06 -3.32 -5.74
N GLY A 114 -0.47 -3.35 -6.98
CA GLY A 114 0.28 -2.63 -8.04
C GLY A 114 -0.24 -1.19 -8.12
N THR A 115 0.56 -0.24 -7.76
CA THR A 115 0.10 1.18 -7.80
C THR A 115 0.68 1.90 -9.02
N GLN A 116 -0.06 2.85 -9.55
CA GLN A 116 0.40 3.63 -10.73
C GLN A 116 0.57 2.74 -11.96
N ILE A 117 -0.28 1.78 -12.16
CA ILE A 117 -0.13 0.93 -13.38
C ILE A 117 -0.19 1.87 -14.59
N ASP A 118 -0.37 1.36 -15.77
CA ASP A 118 -0.42 2.27 -16.95
C ASP A 118 0.81 3.17 -16.94
N LEU A 119 1.82 2.79 -16.21
CA LEU A 119 3.09 3.58 -16.15
C LEU A 119 2.83 5.09 -16.34
N ARG A 120 1.93 5.65 -15.59
CA ARG A 120 1.65 7.11 -15.73
C ARG A 120 1.30 7.45 -17.18
N ASP A 121 0.85 6.48 -17.94
CA ASP A 121 0.48 6.73 -19.37
C ASP A 121 1.37 7.82 -19.97
N ASP A 122 2.65 7.60 -20.03
CA ASP A 122 3.58 8.63 -20.60
C ASP A 122 4.53 7.96 -21.60
N PRO A 123 4.11 7.81 -22.83
CA PRO A 123 4.94 7.17 -23.89
C PRO A 123 6.34 7.80 -23.98
N SER A 124 6.46 9.05 -23.62
CA SER A 124 7.80 9.70 -23.67
C SER A 124 8.59 9.33 -22.40
N THR A 125 7.97 8.62 -21.51
CA THR A 125 8.68 8.21 -20.26
C THR A 125 9.30 6.82 -20.48
N ILE A 126 8.53 5.90 -20.99
CA ILE A 126 9.06 4.52 -21.22
C ILE A 126 9.95 4.50 -22.47
N GLU A 127 9.48 5.06 -23.54
CA GLU A 127 10.27 5.04 -24.81
C GLU A 127 11.61 5.76 -24.64
N LYS A 128 11.64 6.86 -23.93
CA LYS A 128 12.93 7.59 -23.78
C LYS A 128 13.75 6.97 -22.64
N LEU A 129 13.21 6.03 -21.92
CA LEU A 129 13.97 5.41 -20.79
C LEU A 129 14.21 3.92 -21.08
N ALA A 130 13.20 3.19 -21.43
CA ALA A 130 13.40 1.74 -21.72
C ALA A 130 14.48 1.59 -22.79
N LYS A 131 14.40 2.36 -23.84
CA LYS A 131 15.43 2.26 -24.91
C LYS A 131 16.82 2.30 -24.26
N ASN A 132 16.90 2.88 -23.09
CA ASN A 132 18.21 2.90 -22.37
C ASN A 132 18.45 1.52 -21.78
N LYS A 133 17.52 1.04 -20.99
CA LYS A 133 17.67 -0.31 -20.37
C LYS A 133 16.39 -0.70 -19.62
N GLN A 134 15.36 -1.08 -20.34
CA GLN A 134 14.08 -1.50 -19.69
C GLN A 134 13.84 -0.69 -18.41
N LYS A 135 13.20 0.44 -18.50
CA LYS A 135 12.95 1.25 -17.28
C LYS A 135 11.62 0.87 -16.62
N PRO A 136 10.61 0.60 -17.41
CA PRO A 136 9.26 0.24 -16.89
C PRO A 136 9.08 -1.27 -16.65
N ILE A 137 8.66 -1.64 -15.47
CA ILE A 137 8.46 -3.09 -15.17
C ILE A 137 6.99 -3.45 -15.36
N THR A 138 6.71 -4.55 -16.01
CA THR A 138 5.30 -4.96 -16.24
C THR A 138 4.75 -5.61 -14.97
N PRO A 139 3.46 -5.59 -14.79
CA PRO A 139 2.80 -6.21 -13.61
C PRO A 139 3.11 -7.69 -13.50
N GLU A 140 3.27 -8.36 -14.61
CA GLU A 140 3.58 -9.82 -14.57
C GLU A 140 4.86 -10.03 -13.77
N THR A 141 5.82 -9.15 -13.89
CA THR A 141 7.08 -9.29 -13.12
C THR A 141 6.78 -9.10 -11.64
N ALA A 142 5.78 -8.30 -11.34
CA ALA A 142 5.41 -8.05 -9.92
C ALA A 142 4.69 -9.26 -9.34
N GLU A 143 3.91 -9.94 -10.13
CA GLU A 143 3.15 -11.12 -9.60
C GLU A 143 4.11 -12.18 -9.07
N LYS A 144 5.25 -12.36 -9.69
CA LYS A 144 6.21 -13.38 -9.19
C LYS A 144 6.67 -12.99 -7.79
N LEU A 145 6.86 -11.72 -7.55
CA LEU A 145 7.32 -11.27 -6.21
C LEU A 145 6.40 -11.85 -5.14
N ALA A 146 5.11 -11.81 -5.37
CA ALA A 146 4.15 -12.34 -4.37
C ALA A 146 4.27 -13.87 -4.32
N ARG A 147 4.31 -14.51 -5.45
CA ARG A 147 4.39 -16.00 -5.47
C ARG A 147 5.81 -16.47 -5.17
N ASP A 148 6.74 -15.58 -4.93
CA ASP A 148 8.13 -16.01 -4.62
C ASP A 148 8.15 -16.75 -3.28
N LEU A 149 7.29 -16.37 -2.37
CA LEU A 149 7.26 -17.04 -1.04
C LEU A 149 5.88 -17.65 -0.79
N LYS A 150 4.95 -16.85 -0.34
CA LYS A 150 3.59 -17.36 -0.08
C LYS A 150 2.60 -16.19 0.00
N ALA A 151 2.56 -15.35 -1.00
CA ALA A 151 1.63 -14.19 -0.96
C ALA A 151 0.19 -14.71 -1.05
N VAL A 152 -0.70 -14.18 -0.26
CA VAL A 152 -2.11 -14.64 -0.32
C VAL A 152 -2.71 -14.27 -1.68
N LYS A 153 -2.66 -13.02 -2.04
CA LYS A 153 -3.24 -12.60 -3.36
C LYS A 153 -2.58 -11.31 -3.83
N TYR A 154 -2.66 -11.02 -5.10
CA TYR A 154 -2.05 -9.76 -5.63
C TYR A 154 -3.10 -9.02 -6.46
N VAL A 155 -3.08 -7.72 -6.45
CA VAL A 155 -4.10 -6.95 -7.24
C VAL A 155 -3.45 -5.74 -7.91
N GLU A 156 -3.99 -5.31 -9.02
CA GLU A 156 -3.43 -4.11 -9.71
C GLU A 156 -4.39 -2.95 -9.52
N CYS A 157 -3.91 -1.81 -9.09
CA CYS A 157 -4.83 -0.65 -8.86
C CYS A 157 -4.26 0.63 -9.46
N SER A 158 -5.12 1.46 -10.00
CA SER A 158 -4.65 2.75 -10.59
C SER A 158 -5.22 3.91 -9.77
N ALA A 159 -4.37 4.60 -9.06
CA ALA A 159 -4.84 5.75 -8.24
C ALA A 159 -5.14 6.94 -9.15
N LEU A 160 -4.40 7.08 -10.23
CA LEU A 160 -4.65 8.20 -11.16
C LEU A 160 -6.10 8.17 -11.60
N THR A 161 -6.70 7.01 -11.60
CA THR A 161 -8.11 6.87 -12.01
C THR A 161 -8.86 6.14 -10.89
N GLN A 162 -10.14 6.10 -11.00
CA GLN A 162 -10.96 5.42 -9.96
C GLN A 162 -10.82 3.91 -10.09
N LYS A 163 -9.89 3.45 -10.89
CA LYS A 163 -9.73 1.98 -11.06
C LYS A 163 -8.76 1.45 -10.01
N GLY A 164 -8.28 2.31 -9.14
CA GLY A 164 -7.33 1.83 -8.09
C GLY A 164 -8.09 1.50 -6.82
N LEU A 165 -8.93 2.40 -6.35
CA LEU A 165 -9.69 2.13 -5.10
C LEU A 165 -10.77 1.08 -5.36
N LYS A 166 -11.42 1.13 -6.50
CA LYS A 166 -12.51 0.16 -6.80
C LYS A 166 -11.98 -1.28 -6.78
N ASN A 167 -10.75 -1.50 -7.16
CA ASN A 167 -10.22 -2.90 -7.14
C ASN A 167 -10.06 -3.35 -5.69
N VAL A 168 -9.41 -2.56 -4.88
CA VAL A 168 -9.20 -2.94 -3.46
C VAL A 168 -10.43 -2.59 -2.62
N PHE A 169 -11.47 -2.07 -3.23
CA PHE A 169 -12.68 -1.72 -2.43
C PHE A 169 -13.45 -3.00 -2.07
N ASP A 170 -13.71 -3.83 -3.04
CA ASP A 170 -14.47 -5.09 -2.75
C ASP A 170 -13.61 -6.01 -1.87
N GLU A 171 -12.35 -6.15 -2.18
CA GLU A 171 -11.48 -7.04 -1.36
C GLU A 171 -11.32 -6.47 0.05
N ALA A 172 -11.31 -5.17 0.18
CA ALA A 172 -11.15 -4.57 1.52
C ALA A 172 -12.27 -5.03 2.45
N ILE A 173 -13.47 -5.15 1.94
CA ILE A 173 -14.60 -5.60 2.81
C ILE A 173 -14.47 -7.09 3.11
N LEU A 174 -14.11 -7.88 2.13
CA LEU A 174 -13.98 -9.35 2.36
C LEU A 174 -12.94 -9.62 3.45
N ALA A 175 -11.80 -8.99 3.38
CA ALA A 175 -10.75 -9.24 4.41
C ALA A 175 -11.25 -8.77 5.78
N ALA A 176 -12.03 -7.72 5.83
CA ALA A 176 -12.53 -7.23 7.14
C ALA A 176 -13.28 -8.37 7.86
N LEU A 177 -13.94 -9.21 7.12
CA LEU A 177 -14.68 -10.33 7.77
C LEU A 177 -13.68 -11.22 8.52
N GLU A 178 -12.53 -11.44 7.97
CA GLU A 178 -11.51 -12.29 8.65
C GLU A 178 -11.31 -11.78 10.08
N MET A 1 -15.86 -2.21 20.50
CA MET A 1 -16.52 -3.55 20.43
C MET A 1 -16.49 -4.06 18.99
N GLN A 2 -15.78 -5.13 18.74
CA GLN A 2 -15.70 -5.67 17.35
C GLN A 2 -15.11 -4.61 16.43
N THR A 3 -13.84 -4.67 16.15
CA THR A 3 -13.21 -3.66 15.27
C THR A 3 -12.23 -4.34 14.32
N ILE A 4 -11.87 -3.67 13.26
CA ILE A 4 -10.92 -4.25 12.27
C ILE A 4 -9.69 -3.36 12.18
N LYS A 5 -8.53 -3.87 12.50
CA LYS A 5 -7.30 -3.02 12.43
C LYS A 5 -6.63 -3.18 11.06
N CYS A 6 -6.31 -2.08 10.44
CA CYS A 6 -5.63 -2.14 9.11
C CYS A 6 -4.46 -1.17 9.08
N VAL A 7 -3.30 -1.61 8.67
CA VAL A 7 -2.12 -0.71 8.63
C VAL A 7 -1.62 -0.58 7.18
N VAL A 8 -1.18 0.60 6.81
CA VAL A 8 -0.67 0.79 5.42
C VAL A 8 0.85 0.96 5.48
N VAL A 9 1.56 0.28 4.62
CA VAL A 9 3.04 0.40 4.64
C VAL A 9 3.57 0.42 3.20
N GLY A 10 4.46 1.33 2.89
CA GLY A 10 5.01 1.38 1.51
C GLY A 10 6.19 2.35 1.45
N ASP A 11 7.39 1.85 1.49
CA ASP A 11 8.57 2.76 1.44
C ASP A 11 8.53 3.55 0.14
N GLY A 12 8.17 2.91 -0.95
CA GLY A 12 8.11 3.63 -2.25
C GLY A 12 6.76 4.33 -2.37
N ALA A 13 6.76 5.63 -2.51
CA ALA A 13 5.48 6.37 -2.64
C ALA A 13 5.76 7.87 -2.59
N VAL A 14 6.03 8.48 -3.71
CA VAL A 14 6.31 9.93 -3.73
C VAL A 14 5.10 10.69 -3.18
N GLY A 15 3.91 10.28 -3.56
CA GLY A 15 2.69 10.97 -3.06
C GLY A 15 2.05 10.12 -1.97
N LYS A 16 2.80 9.76 -0.97
CA LYS A 16 2.23 8.92 0.13
C LYS A 16 1.10 9.69 0.82
N THR A 17 1.26 10.98 1.02
CA THR A 17 0.18 11.77 1.66
C THR A 17 -1.04 11.78 0.75
N CYS A 18 -0.83 11.94 -0.53
CA CYS A 18 -1.97 11.96 -1.47
C CYS A 18 -2.77 10.66 -1.36
N LEU A 19 -2.12 9.59 -1.01
CA LEU A 19 -2.86 8.30 -0.88
C LEU A 19 -3.92 8.46 0.22
N LEU A 20 -3.56 9.11 1.30
CA LEU A 20 -4.54 9.31 2.40
C LEU A 20 -5.64 10.27 1.93
N ILE A 21 -5.27 11.28 1.19
CA ILE A 21 -6.29 12.26 0.70
C ILE A 21 -7.26 11.55 -0.25
N SER A 22 -6.74 10.81 -1.19
CA SER A 22 -7.63 10.10 -2.14
C SER A 22 -8.59 9.16 -1.40
N TYR A 23 -8.14 8.54 -0.35
CA TYR A 23 -9.04 7.61 0.40
C TYR A 23 -9.96 8.41 1.32
N THR A 24 -9.40 9.29 2.11
CA THR A 24 -10.25 10.10 3.04
C THR A 24 -11.26 10.93 2.22
N THR A 25 -10.83 11.50 1.13
CA THR A 25 -11.75 12.32 0.30
C THR A 25 -12.00 11.60 -1.03
N ASN A 26 -11.51 12.14 -2.11
CA ASN A 26 -11.71 11.49 -3.43
C ASN A 26 -10.91 12.25 -4.49
N LYS A 27 -9.90 12.97 -4.07
CA LYS A 27 -9.08 13.74 -5.06
C LYS A 27 -7.76 13.01 -5.33
N PHE A 28 -7.64 12.42 -6.49
CA PHE A 28 -6.37 11.71 -6.82
C PHE A 28 -5.26 12.75 -6.97
N PRO A 29 -5.54 13.85 -7.63
CA PRO A 29 -4.55 14.94 -7.85
C PRO A 29 -4.02 15.51 -6.53
N SER A 30 -4.80 15.43 -5.48
CA SER A 30 -4.34 15.97 -4.16
C SER A 30 -3.65 17.33 -4.39
N GLU A 31 -4.20 18.16 -5.23
CA GLU A 31 -3.58 19.49 -5.51
C GLU A 31 -2.97 20.08 -4.23
N TYR A 32 -3.60 19.86 -3.10
CA TYR A 32 -3.04 20.41 -1.83
C TYR A 32 -2.68 19.26 -0.89
N VAL A 33 -1.45 19.18 -0.46
CA VAL A 33 -1.03 18.08 0.45
C VAL A 33 -0.33 18.66 1.68
N PRO A 34 -1.09 19.23 2.58
CA PRO A 34 -0.55 19.83 3.83
C PRO A 34 -0.33 18.80 4.94
N ALA A 35 -1.22 18.75 5.90
CA ALA A 35 -1.08 17.76 7.02
C ALA A 35 -1.89 18.27 8.21
N VAL A 36 -3.06 18.77 7.97
CA VAL A 36 -3.89 19.29 9.10
C VAL A 36 -4.38 18.13 9.97
N PHE A 37 -4.78 17.04 9.35
CA PHE A 37 -5.27 15.88 10.15
C PHE A 37 -4.27 14.73 10.07
N ASP A 38 -3.91 14.18 11.19
CA ASP A 38 -2.93 13.04 11.19
C ASP A 38 -3.71 11.73 11.17
N ASN A 39 -3.22 10.71 11.82
CA ASN A 39 -3.93 9.41 11.82
C ASN A 39 -5.44 9.64 12.00
N TYR A 40 -6.23 9.13 11.09
CA TYR A 40 -7.71 9.33 11.19
C TYR A 40 -8.41 7.99 10.98
N ALA A 41 -9.56 7.81 11.58
CA ALA A 41 -10.29 6.53 11.43
C ALA A 41 -11.45 6.72 10.45
N VAL A 42 -11.72 5.74 9.62
CA VAL A 42 -12.83 5.86 8.65
C VAL A 42 -13.87 4.77 8.91
N THR A 43 -15.13 5.12 8.94
CA THR A 43 -16.18 4.10 9.20
C THR A 43 -16.92 3.78 7.90
N VAL A 44 -17.13 2.52 7.64
CA VAL A 44 -17.85 2.11 6.40
C VAL A 44 -19.13 1.38 6.76
N MET A 45 -20.22 1.70 6.11
CA MET A 45 -21.51 1.02 6.42
C MET A 45 -21.84 0.02 5.30
N ILE A 46 -22.37 -1.12 5.65
CA ILE A 46 -22.72 -2.14 4.62
C ILE A 46 -24.20 -2.48 4.73
N GLY A 47 -24.86 -2.68 3.62
CA GLY A 47 -26.31 -3.02 3.68
C GLY A 47 -26.53 -4.07 4.78
N GLY A 48 -25.51 -4.83 5.08
CA GLY A 48 -25.64 -5.87 6.14
C GLY A 48 -25.49 -5.21 7.52
N GLU A 49 -24.30 -5.17 8.04
CA GLU A 49 -24.08 -4.56 9.39
C GLU A 49 -22.98 -3.50 9.31
N PRO A 50 -23.01 -2.53 10.20
CA PRO A 50 -22.00 -1.43 10.22
C PRO A 50 -20.61 -1.92 10.67
N TYR A 51 -19.58 -1.45 10.01
CA TYR A 51 -18.21 -1.86 10.38
C TYR A 51 -17.32 -0.62 10.51
N THR A 52 -16.28 -0.69 11.28
CA THR A 52 -15.38 0.49 11.44
C THR A 52 -13.98 0.14 10.94
N LEU A 53 -13.27 1.10 10.40
CA LEU A 53 -11.90 0.82 9.90
C LEU A 53 -10.90 1.78 10.56
N GLY A 54 -9.92 1.25 11.22
CA GLY A 54 -8.91 2.13 11.88
C GLY A 54 -7.63 2.14 11.05
N LEU A 55 -7.14 3.30 10.68
CA LEU A 55 -5.90 3.36 9.86
C LEU A 55 -4.73 3.81 10.76
N PHE A 56 -3.59 3.19 10.61
CA PHE A 56 -2.42 3.57 11.43
C PHE A 56 -1.27 3.96 10.51
N ASP A 57 -0.42 4.86 10.94
CA ASP A 57 0.72 5.27 10.07
C ASP A 57 2.00 5.37 10.91
N THR A 58 3.14 5.35 10.29
CA THR A 58 4.41 5.44 11.07
C THR A 58 4.70 6.91 11.36
N ALA A 59 5.56 7.18 12.31
CA ALA A 59 5.90 8.58 12.64
C ALA A 59 7.33 8.66 13.15
N GLY A 60 7.98 9.78 12.94
CA GLY A 60 9.38 9.94 13.41
C GLY A 60 9.42 10.87 14.62
N GLN A 61 8.53 10.67 15.56
CA GLN A 61 8.51 11.55 16.77
C GLN A 61 9.22 10.85 17.93
N GLU A 62 10.26 11.45 18.45
CA GLU A 62 11.00 10.84 19.59
C GLU A 62 11.58 9.48 19.17
N ASP A 63 10.74 8.53 18.90
CA ASP A 63 11.24 7.18 18.51
C ASP A 63 12.05 7.26 17.20
N TYR A 64 12.41 8.44 16.79
CA TYR A 64 13.20 8.58 15.53
C TYR A 64 14.68 8.70 15.88
N ASP A 65 15.02 8.48 17.13
CA ASP A 65 16.45 8.61 17.54
C ASP A 65 17.30 7.60 16.75
N ARG A 66 16.83 6.39 16.61
CA ARG A 66 17.62 5.36 15.86
C ARG A 66 16.80 4.07 15.73
N LEU A 67 15.59 4.08 16.21
CA LEU A 67 14.75 2.85 16.12
C LEU A 67 13.98 2.83 14.80
N ARG A 68 13.94 1.70 14.15
CA ARG A 68 13.20 1.60 12.85
C ARG A 68 12.36 0.32 12.81
N PRO A 69 12.90 -0.79 13.26
CA PRO A 69 12.18 -2.10 13.24
C PRO A 69 11.00 -2.12 14.22
N LEU A 70 10.48 -0.96 14.55
CA LEU A 70 9.34 -0.90 15.50
C LEU A 70 8.18 -1.75 14.97
N SER A 71 8.04 -1.83 13.67
CA SER A 71 6.94 -2.66 13.08
C SER A 71 5.66 -2.51 13.92
N TYR A 72 4.72 -3.42 13.75
CA TYR A 72 3.46 -3.34 14.53
C TYR A 72 3.32 -4.60 15.39
N PRO A 73 2.68 -4.49 16.53
CA PRO A 73 2.49 -5.66 17.45
C PRO A 73 1.64 -6.76 16.82
N GLN A 74 0.64 -6.40 16.06
CA GLN A 74 -0.23 -7.42 15.42
C GLN A 74 -1.23 -6.75 14.50
N THR A 75 -1.16 -7.01 13.21
CA THR A 75 -2.10 -6.37 12.26
C THR A 75 -2.94 -7.46 11.56
N ASP A 76 -4.23 -7.32 11.59
CA ASP A 76 -5.11 -8.33 10.94
C ASP A 76 -4.90 -8.31 9.42
N VAL A 77 -4.62 -7.16 8.87
CA VAL A 77 -4.40 -7.09 7.39
C VAL A 77 -3.19 -6.20 7.10
N PHE A 78 -2.30 -6.65 6.25
CA PHE A 78 -1.11 -5.82 5.91
C PHE A 78 -1.21 -5.36 4.45
N LEU A 79 -1.11 -4.08 4.21
CA LEU A 79 -1.21 -3.58 2.81
C LEU A 79 0.16 -3.06 2.34
N VAL A 80 0.50 -3.33 1.11
CA VAL A 80 1.81 -2.85 0.57
C VAL A 80 1.57 -1.95 -0.64
N CYS A 81 2.26 -0.84 -0.72
CA CYS A 81 2.07 0.08 -1.88
C CYS A 81 3.42 0.43 -2.50
N PHE A 82 3.60 0.14 -3.76
CA PHE A 82 4.89 0.47 -4.43
C PHE A 82 4.63 0.85 -5.89
N SER A 83 5.57 1.48 -6.53
CA SER A 83 5.36 1.87 -7.95
C SER A 83 5.83 0.74 -8.87
N VAL A 84 5.08 0.44 -9.90
CA VAL A 84 5.48 -0.66 -10.82
C VAL A 84 6.28 -0.10 -12.00
N VAL A 85 6.27 1.20 -12.19
CA VAL A 85 7.02 1.79 -13.32
C VAL A 85 8.44 2.14 -12.89
N SER A 86 8.70 2.13 -11.61
CA SER A 86 10.07 2.47 -11.11
C SER A 86 10.83 1.18 -10.77
N PRO A 87 12.03 1.00 -11.28
CA PRO A 87 12.83 -0.22 -10.98
C PRO A 87 13.39 -0.22 -9.56
N SER A 88 13.97 0.88 -9.13
CA SER A 88 14.54 0.92 -7.76
C SER A 88 13.45 0.52 -6.76
N SER A 89 12.25 1.02 -6.96
CA SER A 89 11.14 0.67 -6.03
C SER A 89 10.79 -0.80 -6.21
N PHE A 90 11.12 -1.37 -7.34
CA PHE A 90 10.81 -2.80 -7.58
C PHE A 90 11.76 -3.67 -6.74
N GLU A 91 13.03 -3.41 -6.82
CA GLU A 91 14.01 -4.20 -6.02
C GLU A 91 13.83 -3.90 -4.54
N ASN A 92 13.54 -2.67 -4.20
CA ASN A 92 13.36 -2.31 -2.77
C ASN A 92 12.33 -3.24 -2.13
N VAL A 93 11.34 -3.65 -2.87
CA VAL A 93 10.30 -4.55 -2.31
C VAL A 93 10.93 -5.86 -1.85
N LYS A 94 11.88 -6.38 -2.58
CA LYS A 94 12.50 -7.68 -2.19
C LYS A 94 13.76 -7.44 -1.34
N GLU A 95 14.47 -6.38 -1.60
CA GLU A 95 15.74 -6.13 -0.84
C GLU A 95 15.47 -5.78 0.63
N LYS A 96 14.41 -5.06 0.93
CA LYS A 96 14.16 -4.69 2.36
C LYS A 96 12.89 -5.34 2.93
N TRP A 97 11.79 -5.20 2.25
CA TRP A 97 10.51 -5.75 2.79
C TRP A 97 10.49 -7.29 2.84
N VAL A 98 11.17 -7.99 1.96
CA VAL A 98 11.11 -9.48 2.03
C VAL A 98 11.90 -10.02 3.23
N PRO A 99 13.15 -9.63 3.41
CA PRO A 99 13.99 -10.13 4.55
C PRO A 99 13.58 -9.53 5.90
N GLU A 100 13.41 -8.23 5.95
CA GLU A 100 13.06 -7.57 7.25
C GLU A 100 11.75 -8.15 7.81
N ILE A 101 10.79 -8.40 6.98
CA ILE A 101 9.49 -8.95 7.49
C ILE A 101 9.70 -10.34 8.11
N THR A 102 10.72 -11.03 7.69
CA THR A 102 10.97 -12.40 8.25
C THR A 102 11.13 -12.34 9.77
N HIS A 103 11.78 -11.33 10.28
CA HIS A 103 11.98 -11.24 11.76
C HIS A 103 10.63 -11.33 12.49
N HIS A 104 9.57 -10.84 11.89
CA HIS A 104 8.25 -10.89 12.57
C HIS A 104 7.58 -12.25 12.34
N CYS A 105 8.27 -13.18 11.74
CA CYS A 105 7.65 -14.51 11.50
C CYS A 105 6.34 -14.33 10.71
N PRO A 106 6.45 -13.94 9.48
CA PRO A 106 5.26 -13.72 8.62
C PRO A 106 4.31 -14.92 8.59
N LYS A 107 3.06 -14.69 8.85
CA LYS A 107 2.06 -15.79 8.84
C LYS A 107 0.70 -15.22 8.47
N THR A 108 0.38 -14.05 8.98
CA THR A 108 -0.93 -13.43 8.66
C THR A 108 -1.01 -13.16 7.15
N PRO A 109 -2.20 -13.07 6.61
CA PRO A 109 -2.41 -12.82 5.16
C PRO A 109 -1.75 -11.51 4.69
N PHE A 110 -1.09 -11.57 3.56
CA PHE A 110 -0.42 -10.34 3.03
C PHE A 110 -1.06 -9.94 1.70
N LEU A 111 -1.29 -8.68 1.50
CA LEU A 111 -1.91 -8.22 0.22
C LEU A 111 -0.93 -7.30 -0.51
N LEU A 112 -0.62 -7.61 -1.73
CA LEU A 112 0.32 -6.75 -2.50
C LEU A 112 -0.48 -5.88 -3.47
N VAL A 113 -0.37 -4.58 -3.34
CA VAL A 113 -1.16 -3.67 -4.23
C VAL A 113 -0.22 -2.92 -5.17
N GLY A 114 -0.59 -2.81 -6.41
CA GLY A 114 0.25 -2.06 -7.39
C GLY A 114 -0.39 -0.69 -7.63
N THR A 115 0.37 0.37 -7.52
CA THR A 115 -0.24 1.72 -7.69
C THR A 115 0.40 2.46 -8.89
N GLN A 116 -0.33 3.41 -9.42
CA GLN A 116 0.16 4.21 -10.59
C GLN A 116 0.42 3.31 -11.80
N ILE A 117 -0.41 2.33 -12.02
CA ILE A 117 -0.20 1.43 -13.19
C ILE A 117 -0.54 2.18 -14.48
N ASP A 118 -1.01 3.40 -14.38
CA ASP A 118 -1.36 4.17 -15.60
C ASP A 118 -0.11 4.90 -16.11
N LEU A 119 0.86 5.10 -15.25
CA LEU A 119 2.11 5.79 -15.67
C LEU A 119 2.75 5.01 -16.83
N ARG A 120 2.60 3.72 -16.83
CA ARG A 120 3.18 2.89 -17.93
C ARG A 120 2.57 3.34 -19.27
N ASP A 121 1.39 3.90 -19.22
CA ASP A 121 0.74 4.35 -20.48
C ASP A 121 1.23 5.74 -20.85
N ASP A 122 2.24 6.23 -20.16
CA ASP A 122 2.79 7.58 -20.46
C ASP A 122 4.26 7.45 -20.89
N PRO A 123 4.48 7.19 -22.16
CA PRO A 123 5.86 7.02 -22.70
C PRO A 123 6.78 8.20 -22.34
N SER A 124 6.22 9.34 -22.05
CA SER A 124 7.06 10.50 -21.71
C SER A 124 7.93 10.17 -20.48
N THR A 125 7.45 9.33 -19.61
CA THR A 125 8.26 8.98 -18.40
C THR A 125 9.32 7.94 -18.77
N ILE A 126 8.91 6.84 -19.37
CA ILE A 126 9.90 5.78 -19.71
C ILE A 126 11.00 6.38 -20.60
N GLU A 127 10.73 7.50 -21.22
CA GLU A 127 11.77 8.14 -22.08
C GLU A 127 12.95 8.54 -21.18
N LYS A 128 12.68 9.24 -20.12
CA LYS A 128 13.77 9.67 -19.19
C LYS A 128 14.57 8.45 -18.72
N LEU A 129 13.93 7.32 -18.60
CA LEU A 129 14.65 6.09 -18.16
C LEU A 129 15.50 5.57 -19.32
N ALA A 130 15.00 5.69 -20.52
CA ALA A 130 15.76 5.19 -21.71
C ALA A 130 17.19 5.74 -21.68
N LYS A 131 17.36 6.98 -21.28
CA LYS A 131 18.74 7.54 -21.24
C LYS A 131 19.60 6.71 -20.28
N ASN A 132 19.02 6.24 -19.22
CA ASN A 132 19.80 5.41 -18.25
C ASN A 132 19.85 3.96 -18.72
N LYS A 133 19.37 3.70 -19.90
CA LYS A 133 19.40 2.30 -20.42
C LYS A 133 18.66 1.39 -19.45
N GLN A 134 17.63 1.88 -18.82
CA GLN A 134 16.87 1.04 -17.85
C GLN A 134 15.39 1.07 -18.22
N LYS A 135 14.82 -0.06 -18.49
CA LYS A 135 13.38 -0.10 -18.86
C LYS A 135 12.51 -0.34 -17.62
N PRO A 136 11.27 0.06 -17.68
CA PRO A 136 10.30 -0.11 -16.55
C PRO A 136 10.01 -1.58 -16.25
N ILE A 137 9.53 -1.88 -15.09
CA ILE A 137 9.23 -3.30 -14.74
C ILE A 137 7.74 -3.58 -14.97
N THR A 138 7.44 -4.59 -15.74
CA THR A 138 6.01 -4.92 -16.02
C THR A 138 5.43 -5.66 -14.83
N PRO A 139 4.13 -5.61 -14.67
CA PRO A 139 3.43 -6.29 -13.55
C PRO A 139 3.71 -7.80 -13.54
N GLU A 140 3.85 -8.39 -14.70
CA GLU A 140 4.13 -9.84 -14.77
C GLU A 140 5.44 -10.12 -14.02
N THR A 141 6.39 -9.24 -14.13
CA THR A 141 7.69 -9.44 -13.42
C THR A 141 7.44 -9.33 -11.91
N ALA A 142 6.51 -8.50 -11.52
CA ALA A 142 6.20 -8.35 -10.06
C ALA A 142 5.43 -9.57 -9.57
N GLU A 143 4.51 -10.06 -10.36
CA GLU A 143 3.71 -11.24 -9.93
C GLU A 143 4.63 -12.42 -9.64
N LYS A 144 5.72 -12.54 -10.35
CA LYS A 144 6.65 -13.68 -10.10
C LYS A 144 7.19 -13.60 -8.68
N LEU A 145 7.46 -12.42 -8.21
CA LEU A 145 8.00 -12.27 -6.82
C LEU A 145 6.97 -12.75 -5.80
N ALA A 146 5.71 -12.55 -6.07
CA ALA A 146 4.68 -13.00 -5.10
C ALA A 146 4.72 -14.53 -5.02
N ARG A 147 4.81 -15.19 -6.15
CA ARG A 147 4.84 -16.67 -6.15
C ARG A 147 6.29 -17.16 -5.97
N ASP A 148 7.22 -16.29 -5.68
CA ASP A 148 8.61 -16.76 -5.47
C ASP A 148 8.77 -17.22 -4.03
N LEU A 149 7.95 -16.72 -3.15
CA LEU A 149 8.02 -17.12 -1.72
C LEU A 149 6.67 -17.73 -1.29
N LYS A 150 5.89 -17.00 -0.56
CA LYS A 150 4.57 -17.54 -0.12
C LYS A 150 3.54 -16.40 -0.06
N ALA A 151 3.51 -15.55 -1.05
CA ALA A 151 2.53 -14.43 -1.05
C ALA A 151 1.11 -15.01 -1.25
N VAL A 152 0.14 -14.45 -0.57
CA VAL A 152 -1.25 -14.98 -0.71
C VAL A 152 -1.84 -14.51 -2.05
N LYS A 153 -2.04 -13.23 -2.23
CA LYS A 153 -2.63 -12.74 -3.51
C LYS A 153 -2.05 -11.38 -3.87
N TYR A 154 -2.15 -11.00 -5.12
CA TYR A 154 -1.61 -9.67 -5.56
C TYR A 154 -2.68 -8.96 -6.38
N VAL A 155 -2.70 -7.66 -6.36
CA VAL A 155 -3.73 -6.92 -7.15
C VAL A 155 -3.12 -5.65 -7.75
N GLU A 156 -3.67 -5.17 -8.84
CA GLU A 156 -3.15 -3.92 -9.47
C GLU A 156 -4.18 -2.81 -9.26
N CYS A 157 -3.75 -1.64 -8.86
CA CYS A 157 -4.71 -0.53 -8.61
C CYS A 157 -4.23 0.77 -9.27
N SER A 158 -5.15 1.51 -9.84
CA SER A 158 -4.77 2.80 -10.49
C SER A 158 -5.26 3.95 -9.62
N ALA A 159 -4.35 4.60 -8.93
CA ALA A 159 -4.74 5.75 -8.06
C ALA A 159 -5.12 6.94 -8.92
N LEU A 160 -4.48 7.11 -10.04
CA LEU A 160 -4.80 8.26 -10.93
C LEU A 160 -6.32 8.27 -11.16
N THR A 161 -6.92 7.12 -11.15
CA THR A 161 -8.39 7.03 -11.35
C THR A 161 -8.98 6.30 -10.16
N GLN A 162 -10.25 6.42 -9.97
CA GLN A 162 -10.92 5.74 -8.83
C GLN A 162 -10.90 4.22 -9.06
N LYS A 163 -10.13 3.77 -10.01
CA LYS A 163 -10.07 2.31 -10.28
C LYS A 163 -9.01 1.66 -9.40
N GLY A 164 -8.38 2.42 -8.55
CA GLY A 164 -7.33 1.84 -7.68
C GLY A 164 -7.94 1.45 -6.34
N LEU A 165 -8.65 2.34 -5.69
CA LEU A 165 -9.26 2.01 -4.38
C LEU A 165 -10.41 1.01 -4.58
N LYS A 166 -11.20 1.21 -5.60
CA LYS A 166 -12.35 0.30 -5.85
C LYS A 166 -11.86 -1.13 -6.09
N ASN A 167 -10.68 -1.28 -6.62
CA ASN A 167 -10.16 -2.66 -6.87
C ASN A 167 -9.78 -3.31 -5.53
N VAL A 168 -9.02 -2.63 -4.73
CA VAL A 168 -8.59 -3.19 -3.41
C VAL A 168 -9.71 -3.04 -2.38
N PHE A 169 -10.79 -2.38 -2.72
CA PHE A 169 -11.90 -2.21 -1.73
C PHE A 169 -12.64 -3.53 -1.56
N ASP A 170 -13.04 -4.15 -2.64
CA ASP A 170 -13.78 -5.44 -2.52
C ASP A 170 -12.90 -6.51 -1.86
N GLU A 171 -11.66 -6.58 -2.25
CA GLU A 171 -10.75 -7.60 -1.64
C GLU A 171 -10.53 -7.32 -0.16
N ALA A 172 -10.49 -6.06 0.21
CA ALA A 172 -10.26 -5.71 1.64
C ALA A 172 -11.41 -6.21 2.50
N ILE A 173 -12.61 -6.24 1.99
CA ILE A 173 -13.77 -6.71 2.80
C ILE A 173 -13.65 -8.22 3.07
N LEU A 174 -13.25 -8.98 2.08
CA LEU A 174 -13.14 -10.46 2.28
C LEU A 174 -12.17 -10.76 3.44
N ALA A 175 -11.08 -10.06 3.53
CA ALA A 175 -10.10 -10.33 4.62
C ALA A 175 -10.74 -10.03 5.98
N ALA A 176 -11.60 -9.04 6.04
CA ALA A 176 -12.23 -8.70 7.35
C ALA A 176 -12.99 -9.91 7.90
N LEU A 177 -13.75 -10.58 7.07
CA LEU A 177 -14.50 -11.77 7.56
C LEU A 177 -13.52 -12.86 7.99
N GLU A 178 -12.44 -13.01 7.27
CA GLU A 178 -11.44 -14.06 7.62
C GLU A 178 -10.56 -13.56 8.77
N MET A 1 -17.74 -2.27 19.41
CA MET A 1 -17.84 -3.74 19.60
C MET A 1 -16.60 -4.43 19.03
N GLN A 2 -16.47 -4.45 17.73
CA GLN A 2 -15.28 -5.10 17.10
C GLN A 2 -14.54 -4.07 16.26
N THR A 3 -13.25 -4.25 16.11
CA THR A 3 -12.46 -3.28 15.29
C THR A 3 -11.52 -4.05 14.37
N ILE A 4 -11.09 -3.43 13.30
CA ILE A 4 -10.15 -4.12 12.36
C ILE A 4 -8.84 -3.34 12.30
N LYS A 5 -7.74 -3.96 12.64
CA LYS A 5 -6.44 -3.25 12.59
C LYS A 5 -5.91 -3.24 11.16
N CYS A 6 -5.56 -2.08 10.65
CA CYS A 6 -5.03 -2.01 9.27
C CYS A 6 -3.77 -1.15 9.25
N VAL A 7 -2.64 -1.75 8.92
CA VAL A 7 -1.38 -0.96 8.89
C VAL A 7 -0.93 -0.80 7.43
N VAL A 8 -0.57 0.40 7.04
CA VAL A 8 -0.14 0.63 5.65
C VAL A 8 1.21 1.37 5.64
N VAL A 9 2.06 1.03 4.71
CA VAL A 9 3.39 1.70 4.64
C VAL A 9 3.83 1.77 3.18
N GLY A 10 4.51 2.82 2.79
CA GLY A 10 4.96 2.93 1.37
C GLY A 10 6.42 3.38 1.32
N ASP A 11 7.00 3.37 0.15
CA ASP A 11 8.43 3.80 0.03
C ASP A 11 8.51 5.32 0.17
N GLY A 12 9.44 5.80 0.95
CA GLY A 12 9.58 7.28 1.15
C GLY A 12 9.08 8.06 -0.07
N ALA A 13 9.85 8.08 -1.13
CA ALA A 13 9.41 8.85 -2.34
C ALA A 13 7.92 8.65 -2.60
N VAL A 14 7.41 7.47 -2.38
CA VAL A 14 5.95 7.27 -2.62
C VAL A 14 5.15 8.04 -1.58
N GLY A 15 4.28 8.91 -2.02
CA GLY A 15 3.47 9.71 -1.05
C GLY A 15 2.57 8.77 -0.25
N LYS A 16 3.12 8.04 0.67
CA LYS A 16 2.30 7.11 1.49
C LYS A 16 1.25 7.90 2.27
N THR A 17 1.58 9.10 2.68
CA THR A 17 0.60 9.91 3.45
C THR A 17 -0.52 10.37 2.52
N CYS A 18 -0.20 10.78 1.32
CA CYS A 18 -1.25 11.24 0.37
C CYS A 18 -2.24 10.11 0.09
N LEU A 19 -1.81 8.88 0.23
CA LEU A 19 -2.74 7.74 -0.02
C LEU A 19 -3.84 7.75 1.04
N LEU A 20 -3.50 8.02 2.26
CA LEU A 20 -4.53 8.03 3.34
C LEU A 20 -5.53 9.15 3.07
N ILE A 21 -5.06 10.30 2.67
CA ILE A 21 -6.00 11.42 2.40
C ILE A 21 -6.80 11.13 1.14
N SER A 22 -6.16 10.74 0.08
CA SER A 22 -6.89 10.44 -1.18
C SER A 22 -7.95 9.36 -0.90
N TYR A 23 -7.64 8.41 -0.06
CA TYR A 23 -8.62 7.33 0.26
C TYR A 23 -9.67 7.86 1.24
N THR A 24 -9.26 8.56 2.25
CA THR A 24 -10.24 9.09 3.24
C THR A 24 -11.17 10.11 2.58
N THR A 25 -10.61 11.05 1.86
CA THR A 25 -11.45 12.08 1.20
C THR A 25 -11.97 11.55 -0.14
N ASN A 26 -11.34 10.53 -0.67
CA ASN A 26 -11.80 9.98 -1.97
C ASN A 26 -11.72 11.06 -3.04
N LYS A 27 -10.73 11.91 -2.98
CA LYS A 27 -10.61 12.99 -3.99
C LYS A 27 -9.14 13.19 -4.36
N PHE A 28 -8.62 12.37 -5.25
CA PHE A 28 -7.20 12.52 -5.65
C PHE A 28 -6.95 13.96 -6.13
N PRO A 29 -7.84 14.49 -6.94
CA PRO A 29 -7.71 15.88 -7.46
C PRO A 29 -7.58 16.90 -6.32
N SER A 30 -7.92 16.51 -5.12
CA SER A 30 -7.79 17.46 -3.98
C SER A 30 -6.35 17.90 -3.84
N GLU A 31 -5.43 17.02 -4.15
CA GLU A 31 -3.97 17.36 -4.05
C GLU A 31 -3.72 18.26 -2.84
N TYR A 32 -4.55 18.18 -1.84
CA TYR A 32 -4.32 19.04 -0.63
C TYR A 32 -3.31 18.36 0.30
N VAL A 33 -3.78 17.63 1.27
CA VAL A 33 -2.86 16.93 2.22
C VAL A 33 -1.62 17.79 2.52
N PRO A 34 -1.82 18.98 3.01
CA PRO A 34 -0.70 19.92 3.35
C PRO A 34 0.08 19.45 4.59
N ALA A 35 -0.50 18.58 5.37
CA ALA A 35 0.20 18.08 6.58
C ALA A 35 -0.53 16.85 7.13
N VAL A 36 -0.13 16.37 8.27
CA VAL A 36 -0.80 15.18 8.86
C VAL A 36 -1.11 15.44 10.34
N PHE A 37 -2.24 15.01 10.80
CA PHE A 37 -2.60 15.24 12.24
C PHE A 37 -2.50 13.92 13.01
N ASP A 38 -3.58 13.18 13.08
CA ASP A 38 -3.54 11.89 13.82
C ASP A 38 -4.29 10.82 13.03
N ASN A 39 -4.47 9.65 13.61
CA ASN A 39 -5.19 8.57 12.89
C ASN A 39 -6.66 8.95 12.72
N TYR A 40 -7.28 8.49 11.65
CA TYR A 40 -8.72 8.82 11.41
C TYR A 40 -9.53 7.52 11.42
N ALA A 41 -10.75 7.57 11.88
CA ALA A 41 -11.59 6.34 11.88
C ALA A 41 -12.67 6.46 10.81
N VAL A 42 -12.92 5.41 10.08
CA VAL A 42 -13.95 5.46 9.00
C VAL A 42 -14.90 4.26 9.13
N THR A 43 -16.17 4.49 8.94
CA THR A 43 -17.14 3.37 9.04
C THR A 43 -17.37 2.77 7.66
N VAL A 44 -17.36 1.46 7.55
CA VAL A 44 -17.56 0.81 6.22
C VAL A 44 -18.78 -0.11 6.30
N MET A 45 -19.64 -0.05 5.30
CA MET A 45 -20.84 -0.94 5.31
C MET A 45 -20.54 -2.22 4.54
N ILE A 46 -20.83 -3.36 5.12
CA ILE A 46 -20.57 -4.64 4.41
C ILE A 46 -21.82 -5.53 4.52
N GLY A 47 -22.32 -6.01 3.41
CA GLY A 47 -23.53 -6.88 3.47
C GLY A 47 -24.55 -6.30 4.44
N GLY A 48 -24.42 -5.04 4.77
CA GLY A 48 -25.39 -4.41 5.71
C GLY A 48 -24.89 -4.55 7.16
N GLU A 49 -23.64 -4.89 7.32
CA GLU A 49 -23.09 -5.04 8.70
C GLU A 49 -21.92 -4.06 8.89
N PRO A 50 -22.22 -2.85 9.28
CA PRO A 50 -21.18 -1.79 9.48
C PRO A 50 -20.06 -2.22 10.43
N TYR A 51 -18.84 -2.12 9.99
CA TYR A 51 -17.68 -2.50 10.84
C TYR A 51 -16.75 -1.29 11.00
N THR A 52 -16.17 -1.13 12.17
CA THR A 52 -15.26 0.04 12.37
C THR A 52 -13.92 -0.25 11.68
N LEU A 53 -13.43 0.68 10.91
CA LEU A 53 -12.13 0.47 10.22
C LEU A 53 -11.19 1.64 10.50
N GLY A 54 -9.98 1.37 10.91
CA GLY A 54 -9.02 2.48 11.20
C GLY A 54 -7.70 2.21 10.49
N LEU A 55 -7.06 3.25 10.01
CA LEU A 55 -5.76 3.05 9.30
C LEU A 55 -4.62 3.56 10.19
N PHE A 56 -3.58 2.77 10.34
CA PHE A 56 -2.43 3.21 11.19
C PHE A 56 -1.17 3.31 10.33
N ASP A 57 -0.46 4.40 10.44
CA ASP A 57 0.79 4.57 9.64
C ASP A 57 1.89 5.14 10.53
N THR A 58 3.09 5.21 10.01
CA THR A 58 4.22 5.76 10.81
C THR A 58 4.04 7.28 10.97
N ALA A 59 4.30 7.80 12.15
CA ALA A 59 4.15 9.26 12.36
C ALA A 59 4.96 9.69 13.59
N GLY A 60 6.22 9.33 13.65
CA GLY A 60 7.05 9.72 14.82
C GLY A 60 6.51 9.04 16.08
N GLN A 61 6.26 9.80 17.11
CA GLN A 61 5.73 9.21 18.38
C GLN A 61 6.69 8.14 18.88
N GLU A 62 7.97 8.36 18.78
CA GLU A 62 8.94 7.35 19.26
C GLU A 62 9.09 7.47 20.79
N ASP A 63 9.14 8.67 21.29
CA ASP A 63 9.29 8.88 22.76
C ASP A 63 7.93 8.83 23.46
N TYR A 64 6.92 8.37 22.78
CA TYR A 64 5.57 8.30 23.43
C TYR A 64 5.47 7.01 24.24
N ASP A 65 6.54 6.27 24.34
CA ASP A 65 6.52 5.00 25.12
C ASP A 65 5.75 3.94 24.33
N ARG A 66 5.47 4.20 23.09
CA ARG A 66 4.74 3.21 22.25
C ARG A 66 5.51 1.89 22.23
N LEU A 67 6.81 1.97 22.28
CA LEU A 67 7.64 0.73 22.25
C LEU A 67 7.26 -0.17 23.42
N ARG A 68 7.79 -1.36 23.44
CA ARG A 68 7.47 -2.32 24.54
C ARG A 68 5.97 -2.61 24.50
N PRO A 69 5.56 -3.81 24.86
CA PRO A 69 4.12 -4.20 24.84
C PRO A 69 3.28 -3.34 25.78
N LEU A 70 3.69 -2.13 26.03
CA LEU A 70 2.89 -1.25 26.93
C LEU A 70 1.43 -1.24 26.46
N SER A 71 1.19 -0.76 25.26
CA SER A 71 -0.20 -0.72 24.74
C SER A 71 -0.56 -2.06 24.10
N TYR A 72 0.38 -2.98 24.04
CA TYR A 72 0.10 -4.30 23.44
C TYR A 72 -0.36 -4.12 21.99
N PRO A 73 0.46 -3.51 21.18
CA PRO A 73 0.13 -3.28 19.73
C PRO A 73 -0.06 -4.60 18.97
N GLN A 74 -0.92 -4.61 18.00
CA GLN A 74 -1.14 -5.86 17.22
C GLN A 74 -1.34 -5.52 15.74
N THR A 75 -1.16 -6.49 14.88
CA THR A 75 -1.34 -6.24 13.43
C THR A 75 -2.34 -7.25 12.85
N ASP A 76 -3.01 -6.89 11.79
CA ASP A 76 -3.99 -7.84 11.18
C ASP A 76 -3.87 -7.81 9.66
N VAL A 77 -3.72 -6.64 9.09
CA VAL A 77 -3.61 -6.55 7.61
C VAL A 77 -2.46 -5.59 7.23
N PHE A 78 -1.60 -6.00 6.34
CA PHE A 78 -0.48 -5.11 5.92
C PHE A 78 -0.74 -4.59 4.50
N LEU A 79 -0.70 -3.29 4.30
CA LEU A 79 -0.94 -2.74 2.94
C LEU A 79 0.30 -1.98 2.47
N VAL A 80 0.81 -2.31 1.31
CA VAL A 80 2.02 -1.62 0.78
C VAL A 80 1.78 -1.22 -0.68
N CYS A 81 2.19 -0.04 -1.05
CA CYS A 81 1.99 0.41 -2.47
C CYS A 81 3.32 0.90 -3.05
N PHE A 82 3.64 0.48 -4.25
CA PHE A 82 4.94 0.93 -4.85
C PHE A 82 4.71 1.25 -6.33
N SER A 83 5.56 2.03 -6.92
CA SER A 83 5.39 2.39 -8.36
C SER A 83 5.84 1.20 -9.23
N VAL A 84 5.12 0.89 -10.27
CA VAL A 84 5.51 -0.24 -11.14
C VAL A 84 6.44 0.24 -12.27
N VAL A 85 6.45 1.52 -12.54
CA VAL A 85 7.32 2.04 -13.63
C VAL A 85 8.72 2.31 -13.11
N SER A 86 8.93 2.23 -11.83
CA SER A 86 10.28 2.51 -11.27
C SER A 86 10.98 1.18 -10.91
N PRO A 87 11.97 0.77 -11.68
CA PRO A 87 12.71 -0.49 -11.40
C PRO A 87 13.23 -0.55 -9.96
N SER A 88 13.87 0.48 -9.50
CA SER A 88 14.38 0.47 -8.10
C SER A 88 13.22 0.27 -7.14
N SER A 89 12.10 0.89 -7.42
CA SER A 89 10.91 0.73 -6.54
C SER A 89 10.48 -0.74 -6.55
N PHE A 90 10.85 -1.47 -7.57
CA PHE A 90 10.48 -2.91 -7.64
C PHE A 90 11.33 -3.70 -6.65
N GLU A 91 12.62 -3.52 -6.68
CA GLU A 91 13.50 -4.26 -5.74
C GLU A 91 13.23 -3.80 -4.30
N ASN A 92 13.00 -2.52 -4.12
CA ASN A 92 12.73 -2.00 -2.75
C ASN A 92 11.53 -2.74 -2.17
N VAL A 93 10.59 -3.11 -3.00
CA VAL A 93 9.39 -3.83 -2.51
C VAL A 93 9.79 -5.14 -1.85
N LYS A 94 10.78 -5.81 -2.39
CA LYS A 94 11.22 -7.10 -1.78
C LYS A 94 12.38 -6.87 -0.81
N GLU A 95 12.95 -5.70 -0.80
CA GLU A 95 14.11 -5.45 0.11
C GLU A 95 13.64 -5.31 1.57
N LYS A 96 12.48 -4.76 1.80
CA LYS A 96 12.01 -4.58 3.21
C LYS A 96 10.78 -5.46 3.54
N TRP A 97 9.85 -5.54 2.63
CA TRP A 97 8.60 -6.32 2.92
C TRP A 97 8.78 -7.83 2.70
N VAL A 98 9.94 -8.31 2.32
CA VAL A 98 10.11 -9.79 2.12
C VAL A 98 10.98 -10.38 3.24
N PRO A 99 12.05 -9.72 3.61
CA PRO A 99 12.97 -10.19 4.67
C PRO A 99 12.62 -9.61 6.05
N GLU A 100 12.63 -8.31 6.16
CA GLU A 100 12.31 -7.66 7.47
C GLU A 100 10.86 -8.00 7.87
N ILE A 101 10.01 -8.21 6.89
CA ILE A 101 8.60 -8.53 7.21
C ILE A 101 8.54 -9.73 8.15
N THR A 102 9.54 -10.58 8.12
CA THR A 102 9.54 -11.77 9.02
C THR A 102 9.48 -11.31 10.48
N HIS A 103 10.14 -10.24 10.81
CA HIS A 103 10.12 -9.75 12.22
C HIS A 103 8.67 -9.59 12.69
N HIS A 104 7.82 -9.08 11.85
CA HIS A 104 6.39 -8.91 12.26
C HIS A 104 5.84 -10.25 12.75
N CYS A 105 6.25 -11.32 12.13
CA CYS A 105 5.74 -12.67 12.55
C CYS A 105 6.15 -13.71 11.51
N PRO A 106 6.28 -14.94 11.90
CA PRO A 106 6.67 -16.05 10.98
C PRO A 106 5.66 -16.22 9.84
N LYS A 107 4.40 -15.96 10.11
CA LYS A 107 3.37 -16.12 9.05
C LYS A 107 2.36 -14.97 9.16
N THR A 108 1.97 -14.40 8.04
CA THR A 108 0.98 -13.28 8.08
C THR A 108 0.64 -12.85 6.65
N PRO A 109 -0.60 -12.56 6.36
CA PRO A 109 -1.02 -12.13 5.00
C PRO A 109 -0.50 -10.73 4.65
N PHE A 110 0.19 -10.60 3.54
CA PHE A 110 0.73 -9.27 3.13
C PHE A 110 0.07 -8.85 1.81
N LEU A 111 -0.29 -7.61 1.69
CA LEU A 111 -0.93 -7.14 0.42
C LEU A 111 -0.03 -6.13 -0.29
N LEU A 112 0.36 -6.43 -1.50
CA LEU A 112 1.21 -5.47 -2.27
C LEU A 112 0.38 -4.90 -3.40
N VAL A 113 0.27 -3.60 -3.51
CA VAL A 113 -0.56 -3.00 -4.59
C VAL A 113 0.29 -2.17 -5.55
N GLY A 114 0.03 -2.29 -6.82
CA GLY A 114 0.78 -1.49 -7.83
C GLY A 114 0.00 -0.21 -8.10
N THR A 115 0.60 0.93 -7.89
CA THR A 115 -0.12 2.22 -8.11
C THR A 115 0.51 3.00 -9.27
N GLN A 116 -0.18 4.01 -9.73
CA GLN A 116 0.33 4.84 -10.86
C GLN A 116 0.57 3.97 -12.09
N ILE A 117 -0.30 3.02 -12.35
CA ILE A 117 -0.11 2.16 -13.54
C ILE A 117 -0.44 2.95 -14.82
N ASP A 118 -0.95 4.14 -14.69
CA ASP A 118 -1.27 4.95 -15.89
C ASP A 118 -0.02 5.67 -16.38
N LEU A 119 1.07 5.53 -15.67
CA LEU A 119 2.33 6.17 -16.09
C LEU A 119 2.93 5.32 -17.20
N ARG A 120 2.61 4.05 -17.19
CA ARG A 120 3.11 3.14 -18.25
C ARG A 120 2.14 3.25 -19.41
N ASP A 121 2.44 4.11 -20.34
CA ASP A 121 1.56 4.29 -21.53
C ASP A 121 2.03 5.54 -22.27
N ASP A 122 2.20 6.63 -21.56
CA ASP A 122 2.65 7.89 -22.21
C ASP A 122 4.10 7.72 -22.68
N PRO A 123 4.44 8.26 -23.83
CA PRO A 123 5.83 8.15 -24.39
C PRO A 123 6.84 8.95 -23.56
N SER A 124 6.42 10.03 -22.97
CA SER A 124 7.37 10.86 -22.17
C SER A 124 8.06 9.99 -21.11
N THR A 125 7.39 9.01 -20.59
CA THR A 125 8.03 8.16 -19.54
C THR A 125 8.98 7.13 -20.17
N ILE A 126 8.52 6.38 -21.14
CA ILE A 126 9.41 5.34 -21.76
C ILE A 126 10.65 5.99 -22.37
N GLU A 127 10.54 7.21 -22.81
CA GLU A 127 11.73 7.88 -23.41
C GLU A 127 12.73 8.22 -22.31
N LYS A 128 12.29 8.85 -21.25
CA LYS A 128 13.22 9.21 -20.15
C LYS A 128 13.83 7.94 -19.55
N LEU A 129 13.09 6.87 -19.49
CA LEU A 129 13.66 5.60 -18.94
C LEU A 129 14.61 4.98 -19.96
N ALA A 130 14.25 5.06 -21.21
CA ALA A 130 15.10 4.48 -22.29
C ALA A 130 16.54 5.00 -22.12
N LYS A 131 16.70 6.23 -21.71
CA LYS A 131 18.07 6.77 -21.52
C LYS A 131 18.82 5.92 -20.49
N ASN A 132 18.11 5.44 -19.50
CA ASN A 132 18.77 4.60 -18.46
C ASN A 132 18.80 3.14 -18.92
N LYS A 133 18.42 2.88 -20.14
CA LYS A 133 18.44 1.47 -20.65
C LYS A 133 17.57 0.59 -19.75
N GLN A 134 16.48 1.09 -19.25
CA GLN A 134 15.60 0.27 -18.38
C GLN A 134 14.15 0.51 -18.78
N LYS A 135 13.38 -0.54 -18.87
CA LYS A 135 11.95 -0.41 -19.24
C LYS A 135 11.08 -0.89 -18.07
N PRO A 136 9.85 -0.45 -18.02
CA PRO A 136 8.90 -0.83 -16.95
C PRO A 136 8.79 -2.35 -16.79
N ILE A 137 8.41 -2.82 -15.63
CA ILE A 137 8.30 -4.29 -15.43
C ILE A 137 6.84 -4.73 -15.59
N THR A 138 6.62 -5.87 -16.17
CA THR A 138 5.22 -6.35 -16.38
C THR A 138 4.70 -6.99 -15.09
N PRO A 139 3.41 -7.06 -14.94
CA PRO A 139 2.77 -7.66 -13.74
C PRO A 139 3.15 -9.12 -13.56
N GLU A 140 3.55 -9.76 -14.62
CA GLU A 140 3.94 -11.19 -14.52
C GLU A 140 5.14 -11.33 -13.59
N THR A 141 6.07 -10.41 -13.65
CA THR A 141 7.26 -10.50 -12.75
C THR A 141 6.81 -10.39 -11.29
N ALA A 142 5.81 -9.59 -11.04
CA ALA A 142 5.33 -9.44 -9.63
C ALA A 142 4.51 -10.67 -9.23
N GLU A 143 3.72 -11.19 -10.12
CA GLU A 143 2.88 -12.38 -9.78
C GLU A 143 3.75 -13.57 -9.35
N LYS A 144 4.91 -13.73 -9.92
CA LYS A 144 5.77 -14.88 -9.52
C LYS A 144 6.14 -14.75 -8.04
N LEU A 145 6.34 -13.54 -7.59
CA LEU A 145 6.71 -13.34 -6.16
C LEU A 145 5.61 -13.88 -5.25
N ALA A 146 4.37 -13.75 -5.64
CA ALA A 146 3.25 -14.25 -4.77
C ALA A 146 3.07 -15.75 -4.95
N ARG A 147 2.94 -16.21 -6.16
CA ARG A 147 2.74 -17.66 -6.41
C ARG A 147 3.97 -18.45 -5.98
N ASP A 148 4.99 -17.79 -5.52
CA ASP A 148 6.22 -18.53 -5.07
C ASP A 148 6.35 -18.45 -3.54
N LEU A 149 5.77 -17.45 -2.94
CA LEU A 149 5.90 -17.32 -1.45
C LEU A 149 4.67 -17.88 -0.73
N LYS A 150 3.84 -18.66 -1.37
CA LYS A 150 2.65 -19.24 -0.66
C LYS A 150 1.77 -18.14 -0.07
N ALA A 151 1.64 -17.02 -0.73
CA ALA A 151 0.79 -15.93 -0.16
C ALA A 151 1.06 -14.64 -0.92
N VAL A 152 0.70 -13.54 -0.33
CA VAL A 152 0.89 -12.24 -0.99
C VAL A 152 0.15 -12.22 -2.33
N LYS A 153 -0.57 -11.17 -2.55
CA LYS A 153 -1.34 -11.00 -3.83
C LYS A 153 -1.01 -9.63 -4.40
N TYR A 154 -1.03 -9.47 -5.70
CA TYR A 154 -0.70 -8.15 -6.30
C TYR A 154 -1.88 -7.65 -7.15
N VAL A 155 -2.11 -6.37 -7.14
CA VAL A 155 -3.23 -5.81 -7.95
C VAL A 155 -2.78 -4.51 -8.62
N GLU A 156 -3.28 -4.23 -9.79
CA GLU A 156 -2.90 -2.97 -10.48
C GLU A 156 -3.98 -1.92 -10.21
N CYS A 157 -3.64 -0.81 -9.61
CA CYS A 157 -4.67 0.22 -9.30
C CYS A 157 -4.22 1.60 -9.76
N SER A 158 -5.13 2.38 -10.29
CA SER A 158 -4.77 3.75 -10.74
C SER A 158 -5.46 4.77 -9.81
N ALA A 159 -4.71 5.35 -8.92
CA ALA A 159 -5.30 6.34 -7.97
C ALA A 159 -5.66 7.62 -8.72
N LEU A 160 -4.96 7.91 -9.79
CA LEU A 160 -5.26 9.15 -10.56
C LEU A 160 -6.68 9.03 -11.10
N THR A 161 -7.15 7.83 -11.28
CA THR A 161 -8.52 7.61 -11.79
C THR A 161 -9.27 6.74 -10.79
N GLN A 162 -10.56 6.76 -10.85
CA GLN A 162 -11.39 5.95 -9.91
C GLN A 162 -11.14 4.45 -10.17
N LYS A 163 -10.14 4.13 -10.94
CA LYS A 163 -9.88 2.69 -11.23
C LYS A 163 -8.84 2.14 -10.26
N GLY A 164 -8.44 2.92 -9.29
CA GLY A 164 -7.42 2.43 -8.31
C GLY A 164 -8.11 2.03 -7.01
N LEU A 165 -8.92 2.89 -6.45
CA LEU A 165 -9.60 2.56 -5.16
C LEU A 165 -10.53 1.35 -5.35
N LYS A 166 -11.26 1.32 -6.44
CA LYS A 166 -12.19 0.19 -6.68
C LYS A 166 -11.43 -1.14 -6.69
N ASN A 167 -10.19 -1.12 -7.11
CA ASN A 167 -9.40 -2.39 -7.13
C ASN A 167 -8.77 -2.62 -5.75
N VAL A 168 -8.12 -1.62 -5.22
CA VAL A 168 -7.47 -1.78 -3.89
C VAL A 168 -8.53 -2.07 -2.82
N PHE A 169 -9.70 -1.49 -2.94
CA PHE A 169 -10.76 -1.73 -1.92
C PHE A 169 -11.24 -3.17 -2.00
N ASP A 170 -11.56 -3.65 -3.17
CA ASP A 170 -12.07 -5.05 -3.30
C ASP A 170 -11.03 -6.05 -2.78
N GLU A 171 -9.78 -5.87 -3.12
CA GLU A 171 -8.74 -6.83 -2.64
C GLU A 171 -8.54 -6.70 -1.13
N ALA A 172 -8.45 -5.49 -0.64
CA ALA A 172 -8.23 -5.30 0.83
C ALA A 172 -9.28 -6.06 1.63
N ILE A 173 -10.50 -6.12 1.15
CA ILE A 173 -11.55 -6.85 1.91
C ILE A 173 -11.28 -8.35 1.90
N LEU A 174 -10.77 -8.88 0.83
CA LEU A 174 -10.51 -10.35 0.77
C LEU A 174 -9.65 -10.78 1.96
N ALA A 175 -8.55 -10.13 2.19
CA ALA A 175 -7.67 -10.52 3.33
C ALA A 175 -8.42 -10.35 4.65
N ALA A 176 -9.31 -9.41 4.73
CA ALA A 176 -10.06 -9.21 6.00
C ALA A 176 -10.71 -10.52 6.45
N LEU A 177 -11.23 -11.29 5.53
CA LEU A 177 -11.86 -12.58 5.91
C LEU A 177 -10.81 -13.51 6.54
N GLU A 178 -9.61 -13.46 6.05
CA GLU A 178 -8.55 -14.34 6.62
C GLU A 178 -7.24 -13.56 6.74
#